data_5WS4
#
_entry.id   5WS4
#
_cell.length_a   229.652
_cell.length_b   229.652
_cell.length_c   154.584
_cell.angle_alpha   90.00
_cell.angle_beta   90.00
_cell.angle_gamma   90.00
#
_symmetry.space_group_name_H-M   'P 41 21 2'
#
loop_
_entity.id
_entity.type
_entity.pdbx_description
1 polymer 'Macrolide export ATP-binding/permease protein MacB'
2 non-polymer "5'-O-[(R)-HYDROXY(THIOPHOSPHONOOXY)PHOSPHORYL]ADENOSINE"
#
_entity_poly.entity_id   1
_entity_poly.type   'polypeptide(L)'
_entity_poly.pdbx_seq_one_letter_code
;MHHHHHHMTKQALLEVSNLVREFPAGESTIQILKGIDLTIYEGELVAIVGQSGSGKSTLMNILGCLDRPTSGSYKVNGQE
TGKLEPDQLAQLRREYFGFIFQRYHLLGDLSAEGNVEVPAVYAGVTPADRKQRATALLTELGLGTKTQNRPSQLSGGQQQ
RVSIARALMNGGDVILADEPTGALDSHSGVEVMRILRELNAAGHTIILVTHDMQVAKNATRIIEISDGEIISDRPNVPDQ
SLEEVKSDPDAAPALQNKQKKGKSISAWRSTLDRLSEAFQMALLSMNAHRMRTFLTMLGIIIGIASVVTVVALGNGSQQQ
ILSNISSLGTNTITVFQGRGFGDNSKTANFKTLVPADADALMTQPYVSAVSPMVSTSKTMRYQQNEANATINGVSNDYFD
VKGLVFKDGQTFDQRSVRDRSQDVVIDTNTQKQFFSDGTNPIGQVVLLGSVPARIIGIVEPQTSGMGSDDTLNVYMPYTT
VMSRMLGQAHVRNIVVRINDKYSTSAAENAIVNLLTQRHGAQDIFTMNSDSIRQTIEKTTSTMTLLVSAIAVISLVVGGI
GVMNIMLVSVTERTQEIGVRMAVGARQSDILQQFLIEAILVCLIGGVLGVLLSLGLGQLINKFAGGNFAVAYSTTSIVAA
FVCSTLIGVVFGFLPAKNAAKLDPVAALSRE
;
_entity_poly.pdbx_strand_id   A,B
#
# COMPACT_ATOMS: atom_id res chain seq x y z
N LYS A 10 57.13 24.12 13.26
CA LYS A 10 55.79 24.06 13.83
C LYS A 10 54.74 24.23 12.74
N GLN A 11 53.57 23.64 12.95
CA GLN A 11 52.50 23.71 11.97
C GLN A 11 51.59 24.89 12.28
N ALA A 12 51.17 25.60 11.22
CA ALA A 12 50.10 26.57 11.38
C ALA A 12 48.77 25.83 11.36
N LEU A 13 47.78 26.40 12.07
CA LEU A 13 46.52 25.70 12.21
C LEU A 13 45.88 25.40 10.85
N LEU A 14 45.73 26.41 10.00
CA LEU A 14 45.16 26.22 8.69
C LEU A 14 46.21 26.58 7.64
N GLU A 15 46.65 25.59 6.86
CA GLU A 15 47.72 25.78 5.89
C GLU A 15 47.25 25.35 4.49
N VAL A 16 46.94 26.33 3.65
CA VAL A 16 46.53 26.12 2.27
C VAL A 16 47.71 26.40 1.36
N SER A 17 47.95 25.52 0.38
CA SER A 17 49.08 25.66 -0.53
C SER A 17 48.66 25.27 -1.94
N ASN A 18 48.75 26.23 -2.86
CA ASN A 18 48.44 26.05 -4.29
C ASN A 18 47.10 25.34 -4.47
N LEU A 19 46.09 25.83 -3.74
CA LEU A 19 44.76 25.24 -3.79
C LEU A 19 44.09 25.57 -5.12
N VAL A 20 43.75 24.53 -5.88
CA VAL A 20 43.04 24.67 -7.15
C VAL A 20 41.80 23.82 -7.08
N ARG A 21 40.62 24.45 -7.25
CA ARG A 21 39.35 23.74 -7.29
C ARG A 21 38.75 23.94 -8.67
N GLU A 22 38.67 22.85 -9.43
CA GLU A 22 38.12 22.81 -10.78
C GLU A 22 36.77 22.09 -10.78
N PHE A 23 35.89 22.52 -11.68
CA PHE A 23 34.63 21.84 -11.93
C PHE A 23 34.49 21.59 -13.43
N PRO A 24 33.90 20.46 -13.82
CA PRO A 24 33.71 20.20 -15.26
C PRO A 24 32.66 21.12 -15.85
N ALA A 25 32.94 21.62 -17.07
CA ALA A 25 31.99 22.50 -17.76
C ALA A 25 32.23 22.39 -19.28
N GLY A 26 31.44 21.53 -19.93
CA GLY A 26 31.44 21.43 -21.38
C GLY A 26 32.63 20.70 -21.97
N GLU A 27 32.75 19.40 -21.68
CA GLU A 27 33.85 18.57 -22.15
C GLU A 27 35.20 19.26 -21.92
N SER A 28 35.27 19.98 -20.81
CA SER A 28 36.42 20.78 -20.39
C SER A 28 36.14 21.17 -18.94
N THR A 29 37.02 21.97 -18.36
CA THR A 29 36.86 22.37 -16.97
C THR A 29 36.93 23.89 -16.84
N ILE A 30 36.51 24.35 -15.66
CA ILE A 30 36.60 25.74 -15.25
C ILE A 30 37.23 25.75 -13.87
N GLN A 31 38.20 26.63 -13.66
CA GLN A 31 38.81 26.76 -12.35
C GLN A 31 38.02 27.76 -11.51
N ILE A 32 37.56 27.31 -10.35
CA ILE A 32 36.88 28.16 -9.40
C ILE A 32 37.83 28.65 -8.32
N LEU A 33 38.74 27.80 -7.85
CA LEU A 33 39.88 28.26 -7.07
C LEU A 33 41.16 28.09 -7.90
N LYS A 34 41.90 29.19 -8.06
CA LYS A 34 43.09 29.24 -8.90
C LYS A 34 44.37 29.40 -8.07
N GLY A 35 44.94 28.28 -7.65
CA GLY A 35 46.23 28.25 -6.99
C GLY A 35 46.35 29.11 -5.76
N ILE A 36 45.44 28.92 -4.80
CA ILE A 36 45.40 29.76 -3.61
C ILE A 36 46.42 29.25 -2.60
N ASP A 37 47.29 30.14 -2.14
CA ASP A 37 48.16 29.92 -1.01
C ASP A 37 47.61 30.77 0.14
N LEU A 38 47.56 30.20 1.33
CA LEU A 38 46.97 30.95 2.43
C LEU A 38 47.28 30.32 3.78
N THR A 39 47.92 31.05 4.68
CA THR A 39 48.25 30.56 6.01
C THR A 39 47.44 31.33 7.05
N ILE A 40 46.70 30.60 7.88
CA ILE A 40 45.91 31.19 8.94
C ILE A 40 46.36 30.54 10.24
N TYR A 41 46.76 31.38 11.19
CA TYR A 41 47.26 30.90 12.47
C TYR A 41 46.13 30.90 13.49
N GLU A 42 46.30 30.04 14.50
CA GLU A 42 45.35 29.94 15.59
C GLU A 42 45.10 31.31 16.21
N GLY A 43 43.82 31.65 16.35
CA GLY A 43 43.42 32.88 16.98
C GLY A 43 43.19 34.08 16.08
N GLU A 44 43.39 33.95 14.77
CA GLU A 44 43.15 35.07 13.87
C GLU A 44 41.66 35.27 13.64
N LEU A 45 41.27 36.52 13.37
CA LEU A 45 39.91 36.86 12.97
C LEU A 45 39.95 37.27 11.50
N VAL A 46 39.66 36.30 10.63
CA VAL A 46 39.83 36.44 9.20
C VAL A 46 38.47 36.62 8.54
N ALA A 47 38.34 37.63 7.68
CA ALA A 47 37.21 37.78 6.80
C ALA A 47 37.67 37.51 5.37
N ILE A 48 36.91 36.71 4.64
CA ILE A 48 37.16 36.46 3.23
C ILE A 48 35.98 37.05 2.47
N VAL A 49 36.26 38.05 1.63
CA VAL A 49 35.20 38.86 1.03
C VAL A 49 35.37 38.87 -0.48
N GLY A 50 34.25 38.75 -1.18
CA GLY A 50 34.21 38.77 -2.63
C GLY A 50 32.75 38.69 -3.02
N GLN A 51 32.48 38.92 -4.31
CA GLN A 51 31.11 38.91 -4.76
C GLN A 51 30.73 37.52 -5.24
N SER A 52 29.49 37.38 -5.69
CA SER A 52 29.06 36.10 -6.25
C SER A 52 29.92 35.79 -7.46
N GLY A 53 30.47 34.57 -7.49
CA GLY A 53 31.40 34.16 -8.51
C GLY A 53 32.85 34.20 -8.08
N SER A 54 33.15 34.82 -6.93
CA SER A 54 34.54 35.03 -6.52
C SER A 54 35.24 33.71 -6.18
N GLY A 55 34.54 32.75 -5.60
CA GLY A 55 35.16 31.53 -5.10
C GLY A 55 35.29 31.45 -3.59
N LYS A 56 34.85 32.48 -2.87
CA LYS A 56 34.97 32.50 -1.41
C LYS A 56 34.25 31.32 -0.76
N SER A 57 33.09 30.96 -1.32
CA SER A 57 32.31 29.82 -0.85
C SER A 57 33.09 28.53 -0.98
N THR A 58 33.46 28.18 -2.21
CA THR A 58 34.26 26.99 -2.45
C THR A 58 35.42 26.93 -1.48
N LEU A 59 36.15 28.04 -1.35
CA LEU A 59 37.27 28.10 -0.43
C LEU A 59 36.84 27.73 0.99
N MET A 60 35.72 28.29 1.48
CA MET A 60 35.33 27.96 2.85
C MET A 60 34.86 26.51 2.97
N ASN A 61 34.16 26.00 1.95
CA ASN A 61 33.74 24.60 1.96
C ASN A 61 34.95 23.70 2.11
N ILE A 62 36.02 23.99 1.37
CA ILE A 62 37.24 23.21 1.50
C ILE A 62 37.86 23.41 2.88
N LEU A 63 37.86 24.65 3.37
CA LEU A 63 38.40 24.94 4.70
C LEU A 63 37.64 24.19 5.79
N GLY A 64 36.33 24.01 5.61
CA GLY A 64 35.51 23.30 6.58
C GLY A 64 35.50 21.80 6.43
N CYS A 65 36.34 21.25 5.57
CA CYS A 65 36.41 19.81 5.34
C CYS A 65 35.08 19.27 4.84
N LEU A 66 34.38 20.08 4.06
CA LEU A 66 33.17 19.67 3.36
C LEU A 66 33.43 19.40 1.89
N ASP A 67 34.64 19.66 1.42
CA ASP A 67 35.01 19.45 0.01
C ASP A 67 36.51 19.20 -0.06
N ARG A 68 36.94 18.66 -1.20
CA ARG A 68 38.33 18.32 -1.41
C ARG A 68 38.92 19.13 -2.57
N PRO A 69 40.21 19.47 -2.48
CA PRO A 69 40.81 20.38 -3.48
C PRO A 69 40.69 20.03 -4.95
N THR A 70 41.00 18.79 -5.33
CA THR A 70 41.23 18.28 -6.69
C THR A 70 42.59 18.74 -7.21
N SER A 71 43.27 19.67 -6.53
CA SER A 71 44.65 20.06 -6.80
C SER A 71 45.20 20.96 -5.70
N GLY A 72 46.27 20.55 -5.02
CA GLY A 72 46.92 21.39 -4.02
C GLY A 72 47.06 20.70 -2.68
N SER A 73 47.08 21.52 -1.62
CA SER A 73 47.26 21.04 -0.26
C SER A 73 46.41 21.87 0.69
N TYR A 74 45.72 21.20 1.59
CA TYR A 74 45.03 21.86 2.71
C TYR A 74 45.32 21.03 3.94
N LYS A 75 46.13 21.57 4.85
CA LYS A 75 46.52 20.87 6.07
C LYS A 75 45.88 21.55 7.26
N VAL A 76 45.06 20.79 7.99
CA VAL A 76 44.43 21.23 9.22
C VAL A 76 45.27 20.69 10.37
N ASN A 77 46.03 21.59 11.01
CA ASN A 77 46.95 21.21 12.07
C ASN A 77 47.87 20.08 11.62
N GLY A 78 48.36 20.19 10.38
CA GLY A 78 49.26 19.22 9.81
C GLY A 78 48.62 18.10 9.03
N GLN A 79 47.30 17.92 9.12
CA GLN A 79 46.63 16.81 8.47
C GLN A 79 46.20 17.20 7.07
N GLU A 80 46.80 16.57 6.06
CA GLU A 80 46.38 16.78 4.69
C GLU A 80 45.00 16.18 4.47
N THR A 81 44.06 17.00 3.97
CA THR A 81 42.70 16.57 3.73
C THR A 81 42.45 16.12 2.29
N GLY A 82 43.38 16.39 1.38
CA GLY A 82 43.14 16.13 -0.03
C GLY A 82 42.67 14.73 -0.33
N LYS A 83 43.20 13.74 0.37
CA LYS A 83 42.89 12.34 0.09
C LYS A 83 42.04 11.67 1.17
N LEU A 84 41.47 12.44 2.09
CA LEU A 84 40.69 11.84 3.16
C LEU A 84 39.31 11.42 2.66
N GLU A 85 38.79 10.37 3.26
CA GLU A 85 37.51 9.72 3.07
C GLU A 85 36.47 10.29 4.02
N PRO A 86 35.18 10.25 3.62
CA PRO A 86 34.11 10.93 4.37
C PRO A 86 34.17 10.90 5.90
N ASP A 87 34.35 9.74 6.52
CA ASP A 87 34.37 9.71 7.98
C ASP A 87 35.62 10.36 8.57
N GLN A 88 36.69 10.47 7.78
CA GLN A 88 37.89 11.15 8.25
C GLN A 88 37.70 12.66 8.22
N LEU A 89 37.11 13.16 7.14
CA LEU A 89 36.75 14.57 7.10
C LEU A 89 35.73 14.91 8.17
N ALA A 90 34.79 14.00 8.44
CA ALA A 90 33.86 14.18 9.54
C ALA A 90 34.60 14.23 10.87
N GLN A 91 35.63 13.38 11.04
CA GLN A 91 36.48 13.47 12.22
C GLN A 91 37.08 14.86 12.36
N LEU A 92 37.61 15.42 11.26
CA LEU A 92 38.19 16.75 11.33
C LEU A 92 37.12 17.80 11.67
N ARG A 93 35.91 17.65 11.14
CA ARG A 93 34.85 18.60 11.44
C ARG A 93 34.46 18.55 12.91
N ARG A 94 34.36 17.34 13.47
CA ARG A 94 34.07 17.20 14.90
C ARG A 94 35.20 17.78 15.73
N GLU A 95 36.44 17.61 15.27
CA GLU A 95 37.60 17.99 16.05
C GLU A 95 37.84 19.50 16.06
N TYR A 96 37.81 20.13 14.89
CA TYR A 96 38.31 21.49 14.75
C TYR A 96 37.31 22.54 14.27
N PHE A 97 36.13 22.17 13.81
CA PHE A 97 35.31 23.17 13.15
C PHE A 97 33.90 23.23 13.70
N GLY A 98 33.37 24.45 13.69
CA GLY A 98 31.96 24.68 13.94
C GLY A 98 31.46 25.60 12.84
N PHE A 99 30.18 25.49 12.53
CA PHE A 99 29.63 26.14 11.36
C PHE A 99 28.47 27.05 11.72
N ILE A 100 28.43 28.21 11.06
CA ILE A 100 27.34 29.17 11.17
C ILE A 100 26.94 29.52 9.74
N PHE A 101 25.64 29.51 9.46
CA PHE A 101 25.15 29.68 8.11
C PHE A 101 24.32 30.96 8.01
N GLN A 102 24.27 31.52 6.80
CA GLN A 102 23.51 32.75 6.59
C GLN A 102 22.07 32.60 7.05
N ARG A 103 21.45 31.47 6.72
CA ARG A 103 20.06 31.20 7.02
C ARG A 103 19.87 30.54 8.38
N TYR A 104 20.93 30.43 9.18
CA TYR A 104 20.89 29.88 10.55
C TYR A 104 20.15 28.54 10.57
N HIS A 105 20.82 27.55 9.99
CA HIS A 105 20.24 26.22 9.80
C HIS A 105 20.09 25.44 11.09
N LEU A 106 18.96 25.62 11.77
CA LEU A 106 18.57 24.81 12.93
C LEU A 106 17.60 23.70 12.50
N LEU A 107 17.52 22.68 13.35
CA LEU A 107 16.62 21.55 13.11
C LEU A 107 15.28 21.86 13.77
N GLY A 108 14.25 22.10 12.95
CA GLY A 108 12.95 22.55 13.42
C GLY A 108 12.29 21.65 14.44
N ASP A 109 12.62 20.36 14.46
CA ASP A 109 11.97 19.42 15.37
C ASP A 109 12.51 19.46 16.79
N LEU A 110 13.75 19.93 16.97
CA LEU A 110 14.42 19.93 18.26
C LEU A 110 14.26 21.27 18.96
N SER A 111 14.61 21.29 20.24
CA SER A 111 14.71 22.54 20.97
C SER A 111 16.07 23.17 20.70
N ALA A 112 16.26 24.39 21.19
CA ALA A 112 17.58 25.02 21.14
C ALA A 112 18.62 24.11 21.78
N GLU A 113 18.32 23.63 22.99
CA GLU A 113 19.20 22.70 23.68
C GLU A 113 19.53 21.49 22.83
N GLY A 114 18.53 20.89 22.17
CA GLY A 114 18.79 19.73 21.34
C GLY A 114 19.72 20.02 20.18
N ASN A 115 19.44 21.09 19.44
CA ASN A 115 20.32 21.48 18.34
C ASN A 115 21.73 21.70 18.83
N VAL A 116 21.88 22.30 20.00
CA VAL A 116 23.22 22.49 20.58
C VAL A 116 23.86 21.15 20.88
N GLU A 117 23.06 20.17 21.32
CA GLU A 117 23.62 18.87 21.71
C GLU A 117 24.11 18.07 20.50
N VAL A 118 23.42 18.16 19.36
CA VAL A 118 23.64 17.27 18.20
C VAL A 118 25.13 17.00 17.90
N PRO A 119 25.99 18.03 17.76
CA PRO A 119 27.40 17.72 17.51
C PRO A 119 28.03 16.88 18.60
N ALA A 120 27.65 17.08 19.86
CA ALA A 120 28.19 16.25 20.93
C ALA A 120 27.66 14.83 20.82
N VAL A 121 26.42 14.66 20.34
CA VAL A 121 25.90 13.32 20.08
C VAL A 121 26.80 12.59 19.09
N TYR A 122 27.15 13.26 17.99
CA TYR A 122 28.03 12.61 17.03
C TYR A 122 29.44 12.40 17.56
N ALA A 123 29.96 13.32 18.37
CA ALA A 123 31.30 13.20 18.91
C ALA A 123 31.42 12.21 20.07
N GLY A 124 30.31 11.63 20.53
CA GLY A 124 30.35 10.69 21.62
C GLY A 124 30.71 11.36 22.95
N VAL A 125 29.87 12.28 23.40
CA VAL A 125 30.07 13.03 24.63
C VAL A 125 28.98 12.61 25.60
N THR A 126 29.37 12.38 26.86
CA THR A 126 28.46 11.98 27.93
C THR A 126 27.16 12.79 27.93
N PRO A 127 26.01 12.11 27.78
CA PRO A 127 24.74 12.83 27.68
C PRO A 127 24.46 13.80 28.82
N ALA A 128 24.78 13.44 30.07
CA ALA A 128 24.58 14.38 31.16
C ALA A 128 25.49 15.58 31.02
N ASP A 129 26.76 15.34 30.69
CA ASP A 129 27.73 16.42 30.56
C ASP A 129 27.39 17.31 29.37
N ARG A 130 26.88 16.72 28.28
CA ARG A 130 26.51 17.52 27.12
C ARG A 130 25.22 18.30 27.37
N LYS A 131 24.32 17.76 28.20
CA LYS A 131 23.17 18.55 28.64
C LYS A 131 23.64 19.78 29.40
N GLN A 132 24.55 19.58 30.36
CA GLN A 132 25.13 20.69 31.09
C GLN A 132 25.77 21.71 30.14
N ARG A 133 26.60 21.23 29.22
CA ARG A 133 27.31 22.12 28.30
C ARG A 133 26.34 22.87 27.41
N ALA A 134 25.29 22.20 26.93
CA ALA A 134 24.33 22.84 26.03
C ALA A 134 23.57 23.96 26.74
N THR A 135 23.03 23.68 27.92
CA THR A 135 22.29 24.73 28.61
C THR A 135 23.23 25.82 29.10
N ALA A 136 24.47 25.47 29.41
CA ALA A 136 25.45 26.47 29.83
C ALA A 136 25.77 27.42 28.68
N LEU A 137 26.03 26.88 27.48
CA LEU A 137 26.33 27.74 26.34
C LEU A 137 25.13 28.58 25.94
N LEU A 138 23.91 28.01 26.00
CA LEU A 138 22.74 28.81 25.68
C LEU A 138 22.52 29.92 26.70
N THR A 139 22.79 29.65 27.97
CA THR A 139 22.68 30.70 28.98
C THR A 139 23.74 31.77 28.77
N GLU A 140 24.97 31.37 28.44
CA GLU A 140 26.05 32.33 28.23
C GLU A 140 25.72 33.29 27.10
N LEU A 141 25.02 32.82 26.07
CA LEU A 141 24.67 33.65 24.93
C LEU A 141 23.31 34.32 25.08
N GLY A 142 22.76 34.37 26.30
CA GLY A 142 21.54 35.11 26.54
C GLY A 142 20.26 34.39 26.19
N LEU A 143 20.31 33.07 26.02
CA LEU A 143 19.12 32.27 25.74
C LEU A 143 18.81 31.30 26.88
N GLY A 144 19.14 31.70 28.11
CA GLY A 144 18.88 30.86 29.26
C GLY A 144 17.41 30.60 29.50
N THR A 145 16.55 31.56 29.15
CA THR A 145 15.12 31.41 29.30
C THR A 145 14.45 30.78 28.08
N LYS A 146 15.15 30.69 26.95
CA LYS A 146 14.62 30.12 25.73
C LYS A 146 15.13 28.71 25.47
N THR A 147 15.78 28.08 26.45
CA THR A 147 16.41 26.77 26.30
C THR A 147 15.53 25.75 25.58
N GLN A 148 14.25 25.71 25.91
CA GLN A 148 13.34 24.70 25.38
C GLN A 148 12.60 25.14 24.13
N ASN A 149 12.87 26.35 23.62
CA ASN A 149 12.15 26.82 22.45
C ASN A 149 12.60 26.06 21.20
N ARG A 150 11.65 25.80 20.31
CA ARG A 150 11.95 25.25 19.00
C ARG A 150 12.36 26.38 18.06
N PRO A 151 13.10 26.06 16.98
CA PRO A 151 13.50 27.12 16.05
C PRO A 151 12.35 27.98 15.59
N SER A 152 11.18 27.38 15.38
CA SER A 152 9.98 28.13 15.02
C SER A 152 9.52 29.08 16.11
N GLN A 153 10.05 28.95 17.32
CA GLN A 153 9.70 29.82 18.44
C GLN A 153 10.79 30.85 18.74
N LEU A 154 11.71 31.07 17.82
CA LEU A 154 12.83 31.98 18.02
C LEU A 154 12.98 32.93 16.83
N SER A 155 13.45 34.14 17.13
CA SER A 155 13.74 35.12 16.08
C SER A 155 15.09 34.80 15.42
N GLY A 156 15.31 35.42 14.26
CA GLY A 156 16.51 35.17 13.49
C GLY A 156 17.78 35.31 14.30
N GLY A 157 17.91 36.42 15.04
CA GLY A 157 19.08 36.59 15.89
C GLY A 157 19.18 35.52 16.96
N GLN A 158 18.03 35.14 17.54
CA GLN A 158 18.04 34.11 18.56
C GLN A 158 18.48 32.78 18.00
N GLN A 159 18.02 32.45 16.79
CA GLN A 159 18.45 31.21 16.14
C GLN A 159 19.93 31.23 15.84
N GLN A 160 20.45 32.36 15.34
CA GLN A 160 21.86 32.43 15.02
C GLN A 160 22.71 32.31 16.28
N ARG A 161 22.22 32.86 17.40
CA ARG A 161 22.89 32.68 18.68
C ARG A 161 22.86 31.22 19.11
N VAL A 162 21.74 30.53 18.83
CA VAL A 162 21.66 29.09 19.09
C VAL A 162 22.75 28.35 18.32
N SER A 163 22.88 28.64 17.02
CA SER A 163 23.87 27.94 16.21
C SER A 163 25.30 28.35 16.56
N ILE A 164 25.49 29.52 17.16
CA ILE A 164 26.80 29.84 17.73
C ILE A 164 27.10 28.91 18.90
N ALA A 165 26.14 28.76 19.82
CA ALA A 165 26.32 27.81 20.92
C ALA A 165 26.57 26.40 20.39
N ARG A 166 25.87 26.02 19.31
CA ARG A 166 26.09 24.74 18.68
C ARG A 166 27.52 24.60 18.15
N ALA A 167 28.00 25.63 17.44
CA ALA A 167 29.36 25.60 16.92
C ALA A 167 30.39 25.49 18.04
N LEU A 168 30.11 26.07 19.21
CA LEU A 168 31.04 26.01 20.33
C LEU A 168 31.03 24.65 21.04
N MET A 169 30.04 23.80 20.79
CA MET A 169 29.86 22.58 21.57
C MET A 169 31.10 21.69 21.56
N ASN A 170 31.64 21.39 20.38
CA ASN A 170 32.79 20.51 20.26
C ASN A 170 34.11 21.24 20.30
N GLY A 171 34.14 22.45 20.87
CA GLY A 171 35.39 23.16 21.04
C GLY A 171 35.40 24.54 20.42
N GLY A 172 34.84 24.67 19.23
CA GLY A 172 34.83 25.98 18.61
C GLY A 172 36.18 26.42 18.09
N ASP A 173 37.09 25.47 17.85
CA ASP A 173 38.45 25.79 17.40
C ASP A 173 38.43 26.79 16.24
N VAL A 174 37.78 26.42 15.15
CA VAL A 174 37.63 27.29 13.99
C VAL A 174 36.14 27.41 13.71
N ILE A 175 35.59 28.60 13.95
CA ILE A 175 34.20 28.90 13.66
C ILE A 175 34.17 29.49 12.25
N LEU A 176 33.59 28.74 11.32
CA LEU A 176 33.40 29.19 9.95
C LEU A 176 31.99 29.74 9.83
N ALA A 177 31.90 31.03 9.52
CA ALA A 177 30.63 31.74 9.47
C ALA A 177 30.39 32.24 8.05
N ASP A 178 29.31 31.77 7.43
CA ASP A 178 28.96 32.13 6.06
C ASP A 178 27.89 33.20 6.09
N GLU A 179 28.29 34.46 5.89
CA GLU A 179 27.43 35.62 5.84
C GLU A 179 26.41 35.60 6.99
N PRO A 180 26.84 35.48 8.25
CA PRO A 180 25.87 35.32 9.34
C PRO A 180 24.86 36.45 9.42
N THR A 181 25.30 37.67 9.14
CA THR A 181 24.48 38.88 9.24
C THR A 181 23.83 39.25 7.92
N GLY A 182 23.50 38.26 7.10
CA GLY A 182 22.85 38.48 5.84
C GLY A 182 21.34 38.35 5.92
N ALA A 183 20.86 37.41 6.73
CA ALA A 183 19.43 37.20 6.85
C ALA A 183 18.77 38.12 7.88
N LEU A 184 19.44 38.35 9.01
CA LEU A 184 18.88 39.08 10.13
C LEU A 184 19.21 40.58 10.07
N ASP A 185 18.46 41.35 10.87
CA ASP A 185 18.44 42.81 10.80
C ASP A 185 19.70 43.43 11.40
N SER A 186 19.71 44.76 11.46
CA SER A 186 20.91 45.49 11.86
C SER A 186 21.29 45.23 13.31
N HIS A 187 20.35 45.44 14.24
CA HIS A 187 20.65 45.27 15.66
C HIS A 187 21.17 43.87 15.95
N SER A 188 20.44 42.84 15.53
CA SER A 188 20.86 41.48 15.82
C SER A 188 22.12 41.08 15.06
N GLY A 189 22.39 41.72 13.92
CA GLY A 189 23.67 41.53 13.27
C GLY A 189 24.82 42.06 14.11
N VAL A 190 24.64 43.27 14.65
CA VAL A 190 25.62 43.82 15.57
C VAL A 190 25.85 42.86 16.74
N GLU A 191 24.76 42.29 17.27
CA GLU A 191 24.91 41.39 18.40
C GLU A 191 25.69 40.12 18.04
N VAL A 192 25.36 39.52 16.88
CA VAL A 192 26.08 38.33 16.43
C VAL A 192 27.56 38.63 16.24
N MET A 193 27.86 39.77 15.59
CA MET A 193 29.25 40.12 15.34
C MET A 193 30.00 40.42 16.64
N ARG A 194 29.32 41.04 17.60
CA ARG A 194 29.92 41.25 18.93
C ARG A 194 30.31 39.91 19.54
N ILE A 195 29.39 38.94 19.51
CA ILE A 195 29.68 37.63 20.09
C ILE A 195 30.89 37.00 19.40
N LEU A 196 30.93 37.05 18.07
CA LEU A 196 32.05 36.46 17.33
C LEU A 196 33.36 37.13 17.72
N ARG A 197 33.39 38.46 17.78
CA ARG A 197 34.64 39.12 18.15
C ARG A 197 35.06 38.74 19.56
N GLU A 198 34.10 38.63 20.48
CA GLU A 198 34.44 38.24 21.85
C GLU A 198 35.02 36.82 21.89
N LEU A 199 34.49 35.92 21.06
CA LEU A 199 35.06 34.58 20.97
C LEU A 199 36.48 34.62 20.42
N ASN A 200 36.73 35.48 19.43
CA ASN A 200 38.08 35.64 18.91
C ASN A 200 39.02 36.15 20.00
N ALA A 201 38.57 37.13 20.80
CA ALA A 201 39.37 37.61 21.91
C ALA A 201 39.71 36.48 22.88
N ALA A 202 38.78 35.56 23.10
CA ALA A 202 38.99 34.41 23.97
C ALA A 202 39.92 33.36 23.34
N GLY A 203 40.33 33.53 22.09
CA GLY A 203 41.23 32.59 21.45
C GLY A 203 40.63 31.80 20.31
N HIS A 204 39.35 31.97 20.01
CA HIS A 204 38.72 31.20 18.95
C HIS A 204 39.16 31.71 17.59
N THR A 205 39.58 30.80 16.73
CA THR A 205 39.87 31.15 15.35
C THR A 205 38.55 31.26 14.60
N ILE A 206 38.32 32.39 13.94
CA ILE A 206 37.05 32.64 13.28
C ILE A 206 37.32 33.08 11.85
N ILE A 207 36.72 32.38 10.89
CA ILE A 207 36.81 32.74 9.48
C ILE A 207 35.42 33.16 9.02
N LEU A 208 35.30 34.40 8.61
CA LEU A 208 34.05 35.01 8.18
C LEU A 208 34.08 35.17 6.66
N VAL A 209 33.04 34.70 5.99
CA VAL A 209 32.93 34.81 4.54
C VAL A 209 31.73 35.68 4.21
N THR A 210 31.97 36.72 3.41
CA THR A 210 30.93 37.70 3.12
C THR A 210 31.17 38.30 1.74
N HIS A 211 30.26 39.19 1.36
CA HIS A 211 30.34 39.98 0.14
C HIS A 211 30.20 41.45 0.46
N ASP A 212 29.96 41.78 1.74
CA ASP A 212 29.77 43.14 2.23
C ASP A 212 31.04 43.54 2.97
N MET A 213 31.83 44.45 2.37
CA MET A 213 33.06 44.88 3.02
C MET A 213 32.80 45.43 4.41
N GLN A 214 31.61 45.99 4.65
CA GLN A 214 31.31 46.51 5.98
C GLN A 214 31.17 45.41 7.00
N VAL A 215 30.93 44.17 6.55
CA VAL A 215 31.00 43.04 7.46
C VAL A 215 32.44 42.62 7.68
N ALA A 216 33.21 42.55 6.58
CA ALA A 216 34.62 42.17 6.66
C ALA A 216 35.38 43.06 7.63
N LYS A 217 35.05 44.37 7.65
CA LYS A 217 35.70 45.31 8.54
C LYS A 217 35.54 44.96 10.02
N ASN A 218 34.65 44.02 10.37
CA ASN A 218 34.60 43.54 11.74
C ASN A 218 35.77 42.64 12.08
N ALA A 219 36.49 42.15 11.08
CA ALA A 219 37.62 41.25 11.31
C ALA A 219 38.90 42.04 11.55
N THR A 220 39.93 41.32 11.96
CA THR A 220 41.26 41.89 12.11
C THR A 220 42.13 41.67 10.89
N ARG A 221 41.76 40.70 10.04
CA ARG A 221 42.46 40.43 8.79
C ARG A 221 41.43 40.30 7.68
N ILE A 222 41.61 41.03 6.58
CA ILE A 222 40.65 41.01 5.47
C ILE A 222 41.35 40.50 4.22
N ILE A 223 40.93 39.32 3.77
CA ILE A 223 41.39 38.70 2.54
C ILE A 223 40.29 38.89 1.51
N GLU A 224 40.64 39.53 0.40
CA GLU A 224 39.70 39.81 -0.68
C GLU A 224 39.99 38.87 -1.85
N ILE A 225 38.95 38.23 -2.36
CA ILE A 225 39.08 37.22 -3.39
C ILE A 225 38.23 37.62 -4.59
N SER A 226 38.75 37.35 -5.79
CA SER A 226 38.08 37.73 -7.01
C SER A 226 38.52 36.77 -8.11
N ASP A 227 37.52 36.26 -8.86
CA ASP A 227 37.76 35.35 -9.98
C ASP A 227 38.74 34.25 -9.61
N GLY A 228 38.56 33.67 -8.43
CA GLY A 228 39.33 32.53 -8.00
C GLY A 228 40.69 32.81 -7.41
N GLU A 229 41.11 34.07 -7.34
CA GLU A 229 42.43 34.40 -6.82
C GLU A 229 42.31 35.40 -5.69
N ILE A 230 43.26 35.36 -4.77
CA ILE A 230 43.33 36.36 -3.70
C ILE A 230 44.04 37.60 -4.22
N ILE A 231 43.43 38.76 -4.03
CA ILE A 231 43.94 40.02 -4.54
C ILE A 231 44.30 41.00 -3.44
N SER A 232 43.85 40.75 -2.20
CA SER A 232 44.17 41.60 -1.07
C SER A 232 44.31 40.74 0.18
N ASP A 233 45.26 41.10 1.03
CA ASP A 233 45.45 40.41 2.30
C ASP A 233 46.10 41.44 3.23
N ARG A 234 45.28 42.08 4.05
CA ARG A 234 45.70 43.21 4.87
C ARG A 234 45.12 43.10 6.28
N PRO A 235 45.88 43.54 7.28
CA PRO A 235 45.33 43.65 8.63
C PRO A 235 44.34 44.80 8.72
N ASN A 236 43.51 44.75 9.76
CA ASN A 236 42.46 45.75 9.93
C ASN A 236 42.13 45.87 11.41
N VAL A 237 41.80 47.08 11.83
CA VAL A 237 41.34 47.35 13.18
C VAL A 237 39.93 47.92 13.11
N PRO A 238 38.93 47.25 13.67
CA PRO A 238 37.57 47.80 13.64
C PRO A 238 37.45 49.12 14.39
N ASP A 239 36.58 49.98 13.88
CA ASP A 239 36.30 51.27 14.52
C ASP A 239 35.45 51.13 15.78
N GLN A 240 34.59 50.11 15.85
CA GLN A 240 33.63 49.97 16.93
C GLN A 240 34.20 49.26 18.16
N SER A 241 35.50 48.99 18.20
CA SER A 241 36.09 48.38 19.39
C SER A 241 36.11 49.33 20.58
N LEU A 242 36.00 50.65 20.35
CA LEU A 242 35.92 51.59 21.46
C LEU A 242 34.53 51.59 22.09
N GLU A 243 33.48 51.42 21.28
CA GLU A 243 32.13 51.35 21.81
C GLU A 243 31.89 50.05 22.56
N GLU A 244 32.23 48.92 21.92
CA GLU A 244 32.00 47.61 22.52
C GLU A 244 33.23 47.24 23.35
N VAL A 245 33.22 47.67 24.61
CA VAL A 245 34.25 47.29 25.56
C VAL A 245 33.77 46.02 26.25
N LYS A 246 34.68 45.07 26.46
CA LYS A 246 34.30 43.74 26.92
C LYS A 246 33.87 43.78 28.38
N SER A 247 32.70 44.38 28.63
CA SER A 247 32.09 44.45 29.95
C SER A 247 31.35 43.17 30.32
N ASP A 248 31.34 42.17 29.45
CA ASP A 248 30.74 40.86 29.74
C ASP A 248 31.77 39.87 29.22
N PRO A 249 32.75 39.50 30.07
CA PRO A 249 33.92 38.75 29.59
C PRO A 249 33.65 37.31 29.16
N ASP A 250 33.12 37.16 27.95
CA ASP A 250 32.86 35.87 27.31
C ASP A 250 34.18 35.22 26.91
N ALA A 251 34.64 34.23 27.70
CA ALA A 251 35.87 33.47 27.40
C ALA A 251 35.57 31.98 27.55
N ALA A 252 35.02 31.34 26.52
CA ALA A 252 34.63 29.93 26.59
C ALA A 252 35.23 29.04 25.50
N PRO A 253 36.57 28.95 25.40
CA PRO A 253 37.16 27.98 24.47
C PRO A 253 37.14 26.56 25.04
N ALA A 254 37.14 25.60 24.11
CA ALA A 254 37.19 24.14 24.36
C ALA A 254 37.17 23.69 25.83
N ALA A 267 34.88 -0.13 19.58
CA ALA A 267 34.39 -1.19 18.72
C ALA A 267 32.94 -1.53 19.05
N TRP A 268 32.54 -1.27 20.29
CA TRP A 268 31.20 -1.57 20.76
C TRP A 268 30.60 -0.52 21.69
N ARG A 269 31.31 0.57 21.99
CA ARG A 269 30.93 1.45 23.11
C ARG A 269 29.96 2.58 22.73
N SER A 270 30.39 3.52 21.88
CA SER A 270 29.56 4.68 21.61
C SER A 270 28.61 4.48 20.43
N THR A 271 28.79 3.40 19.66
CA THR A 271 27.81 3.05 18.64
C THR A 271 26.44 2.86 19.27
N LEU A 272 26.41 2.26 20.46
CA LEU A 272 25.15 2.07 21.18
C LEU A 272 24.53 3.42 21.55
N ASP A 273 25.37 4.40 21.93
CA ASP A 273 24.85 5.70 22.31
C ASP A 273 24.23 6.41 21.11
N ARG A 274 24.90 6.34 19.96
CA ARG A 274 24.31 6.94 18.78
C ARG A 274 23.10 6.17 18.27
N LEU A 275 23.03 4.85 18.51
CA LEU A 275 21.80 4.12 18.17
C LEU A 275 20.64 4.54 19.05
N SER A 276 20.88 4.71 20.36
CA SER A 276 19.84 5.24 21.24
C SER A 276 19.36 6.60 20.75
N GLU A 277 20.30 7.49 20.43
CA GLU A 277 19.91 8.80 19.92
C GLU A 277 19.20 8.69 18.58
N ALA A 278 19.60 7.76 17.72
CA ALA A 278 18.93 7.60 16.42
C ALA A 278 17.48 7.17 16.61
N PHE A 279 17.24 6.22 17.51
CA PHE A 279 15.88 5.84 17.86
C PHE A 279 15.09 7.05 18.35
N GLN A 280 15.68 7.82 19.28
CA GLN A 280 15.00 8.99 19.82
C GLN A 280 14.67 10.00 18.72
N MET A 281 15.61 10.23 17.80
CA MET A 281 15.44 11.22 16.73
C MET A 281 14.33 10.79 15.77
N ALA A 282 14.35 9.53 15.35
CA ALA A 282 13.28 9.02 14.49
C ALA A 282 11.94 9.14 15.20
N LEU A 283 11.91 8.84 16.49
CA LEU A 283 10.67 8.94 17.26
C LEU A 283 10.15 10.39 17.25
N LEU A 284 11.04 11.36 17.46
CA LEU A 284 10.63 12.76 17.39
C LEU A 284 10.13 13.13 15.99
N SER A 285 10.75 12.57 14.95
CA SER A 285 10.25 12.86 13.61
C SER A 285 8.86 12.29 13.42
N MET A 286 8.54 11.18 14.10
CA MET A 286 7.17 10.69 14.10
C MET A 286 6.23 11.64 14.85
N ASN A 287 6.67 12.15 16.00
CA ASN A 287 5.83 13.08 16.76
C ASN A 287 5.59 14.38 15.98
N ALA A 288 6.57 14.80 15.17
CA ALA A 288 6.41 16.03 14.39
C ALA A 288 5.34 15.86 13.31
N HIS A 289 5.34 14.72 12.62
CA HIS A 289 4.43 14.47 11.51
C HIS A 289 3.52 13.32 11.92
N ARG A 290 2.48 13.64 12.67
CA ARG A 290 1.60 12.61 13.22
C ARG A 290 0.65 12.06 12.16
N MET A 291 0.14 12.92 11.29
CA MET A 291 -0.73 12.46 10.20
C MET A 291 0.02 11.53 9.27
N ARG A 292 1.20 11.94 8.81
CA ARG A 292 2.03 11.10 7.94
C ARG A 292 2.34 9.77 8.58
N THR A 293 2.81 9.79 9.83
CA THR A 293 3.10 8.56 10.55
C THR A 293 1.88 7.66 10.62
N PHE A 294 0.74 8.23 10.99
CA PHE A 294 -0.49 7.44 11.10
C PHE A 294 -0.84 6.78 9.77
N LEU A 295 -0.77 7.53 8.67
CA LEU A 295 -1.16 6.95 7.38
C LEU A 295 -0.23 5.82 6.97
N THR A 296 1.08 6.04 7.09
CA THR A 296 2.03 4.98 6.71
C THR A 296 1.83 3.73 7.56
N MET A 297 1.72 3.92 8.88
CA MET A 297 1.44 2.78 9.75
C MET A 297 0.12 2.14 9.36
N LEU A 298 -0.89 2.95 9.03
CA LEU A 298 -2.19 2.43 8.62
C LEU A 298 -2.05 1.45 7.48
N GLY A 299 -1.31 1.83 6.43
CA GLY A 299 -1.07 0.88 5.35
C GLY A 299 -0.49 -0.42 5.85
N ILE A 300 0.50 -0.34 6.76
CA ILE A 300 1.09 -1.58 7.26
C ILE A 300 0.10 -2.34 8.14
N ILE A 301 -0.73 -1.63 8.91
CA ILE A 301 -1.71 -2.24 9.80
C ILE A 301 -2.74 -3.03 9.01
N ILE A 302 -3.28 -2.43 7.95
CA ILE A 302 -4.24 -3.12 7.10
C ILE A 302 -3.60 -4.33 6.46
N GLY A 303 -2.36 -4.20 5.97
CA GLY A 303 -1.71 -5.35 5.35
C GLY A 303 -1.52 -6.51 6.32
N ILE A 304 -0.86 -6.24 7.45
CA ILE A 304 -0.59 -7.28 8.45
C ILE A 304 -1.88 -7.88 8.97
N ALA A 305 -2.91 -7.04 9.18
CA ALA A 305 -4.18 -7.53 9.68
C ALA A 305 -4.86 -8.45 8.68
N SER A 306 -4.80 -8.11 7.39
CA SER A 306 -5.42 -8.98 6.40
C SER A 306 -4.67 -10.31 6.28
N VAL A 307 -3.34 -10.29 6.40
CA VAL A 307 -2.60 -11.55 6.30
C VAL A 307 -2.86 -12.43 7.51
N VAL A 308 -2.71 -11.88 8.72
CA VAL A 308 -2.93 -12.68 9.94
C VAL A 308 -4.38 -13.15 10.00
N THR A 309 -5.32 -12.30 9.59
CA THR A 309 -6.72 -12.71 9.56
C THR A 309 -6.97 -13.86 8.61
N VAL A 310 -6.53 -13.73 7.35
CA VAL A 310 -6.76 -14.83 6.40
C VAL A 310 -6.10 -16.11 6.88
N VAL A 311 -4.87 -16.05 7.37
CA VAL A 311 -4.18 -17.25 7.85
C VAL A 311 -4.95 -17.89 9.01
N ALA A 312 -5.37 -17.09 9.98
CA ALA A 312 -6.08 -17.63 11.12
C ALA A 312 -7.46 -18.16 10.74
N LEU A 313 -8.09 -17.53 9.75
CA LEU A 313 -9.38 -18.01 9.26
C LEU A 313 -9.24 -19.36 8.59
N GLY A 314 -8.27 -19.51 7.69
CA GLY A 314 -8.03 -20.79 7.06
C GLY A 314 -7.68 -21.88 8.04
N ASN A 315 -6.82 -21.58 9.02
CA ASN A 315 -6.42 -22.57 10.00
C ASN A 315 -7.60 -22.98 10.88
N GLY A 316 -8.30 -21.99 11.46
CA GLY A 316 -9.42 -22.30 12.33
C GLY A 316 -10.55 -23.01 11.60
N SER A 317 -10.84 -22.58 10.37
CA SER A 317 -11.85 -23.25 9.57
C SER A 317 -11.46 -24.69 9.27
N GLN A 318 -10.18 -24.92 8.92
CA GLN A 318 -9.71 -26.28 8.73
C GLN A 318 -9.93 -27.13 9.98
N GLN A 319 -9.54 -26.61 11.15
CA GLN A 319 -9.71 -27.38 12.38
C GLN A 319 -11.19 -27.66 12.64
N GLN A 320 -12.05 -26.69 12.35
CA GLN A 320 -13.48 -26.86 12.57
C GLN A 320 -14.04 -27.95 11.66
N ILE A 321 -13.72 -27.87 10.36
CA ILE A 321 -14.20 -28.88 9.41
C ILE A 321 -13.65 -30.26 9.78
N LEU A 322 -12.43 -30.32 10.32
CA LEU A 322 -11.86 -31.61 10.72
C LEU A 322 -12.57 -32.18 11.94
N SER A 323 -12.89 -31.34 12.92
CA SER A 323 -13.67 -31.83 14.06
C SER A 323 -15.03 -32.37 13.61
N ASN A 324 -15.67 -31.70 12.64
CA ASN A 324 -16.91 -32.20 12.06
C ASN A 324 -16.73 -33.56 11.37
N ILE A 325 -15.50 -33.99 11.11
CA ILE A 325 -15.20 -35.30 10.56
C ILE A 325 -14.86 -36.25 11.70
N SER A 326 -14.32 -35.69 12.80
CA SER A 326 -13.86 -36.44 13.97
C SER A 326 -14.89 -37.38 14.58
N SER A 327 -16.16 -37.31 14.14
CA SER A 327 -17.09 -38.34 14.57
C SER A 327 -16.69 -39.69 14.01
N LEU A 328 -15.80 -39.70 13.02
CA LEU A 328 -15.13 -40.89 12.52
C LEU A 328 -13.82 -41.06 13.28
N GLY A 329 -13.22 -42.25 13.15
CA GLY A 329 -12.00 -42.58 13.84
C GLY A 329 -10.78 -42.50 12.94
N THR A 330 -9.68 -43.04 13.45
CA THR A 330 -8.43 -43.15 12.71
C THR A 330 -8.34 -44.58 12.19
N ASN A 331 -8.00 -44.73 10.91
CA ASN A 331 -8.03 -46.03 10.23
C ASN A 331 -9.44 -46.60 10.20
N THR A 332 -10.45 -45.73 10.13
CA THR A 332 -11.84 -46.14 10.14
C THR A 332 -12.41 -46.20 8.73
N ILE A 333 -13.01 -47.35 8.42
CA ILE A 333 -13.73 -47.57 7.17
C ILE A 333 -15.21 -47.65 7.54
N THR A 334 -15.99 -46.67 7.11
CA THR A 334 -17.43 -46.71 7.37
C THR A 334 -18.15 -47.30 6.16
N VAL A 335 -18.99 -48.30 6.42
CA VAL A 335 -19.77 -48.97 5.40
C VAL A 335 -21.20 -48.45 5.49
N PHE A 336 -21.56 -47.55 4.57
CA PHE A 336 -22.92 -47.07 4.41
C PHE A 336 -23.63 -47.87 3.33
N GLN A 337 -24.97 -47.83 3.36
CA GLN A 337 -25.74 -48.22 2.19
C GLN A 337 -27.01 -47.39 2.00
N GLY A 338 -27.28 -46.41 2.86
CA GLY A 338 -28.60 -45.79 2.89
C GLY A 338 -28.99 -45.10 1.60
N ARG A 339 -30.30 -44.91 1.47
CA ARG A 339 -30.96 -44.28 0.33
C ARG A 339 -32.46 -44.12 0.57
N GLY A 340 -33.21 -43.92 -0.52
CA GLY A 340 -34.65 -43.75 -0.48
C GLY A 340 -35.42 -44.71 0.42
N PHE A 341 -36.57 -44.25 0.89
CA PHE A 341 -37.37 -44.89 1.93
C PHE A 341 -38.52 -45.67 1.30
N GLY A 342 -39.47 -46.14 2.13
CA GLY A 342 -40.61 -46.85 1.62
C GLY A 342 -41.04 -48.02 2.50
N ASP A 343 -41.75 -48.95 1.84
CA ASP A 343 -42.44 -50.07 2.46
C ASP A 343 -41.49 -51.12 3.03
N ASN A 344 -42.05 -52.01 3.86
CA ASN A 344 -41.29 -53.12 4.41
C ASN A 344 -40.92 -54.14 3.33
N SER A 345 -41.81 -54.39 2.38
CA SER A 345 -41.51 -55.37 1.34
C SER A 345 -40.69 -54.78 0.19
N LYS A 346 -40.86 -53.50 -0.12
CA LYS A 346 -40.17 -52.90 -1.26
C LYS A 346 -38.92 -52.08 -0.90
N THR A 347 -38.76 -51.66 0.36
CA THR A 347 -37.52 -51.02 0.78
C THR A 347 -36.72 -51.83 1.80
N ALA A 348 -37.36 -52.27 2.90
CA ALA A 348 -36.66 -53.01 3.94
C ALA A 348 -36.03 -54.30 3.43
N ASN A 349 -36.66 -54.95 2.44
CA ASN A 349 -36.12 -56.21 1.92
C ASN A 349 -34.78 -56.02 1.22
N PHE A 350 -34.45 -54.79 0.83
CA PHE A 350 -33.23 -54.50 0.10
C PHE A 350 -32.15 -53.91 1.00
N LYS A 351 -32.44 -53.78 2.31
CA LYS A 351 -31.46 -53.31 3.28
C LYS A 351 -30.64 -54.49 3.78
N THR A 352 -29.64 -54.86 2.98
CA THR A 352 -28.87 -56.07 3.23
C THR A 352 -27.79 -55.91 4.29
N LEU A 353 -27.50 -54.70 4.76
CA LEU A 353 -26.45 -54.50 5.75
C LEU A 353 -27.01 -54.83 7.13
N VAL A 354 -26.56 -55.92 7.72
CA VAL A 354 -27.10 -56.44 8.97
C VAL A 354 -25.93 -56.72 9.91
N PRO A 355 -26.19 -56.81 11.22
CA PRO A 355 -25.06 -56.98 12.16
C PRO A 355 -24.30 -58.28 11.98
N ALA A 356 -24.91 -59.29 11.35
CA ALA A 356 -24.17 -60.50 11.01
C ALA A 356 -23.01 -60.17 10.08
N ASP A 357 -23.16 -59.14 9.26
CA ASP A 357 -22.07 -58.71 8.41
C ASP A 357 -20.92 -58.17 9.24
N ALA A 358 -21.23 -57.45 10.31
CA ALA A 358 -20.20 -56.98 11.22
C ALA A 358 -19.52 -58.16 11.91
N ASP A 359 -20.29 -59.16 12.29
CA ASP A 359 -19.70 -60.37 12.87
C ASP A 359 -18.72 -61.01 11.90
N ALA A 360 -19.08 -61.06 10.61
CA ALA A 360 -18.16 -61.60 9.61
C ALA A 360 -16.91 -60.75 9.46
N LEU A 361 -17.08 -59.42 9.42
CA LEU A 361 -15.93 -58.53 9.30
C LEU A 361 -14.98 -58.72 10.48
N MET A 362 -15.53 -58.96 11.67
CA MET A 362 -14.72 -59.09 12.88
C MET A 362 -13.64 -60.17 12.73
N THR A 363 -13.90 -61.19 11.93
CA THR A 363 -13.01 -62.35 11.80
C THR A 363 -11.93 -62.15 10.74
N GLN A 364 -11.86 -60.97 10.12
CA GLN A 364 -10.88 -60.76 9.06
C GLN A 364 -9.53 -60.37 9.63
N PRO A 365 -8.43 -60.76 8.99
CA PRO A 365 -7.10 -60.48 9.56
C PRO A 365 -6.75 -59.00 9.55
N TYR A 366 -7.45 -58.19 8.77
CA TYR A 366 -7.19 -56.76 8.68
C TYR A 366 -8.13 -55.94 9.57
N VAL A 367 -9.07 -56.58 10.25
CA VAL A 367 -10.02 -55.88 11.11
C VAL A 367 -9.55 -56.03 12.56
N SER A 368 -9.24 -54.91 13.19
CA SER A 368 -8.95 -54.94 14.61
C SER A 368 -10.17 -54.63 15.45
N ALA A 369 -11.13 -53.90 14.88
CA ALA A 369 -12.38 -53.67 15.62
C ALA A 369 -13.49 -53.36 14.64
N VAL A 370 -14.73 -53.62 15.06
CA VAL A 370 -15.88 -53.42 14.20
C VAL A 370 -17.09 -53.15 15.09
N SER A 371 -18.01 -52.31 14.58
CA SER A 371 -19.23 -52.02 15.29
C SER A 371 -20.36 -51.72 14.31
N PRO A 372 -21.52 -52.36 14.46
CA PRO A 372 -22.72 -51.85 13.82
C PRO A 372 -23.06 -50.48 14.39
N MET A 373 -23.89 -49.75 13.69
CA MET A 373 -24.32 -48.46 14.20
C MET A 373 -25.67 -48.08 13.63
N VAL A 374 -26.60 -47.81 14.54
CA VAL A 374 -27.91 -47.24 14.25
C VAL A 374 -28.05 -46.03 15.17
N SER A 375 -29.07 -45.22 14.91
CA SER A 375 -29.29 -44.07 15.79
C SER A 375 -30.74 -43.61 15.69
N THR A 376 -31.18 -42.96 16.77
CA THR A 376 -32.49 -42.33 16.82
C THR A 376 -32.37 -41.17 17.80
N SER A 377 -33.31 -40.24 17.75
CA SER A 377 -33.25 -39.08 18.62
C SER A 377 -34.49 -39.07 19.51
N LYS A 378 -34.29 -39.12 20.82
CA LYS A 378 -35.38 -39.16 21.78
C LYS A 378 -35.21 -38.05 22.81
N THR A 379 -36.26 -37.84 23.62
CA THR A 379 -36.19 -36.87 24.70
C THR A 379 -35.64 -37.56 25.94
N MET A 380 -34.47 -37.12 26.39
CA MET A 380 -33.79 -37.69 27.55
C MET A 380 -34.19 -36.95 28.82
N ARG A 381 -34.59 -37.71 29.83
CA ARG A 381 -35.07 -37.16 31.09
C ARG A 381 -34.23 -37.65 32.26
N TYR A 382 -34.13 -36.78 33.26
CA TYR A 382 -33.53 -37.11 34.54
C TYR A 382 -34.54 -36.54 35.53
N GLN A 383 -34.13 -36.40 36.79
CA GLN A 383 -35.04 -36.01 37.87
C GLN A 383 -36.07 -34.98 37.44
N GLN A 384 -35.63 -33.88 36.83
CA GLN A 384 -36.57 -32.96 36.19
C GLN A 384 -36.16 -32.49 34.81
N ASN A 385 -34.89 -32.58 34.43
CA ASN A 385 -34.42 -32.07 33.14
C ASN A 385 -34.97 -32.87 31.96
N GLU A 386 -35.20 -32.17 30.85
CA GLU A 386 -35.49 -32.78 29.57
C GLU A 386 -34.52 -32.20 28.55
N ALA A 387 -34.07 -33.04 27.62
CA ALA A 387 -33.27 -32.53 26.52
C ALA A 387 -33.24 -33.57 25.40
N ASN A 388 -33.31 -33.11 24.16
CA ASN A 388 -33.26 -34.04 23.04
C ASN A 388 -31.85 -34.56 22.87
N ALA A 389 -31.73 -35.87 22.65
CA ALA A 389 -30.43 -36.52 22.60
C ALA A 389 -30.43 -37.59 21.52
N THR A 390 -29.23 -37.82 20.98
CA THR A 390 -29.01 -38.82 19.93
C THR A 390 -28.56 -40.11 20.59
N ILE A 391 -29.39 -41.14 20.46
CA ILE A 391 -29.17 -42.45 21.04
C ILE A 391 -28.59 -43.33 19.94
N ASN A 392 -27.33 -43.71 20.13
CA ASN A 392 -26.59 -44.52 19.17
C ASN A 392 -26.63 -45.97 19.63
N GLY A 393 -27.11 -46.84 18.76
CA GLY A 393 -27.07 -48.27 19.01
C GLY A 393 -25.79 -48.78 18.42
N VAL A 394 -24.86 -49.22 19.30
CA VAL A 394 -23.51 -49.58 18.89
C VAL A 394 -23.08 -50.86 19.58
N SER A 395 -21.93 -51.38 19.14
CA SER A 395 -21.25 -52.52 19.73
C SER A 395 -20.44 -52.11 20.95
N ASN A 396 -20.20 -53.07 21.84
CA ASN A 396 -19.28 -52.85 22.95
C ASN A 396 -17.90 -52.43 22.47
N ASP A 397 -17.54 -52.76 21.24
CA ASP A 397 -16.26 -52.37 20.64
C ASP A 397 -16.28 -50.97 20.03
N TYR A 398 -17.46 -50.35 19.89
CA TYR A 398 -17.56 -49.06 19.21
C TYR A 398 -16.57 -48.05 19.75
N PHE A 399 -16.41 -48.01 21.07
CA PHE A 399 -15.50 -47.04 21.68
C PHE A 399 -14.06 -47.34 21.30
N ASP A 400 -13.74 -48.61 21.12
CA ASP A 400 -12.42 -49.00 20.64
C ASP A 400 -12.22 -48.56 19.19
N VAL A 401 -13.27 -48.65 18.36
CA VAL A 401 -13.15 -48.26 16.96
C VAL A 401 -12.94 -46.76 16.83
N LYS A 402 -13.83 -45.97 17.42
CA LYS A 402 -13.78 -44.52 17.30
C LYS A 402 -12.70 -43.88 18.16
N GLY A 403 -12.09 -44.64 19.07
CA GLY A 403 -11.06 -44.07 19.92
C GLY A 403 -11.59 -43.25 21.06
N LEU A 404 -12.83 -43.46 21.45
CA LEU A 404 -13.40 -42.75 22.58
C LEU A 404 -12.77 -43.24 23.88
N VAL A 405 -12.64 -42.32 24.83
CA VAL A 405 -12.00 -42.59 26.10
C VAL A 405 -13.05 -42.56 27.19
N PHE A 406 -13.06 -43.57 28.05
CA PHE A 406 -13.98 -43.56 29.17
C PHE A 406 -13.45 -42.68 30.29
N LYS A 407 -14.28 -41.71 30.70
CA LYS A 407 -13.93 -40.81 31.79
C LYS A 407 -14.00 -41.54 33.13
N ASP A 408 -15.15 -42.11 33.45
CA ASP A 408 -15.35 -42.72 34.76
C ASP A 408 -15.73 -44.19 34.71
N GLY A 409 -16.62 -44.58 33.82
CA GLY A 409 -17.20 -45.92 33.89
C GLY A 409 -16.60 -46.93 32.93
N GLN A 410 -17.46 -47.71 32.28
CA GLN A 410 -17.02 -48.79 31.41
C GLN A 410 -18.03 -49.00 30.30
N THR A 411 -17.66 -49.84 29.34
CA THR A 411 -18.48 -50.11 28.17
C THR A 411 -19.50 -51.21 28.47
N PHE A 412 -20.11 -51.73 27.42
CA PHE A 412 -21.06 -52.80 27.58
C PHE A 412 -20.30 -54.11 27.71
N ASP A 413 -20.99 -55.12 28.20
CA ASP A 413 -20.52 -56.48 28.07
C ASP A 413 -21.03 -57.02 26.74
N GLN A 414 -20.29 -57.95 26.14
CA GLN A 414 -20.81 -58.61 24.95
C GLN A 414 -22.09 -59.35 25.28
N ARG A 415 -22.16 -59.93 26.48
CA ARG A 415 -23.41 -60.52 26.96
C ARG A 415 -24.53 -59.48 27.00
N SER A 416 -24.23 -58.29 27.52
CA SER A 416 -25.26 -57.27 27.66
C SER A 416 -25.72 -56.77 26.30
N VAL A 417 -24.85 -56.81 25.29
CA VAL A 417 -25.28 -56.56 23.92
C VAL A 417 -26.20 -57.68 23.46
N ARG A 418 -25.78 -58.93 23.68
CA ARG A 418 -26.61 -60.08 23.34
C ARG A 418 -27.96 -60.02 24.04
N ASP A 419 -27.96 -59.76 25.35
CA ASP A 419 -29.17 -59.83 26.16
C ASP A 419 -30.06 -58.61 26.03
N ARG A 420 -29.76 -57.70 25.11
CA ARG A 420 -30.55 -56.48 24.92
C ARG A 420 -30.60 -55.67 26.20
N SER A 421 -29.43 -55.46 26.79
CA SER A 421 -29.32 -54.70 28.02
C SER A 421 -29.80 -53.27 27.84
N GLN A 422 -30.35 -52.71 28.91
CA GLN A 422 -30.69 -51.30 28.97
C GLN A 422 -29.64 -50.50 29.72
N ASP A 423 -28.41 -51.00 29.74
CA ASP A 423 -27.28 -50.20 30.18
C ASP A 423 -27.04 -49.09 29.16
N VAL A 424 -26.47 -47.99 29.61
CA VAL A 424 -26.25 -46.84 28.73
C VAL A 424 -24.94 -46.15 29.08
N VAL A 425 -24.22 -45.73 28.04
CA VAL A 425 -23.01 -44.92 28.17
C VAL A 425 -23.35 -43.51 27.72
N ILE A 426 -22.86 -42.52 28.46
CA ILE A 426 -23.12 -41.12 28.17
C ILE A 426 -21.80 -40.41 27.90
N ASP A 427 -21.88 -39.32 27.14
CA ASP A 427 -20.72 -38.49 26.87
C ASP A 427 -20.63 -37.34 27.87
N THR A 428 -19.62 -36.49 27.69
CA THR A 428 -19.38 -35.37 28.59
C THR A 428 -20.53 -34.36 28.53
N ASN A 429 -21.08 -34.14 27.34
CA ASN A 429 -22.12 -33.13 27.16
C ASN A 429 -23.39 -33.50 27.93
N THR A 430 -23.79 -34.77 27.88
CA THR A 430 -24.98 -35.18 28.63
C THR A 430 -24.76 -35.10 30.13
N GLN A 431 -23.53 -35.35 30.58
CA GLN A 431 -23.23 -35.15 31.99
C GLN A 431 -23.40 -33.70 32.38
N LYS A 432 -22.91 -32.78 31.56
CA LYS A 432 -23.12 -31.36 31.83
C LYS A 432 -24.61 -31.01 31.82
N GLN A 433 -25.38 -31.58 30.90
CA GLN A 433 -26.80 -31.25 30.81
C GLN A 433 -27.59 -31.75 32.01
N PHE A 434 -27.32 -32.99 32.47
CA PHE A 434 -28.18 -33.62 33.45
C PHE A 434 -27.55 -33.82 34.83
N PHE A 435 -26.22 -33.81 34.93
CA PHE A 435 -25.53 -34.05 36.20
C PHE A 435 -24.62 -32.89 36.55
N SER A 436 -25.10 -31.66 36.32
CA SER A 436 -24.33 -30.45 36.62
C SER A 436 -23.99 -30.31 38.09
N ASP A 437 -24.75 -30.95 39.00
CA ASP A 437 -24.51 -30.80 40.43
C ASP A 437 -23.18 -31.40 40.88
N GLY A 438 -22.61 -32.31 40.09
CA GLY A 438 -21.59 -33.20 40.57
C GLY A 438 -22.12 -34.55 40.98
N THR A 439 -23.44 -34.71 40.96
CA THR A 439 -24.05 -36.02 41.16
C THR A 439 -23.45 -37.02 40.20
N ASN A 440 -22.99 -38.15 40.74
CA ASN A 440 -22.27 -39.10 39.91
C ASN A 440 -23.26 -39.79 38.97
N PRO A 441 -23.12 -39.63 37.65
CA PRO A 441 -24.07 -40.28 36.74
C PRO A 441 -24.06 -41.80 36.82
N ILE A 442 -22.95 -42.40 37.25
CA ILE A 442 -22.83 -43.85 37.23
C ILE A 442 -23.85 -44.47 38.18
N GLY A 443 -24.62 -45.41 37.66
CA GLY A 443 -25.65 -46.06 38.44
C GLY A 443 -26.99 -45.35 38.39
N GLN A 444 -27.03 -44.12 37.91
CA GLN A 444 -28.27 -43.36 37.86
C GLN A 444 -29.10 -43.77 36.65
N VAL A 445 -30.42 -43.80 36.85
CA VAL A 445 -31.34 -44.19 35.80
C VAL A 445 -31.91 -42.94 35.16
N VAL A 446 -31.75 -42.84 33.85
CA VAL A 446 -32.33 -41.78 33.06
C VAL A 446 -33.37 -42.44 32.16
N LEU A 447 -34.20 -41.62 31.53
CA LEU A 447 -35.23 -42.16 30.66
C LEU A 447 -35.10 -41.56 29.28
N LEU A 448 -35.03 -42.43 28.28
CA LEU A 448 -34.79 -42.09 26.89
C LEU A 448 -36.11 -42.30 26.16
N GLY A 449 -36.88 -41.22 26.05
CA GLY A 449 -38.15 -41.25 25.36
C GLY A 449 -39.20 -41.96 26.19
N SER A 450 -39.23 -43.29 26.07
CA SER A 450 -40.06 -44.13 26.91
C SER A 450 -39.30 -45.32 27.49
N VAL A 451 -38.00 -45.40 27.26
CA VAL A 451 -37.19 -46.54 27.68
C VAL A 451 -36.24 -46.08 28.79
N PRO A 452 -36.36 -46.62 30.01
CA PRO A 452 -35.37 -46.29 31.04
C PRO A 452 -34.04 -47.01 30.79
N ALA A 453 -32.96 -46.38 31.24
CA ALA A 453 -31.62 -46.92 31.07
C ALA A 453 -30.75 -46.42 32.21
N ARG A 454 -29.83 -47.28 32.66
CA ARG A 454 -28.93 -46.95 33.77
C ARG A 454 -27.52 -46.73 33.24
N ILE A 455 -26.88 -45.66 33.70
CA ILE A 455 -25.58 -45.21 33.20
C ILE A 455 -24.47 -46.11 33.78
N ILE A 456 -23.67 -46.70 32.89
CA ILE A 456 -22.55 -47.54 33.27
C ILE A 456 -21.20 -46.96 32.87
N GLY A 457 -21.18 -45.76 32.31
CA GLY A 457 -19.91 -45.17 31.89
C GLY A 457 -20.10 -43.81 31.26
N ILE A 458 -19.02 -43.02 31.30
CA ILE A 458 -18.97 -41.68 30.74
C ILE A 458 -17.78 -41.58 29.80
N VAL A 459 -18.01 -41.03 28.61
CA VAL A 459 -17.02 -40.99 27.53
C VAL A 459 -16.55 -39.57 27.29
N GLU A 460 -15.23 -39.40 27.08
CA GLU A 460 -14.66 -38.12 26.70
C GLU A 460 -14.61 -38.02 25.18
N PRO A 461 -15.24 -37.02 24.57
CA PRO A 461 -15.37 -37.01 23.10
C PRO A 461 -14.11 -36.65 22.33
N GLN A 462 -14.24 -36.68 21.01
CA GLN A 462 -13.21 -36.31 20.06
C GLN A 462 -13.08 -34.80 19.86
N THR A 463 -14.04 -34.02 20.34
CA THR A 463 -14.13 -32.62 19.94
C THR A 463 -12.98 -31.80 20.50
N SER A 464 -12.47 -30.89 19.68
CA SER A 464 -11.44 -29.91 20.05
C SER A 464 -12.07 -28.52 19.97
N GLY A 465 -12.56 -28.02 21.07
CA GLY A 465 -13.14 -26.69 21.11
C GLY A 465 -14.31 -26.63 22.08
N MET A 466 -14.60 -25.41 22.54
CA MET A 466 -15.67 -25.23 23.52
C MET A 466 -17.04 -25.42 22.89
N GLY A 467 -17.32 -24.69 21.81
CA GLY A 467 -18.62 -24.80 21.17
C GLY A 467 -18.56 -25.35 19.76
N SER A 468 -17.69 -26.33 19.51
CA SER A 468 -17.60 -26.90 18.18
C SER A 468 -18.51 -28.11 17.99
N ASP A 469 -19.11 -28.67 19.05
CA ASP A 469 -19.98 -29.83 18.88
C ASP A 469 -21.32 -29.64 19.61
N ASP A 470 -21.28 -29.53 20.94
CA ASP A 470 -22.44 -29.19 21.77
C ASP A 470 -23.66 -30.11 21.55
N THR A 471 -23.45 -31.36 21.17
CA THR A 471 -24.58 -32.29 21.02
C THR A 471 -24.53 -33.38 22.08
N LEU A 472 -25.71 -33.91 22.38
CA LEU A 472 -25.92 -34.90 23.44
C LEU A 472 -25.90 -36.32 22.86
N ASN A 473 -24.78 -37.02 23.02
CA ASN A 473 -24.64 -38.38 22.53
C ASN A 473 -24.83 -39.38 23.67
N VAL A 474 -25.62 -40.40 23.40
CA VAL A 474 -25.96 -41.48 24.32
C VAL A 474 -25.67 -42.78 23.59
N TYR A 475 -25.13 -43.78 24.30
CA TYR A 475 -24.74 -45.03 23.68
C TYR A 475 -25.41 -46.21 24.38
N MET A 476 -26.18 -46.98 23.63
CA MET A 476 -26.78 -48.22 24.09
C MET A 476 -26.42 -49.35 23.14
N PRO A 477 -26.50 -50.60 23.59
CA PRO A 477 -26.25 -51.73 22.68
C PRO A 477 -27.17 -51.69 21.47
N TYR A 478 -26.57 -51.89 20.29
CA TYR A 478 -27.33 -51.79 19.04
C TYR A 478 -28.50 -52.75 19.01
N THR A 479 -28.40 -53.90 19.67
CA THR A 479 -29.54 -54.81 19.71
C THR A 479 -30.70 -54.20 20.47
N THR A 480 -30.40 -53.40 21.51
CA THR A 480 -31.46 -52.82 22.30
C THR A 480 -32.14 -51.69 21.55
N VAL A 481 -31.36 -50.84 20.88
CA VAL A 481 -31.96 -49.73 20.14
C VAL A 481 -32.76 -50.26 18.96
N MET A 482 -32.19 -51.23 18.22
CA MET A 482 -32.91 -51.83 17.11
C MET A 482 -34.21 -52.47 17.57
N SER A 483 -34.19 -53.19 18.70
CA SER A 483 -35.37 -53.91 19.15
C SER A 483 -36.41 -53.00 19.79
N ARG A 484 -35.98 -52.15 20.72
CA ARG A 484 -36.88 -51.40 21.59
C ARG A 484 -37.29 -50.05 21.04
N MET A 485 -36.46 -49.44 20.20
CA MET A 485 -36.71 -48.09 19.74
C MET A 485 -36.99 -47.97 18.25
N LEU A 486 -36.42 -48.84 17.43
CA LEU A 486 -36.57 -48.73 15.98
C LEU A 486 -37.51 -49.77 15.41
N GLY A 487 -37.38 -51.02 15.83
CA GLY A 487 -38.17 -52.09 15.25
C GLY A 487 -37.65 -52.41 13.85
N GLN A 488 -36.37 -52.74 13.75
CA GLN A 488 -35.75 -53.00 12.46
C GLN A 488 -34.65 -54.04 12.66
N ALA A 489 -34.40 -54.81 11.60
CA ALA A 489 -33.40 -55.87 11.61
C ALA A 489 -32.09 -55.48 10.99
N HIS A 490 -31.94 -54.22 10.56
CA HIS A 490 -30.83 -53.78 9.74
C HIS A 490 -30.10 -52.64 10.43
N VAL A 491 -28.88 -52.39 9.95
CA VAL A 491 -27.97 -51.43 10.56
C VAL A 491 -27.77 -50.25 9.61
N ARG A 492 -27.74 -49.04 10.18
CA ARG A 492 -27.51 -47.84 9.37
C ARG A 492 -26.14 -47.87 8.71
N ASN A 493 -25.10 -48.20 9.46
CA ASN A 493 -23.77 -48.31 8.87
C ASN A 493 -22.89 -49.14 9.79
N ILE A 494 -21.72 -49.53 9.30
CA ILE A 494 -20.80 -50.34 10.10
C ILE A 494 -19.42 -49.71 10.05
N VAL A 495 -18.83 -49.46 11.22
CA VAL A 495 -17.51 -48.84 11.29
C VAL A 495 -16.49 -49.93 11.57
N VAL A 496 -15.34 -49.85 10.91
CA VAL A 496 -14.29 -50.86 11.02
C VAL A 496 -12.95 -50.17 11.26
N ARG A 497 -12.22 -50.61 12.28
CA ARG A 497 -10.87 -50.14 12.54
C ARG A 497 -9.89 -51.21 12.07
N ILE A 498 -8.95 -50.80 11.21
CA ILE A 498 -8.08 -51.70 10.47
C ILE A 498 -6.82 -52.02 11.26
N ASN A 499 -6.53 -53.31 11.37
CA ASN A 499 -5.46 -53.86 12.19
C ASN A 499 -4.06 -53.58 11.62
N ASP A 500 -3.09 -53.57 12.53
CA ASP A 500 -1.64 -53.60 12.25
C ASP A 500 -1.14 -52.37 11.49
N LYS A 501 -1.95 -51.34 11.35
CA LYS A 501 -1.67 -50.24 10.44
C LYS A 501 -1.56 -50.74 9.00
N TYR A 502 -2.28 -51.82 8.70
CA TYR A 502 -2.30 -52.40 7.37
C TYR A 502 -2.89 -51.39 6.39
N SER A 503 -2.65 -51.63 5.10
CA SER A 503 -3.16 -50.70 4.08
C SER A 503 -4.67 -50.56 4.19
N THR A 504 -5.11 -49.41 4.71
CA THR A 504 -6.53 -49.19 4.91
C THR A 504 -7.30 -49.23 3.59
N SER A 505 -6.65 -48.84 2.49
CA SER A 505 -7.31 -48.94 1.19
C SER A 505 -7.46 -50.40 0.76
N ALA A 506 -6.43 -51.23 0.97
CA ALA A 506 -6.55 -52.64 0.62
C ALA A 506 -7.57 -53.33 1.50
N ALA A 507 -7.63 -52.96 2.77
CA ALA A 507 -8.66 -53.50 3.65
C ALA A 507 -10.03 -53.02 3.19
N GLU A 508 -10.13 -51.76 2.78
CA GLU A 508 -11.37 -51.22 2.23
C GLU A 508 -11.88 -52.04 1.05
N ASN A 509 -10.97 -52.38 0.12
CA ASN A 509 -11.37 -53.18 -1.03
C ASN A 509 -11.78 -54.58 -0.59
N ALA A 510 -11.06 -55.14 0.39
CA ALA A 510 -11.44 -56.46 0.88
C ALA A 510 -12.81 -56.45 1.53
N ILE A 511 -13.12 -55.37 2.28
CA ILE A 511 -14.44 -55.22 2.88
C ILE A 511 -15.52 -55.13 1.81
N VAL A 512 -15.26 -54.36 0.75
CA VAL A 512 -16.26 -54.24 -0.31
C VAL A 512 -16.50 -55.59 -0.98
N ASN A 513 -15.43 -56.35 -1.23
CA ASN A 513 -15.60 -57.66 -1.85
C ASN A 513 -16.28 -58.64 -0.91
N LEU A 514 -15.93 -58.60 0.38
CA LEU A 514 -16.51 -59.52 1.35
C LEU A 514 -18.01 -59.27 1.54
N LEU A 515 -18.39 -58.02 1.80
CA LEU A 515 -19.81 -57.73 1.99
C LEU A 515 -20.58 -57.85 0.68
N THR A 516 -19.95 -57.51 -0.44
CA THR A 516 -20.62 -57.62 -1.73
C THR A 516 -20.87 -59.08 -2.11
N GLN A 517 -19.88 -59.94 -1.90
CA GLN A 517 -20.08 -61.38 -2.11
C GLN A 517 -21.04 -61.95 -1.09
N ARG A 518 -20.99 -61.41 0.13
CA ARG A 518 -21.87 -61.85 1.22
C ARG A 518 -23.30 -61.43 0.96
N HIS A 519 -23.51 -60.22 0.43
CA HIS A 519 -24.82 -59.82 -0.03
C HIS A 519 -25.02 -60.39 -1.43
N GLY A 520 -26.16 -60.12 -2.04
CA GLY A 520 -26.29 -60.64 -3.37
C GLY A 520 -25.77 -59.72 -4.45
N ALA A 521 -25.16 -58.60 -4.09
CA ALA A 521 -24.74 -57.60 -5.07
C ALA A 521 -23.89 -56.55 -4.37
N GLN A 522 -23.51 -55.53 -5.14
CA GLN A 522 -22.79 -54.35 -4.65
C GLN A 522 -23.83 -53.41 -4.05
N ASP A 523 -24.21 -53.72 -2.81
CA ASP A 523 -25.28 -53.02 -2.10
C ASP A 523 -24.73 -52.07 -1.04
N ILE A 524 -23.45 -51.70 -1.14
CA ILE A 524 -22.76 -50.95 -0.10
C ILE A 524 -21.76 -49.98 -0.73
N PHE A 525 -21.44 -48.92 0.02
CA PHE A 525 -20.33 -48.05 -0.33
C PHE A 525 -19.60 -47.68 0.95
N THR A 526 -18.38 -47.18 0.80
CA THR A 526 -17.49 -46.94 1.92
C THR A 526 -17.13 -45.46 2.05
N MET A 527 -16.53 -45.15 3.19
CA MET A 527 -15.93 -43.84 3.47
C MET A 527 -14.64 -44.14 4.23
N ASN A 528 -13.51 -43.83 3.61
CA ASN A 528 -12.20 -44.03 4.21
C ASN A 528 -11.89 -42.78 5.02
N SER A 529 -11.93 -42.90 6.35
CA SER A 529 -11.76 -41.74 7.22
C SER A 529 -10.44 -41.02 6.96
N ASP A 530 -9.35 -41.78 6.81
CA ASP A 530 -8.04 -41.17 6.65
C ASP A 530 -7.94 -40.46 5.31
N SER A 531 -8.47 -41.07 4.25
CA SER A 531 -8.45 -40.43 2.93
C SER A 531 -9.23 -39.11 2.94
N ILE A 532 -10.42 -39.12 3.54
CA ILE A 532 -11.25 -37.92 3.58
C ILE A 532 -10.57 -36.83 4.41
N ARG A 533 -10.07 -37.20 5.59
CA ARG A 533 -9.33 -36.25 6.42
C ARG A 533 -8.16 -35.64 5.65
N GLN A 534 -7.36 -36.50 5.00
CA GLN A 534 -6.20 -36.05 4.24
C GLN A 534 -6.61 -35.09 3.13
N THR A 535 -7.67 -35.43 2.39
CA THR A 535 -8.16 -34.55 1.33
C THR A 535 -8.59 -33.19 1.90
N ILE A 536 -9.26 -33.19 3.04
CA ILE A 536 -9.69 -31.93 3.64
C ILE A 536 -8.48 -31.09 4.05
N GLU A 537 -7.50 -31.71 4.71
CA GLU A 537 -6.29 -30.99 5.12
C GLU A 537 -5.58 -30.39 3.91
N LYS A 538 -5.38 -31.19 2.86
CA LYS A 538 -4.70 -30.70 1.67
C LYS A 538 -5.46 -29.55 1.03
N THR A 539 -6.75 -29.75 0.75
CA THR A 539 -7.51 -28.75 0.01
C THR A 539 -7.64 -27.45 0.81
N THR A 540 -7.94 -27.56 2.10
CA THR A 540 -8.07 -26.36 2.92
C THR A 540 -6.74 -25.64 3.04
N SER A 541 -5.65 -26.40 3.20
CA SER A 541 -4.32 -25.78 3.28
C SER A 541 -3.97 -25.03 2.00
N THR A 542 -4.19 -25.67 0.84
CA THR A 542 -3.88 -25.02 -0.43
C THR A 542 -4.71 -23.75 -0.62
N MET A 543 -6.01 -23.80 -0.34
CA MET A 543 -6.83 -22.62 -0.52
C MET A 543 -6.39 -21.51 0.44
N THR A 544 -6.03 -21.90 1.67
CA THR A 544 -5.48 -20.94 2.63
C THR A 544 -4.23 -20.27 2.07
N LEU A 545 -3.35 -21.05 1.44
CA LEU A 545 -2.11 -20.49 0.91
C LEU A 545 -2.39 -19.48 -0.19
N LEU A 546 -3.24 -19.84 -1.16
CA LEU A 546 -3.52 -18.91 -2.25
C LEU A 546 -4.15 -17.62 -1.74
N VAL A 547 -5.15 -17.73 -0.87
CA VAL A 547 -5.89 -16.55 -0.43
C VAL A 547 -4.99 -15.65 0.43
N SER A 548 -4.24 -16.26 1.35
CA SER A 548 -3.33 -15.46 2.15
C SER A 548 -2.20 -14.83 1.32
N ALA A 549 -1.85 -15.44 0.18
CA ALA A 549 -0.96 -14.76 -0.77
C ALA A 549 -1.63 -13.52 -1.33
N ILE A 550 -2.92 -13.61 -1.64
CA ILE A 550 -3.63 -12.42 -2.09
C ILE A 550 -3.58 -11.32 -1.03
N ALA A 551 -3.68 -11.69 0.25
CA ALA A 551 -3.51 -10.68 1.31
C ALA A 551 -2.09 -10.10 1.32
N VAL A 552 -1.08 -10.95 1.09
CA VAL A 552 0.29 -10.46 1.08
C VAL A 552 0.51 -9.43 -0.03
N ILE A 553 -0.23 -9.53 -1.14
CA ILE A 553 -0.18 -8.46 -2.13
C ILE A 553 -0.46 -7.10 -1.49
N SER A 554 -1.55 -7.02 -0.73
CA SER A 554 -1.85 -5.81 0.03
C SER A 554 -0.67 -5.38 0.88
N LEU A 555 -0.11 -6.33 1.64
CA LEU A 555 1.04 -5.98 2.49
C LEU A 555 2.20 -5.39 1.66
N VAL A 556 2.42 -5.93 0.45
CA VAL A 556 3.46 -5.40 -0.44
C VAL A 556 3.17 -3.95 -0.79
N VAL A 557 1.92 -3.63 -1.16
CA VAL A 557 1.59 -2.24 -1.47
C VAL A 557 1.85 -1.34 -0.27
N GLY A 558 1.52 -1.81 0.93
CA GLY A 558 1.85 -1.05 2.12
C GLY A 558 3.34 -0.76 2.23
N GLY A 559 4.17 -1.79 2.00
CA GLY A 559 5.61 -1.58 2.04
C GLY A 559 6.08 -0.55 1.03
N ILE A 560 5.58 -0.65 -0.21
CA ILE A 560 5.92 0.35 -1.23
C ILE A 560 5.59 1.75 -0.73
N GLY A 561 4.42 1.91 -0.11
CA GLY A 561 4.10 3.21 0.49
C GLY A 561 5.13 3.65 1.50
N VAL A 562 5.58 2.74 2.37
CA VAL A 562 6.61 3.07 3.36
C VAL A 562 7.86 3.59 2.66
N MET A 563 8.33 2.88 1.63
CA MET A 563 9.53 3.31 0.92
C MET A 563 9.34 4.70 0.32
N ASN A 564 8.23 4.91 -0.39
CA ASN A 564 7.98 6.21 -1.03
C ASN A 564 8.01 7.34 -0.02
N ILE A 565 7.29 7.18 1.10
CA ILE A 565 7.27 8.22 2.13
C ILE A 565 8.67 8.46 2.70
N MET A 566 9.42 7.39 2.97
CA MET A 566 10.76 7.57 3.51
C MET A 566 11.67 8.31 2.54
N LEU A 567 11.60 7.97 1.26
CA LEU A 567 12.37 8.66 0.24
C LEU A 567 12.03 10.15 0.20
N VAL A 568 10.73 10.46 0.26
CA VAL A 568 10.30 11.85 0.21
C VAL A 568 10.76 12.60 1.45
N SER A 569 10.76 11.94 2.62
CA SER A 569 11.28 12.59 3.82
C SER A 569 12.79 12.76 3.77
N VAL A 570 13.49 11.92 3.01
CA VAL A 570 14.91 12.18 2.75
C VAL A 570 15.06 13.48 1.98
N THR A 571 14.25 13.66 0.94
CA THR A 571 14.27 14.94 0.22
C THR A 571 13.95 16.10 1.17
N GLU A 572 12.87 15.97 1.94
CA GLU A 572 12.46 17.02 2.88
C GLU A 572 13.59 17.41 3.83
N ARG A 573 14.32 16.42 4.36
CA ARG A 573 15.35 16.66 5.38
C ARG A 573 16.74 16.81 4.79
N THR A 574 16.85 17.07 3.48
CA THR A 574 18.17 17.19 2.84
C THR A 574 19.07 18.19 3.57
N GLN A 575 18.55 19.39 3.84
CA GLN A 575 19.38 20.37 4.55
C GLN A 575 19.70 19.93 5.97
N GLU A 576 18.73 19.31 6.65
CA GLU A 576 19.03 18.74 7.96
C GLU A 576 20.17 17.74 7.87
N ILE A 577 20.16 16.91 6.82
CA ILE A 577 21.23 15.93 6.62
C ILE A 577 22.56 16.64 6.44
N GLY A 578 22.59 17.67 5.60
CA GLY A 578 23.82 18.43 5.40
C GLY A 578 24.35 19.05 6.69
N VAL A 579 23.46 19.65 7.48
CA VAL A 579 23.87 20.26 8.74
C VAL A 579 24.44 19.21 9.69
N ARG A 580 23.74 18.07 9.79
CA ARG A 580 24.22 16.99 10.64
C ARG A 580 25.60 16.52 10.20
N MET A 581 25.82 16.40 8.88
CA MET A 581 27.14 16.04 8.38
C MET A 581 28.17 17.08 8.80
N ALA A 582 27.87 18.35 8.58
CA ALA A 582 28.82 19.42 8.93
C ALA A 582 29.17 19.41 10.41
N VAL A 583 28.16 19.26 11.28
CA VAL A 583 28.43 19.22 12.71
C VAL A 583 29.19 17.95 13.10
N GLY A 584 29.21 16.93 12.24
CA GLY A 584 30.02 15.75 12.53
C GLY A 584 29.44 14.38 12.25
N ALA A 585 28.28 14.30 11.61
CA ALA A 585 27.65 13.02 11.36
C ALA A 585 28.47 12.19 10.38
N ARG A 586 28.54 10.89 10.64
CA ARG A 586 29.10 9.92 9.72
C ARG A 586 28.01 9.47 8.76
N GLN A 587 28.42 8.93 7.62
CA GLN A 587 27.41 8.37 6.71
C GLN A 587 26.66 7.24 7.40
N SER A 588 27.39 6.44 8.18
CA SER A 588 26.79 5.44 9.06
C SER A 588 25.67 6.05 9.90
N ASP A 589 25.96 7.18 10.58
CA ASP A 589 25.00 7.75 11.51
C ASP A 589 23.70 8.14 10.82
N ILE A 590 23.80 8.72 9.62
CA ILE A 590 22.61 9.12 8.88
C ILE A 590 21.83 7.86 8.47
N LEU A 591 22.54 6.85 7.95
CA LEU A 591 21.90 5.61 7.55
C LEU A 591 21.13 5.00 8.71
N GLN A 592 21.76 4.89 9.88
CA GLN A 592 21.08 4.37 11.06
C GLN A 592 19.85 5.20 11.40
N GLN A 593 19.99 6.53 11.39
CA GLN A 593 18.85 7.39 11.71
C GLN A 593 17.64 7.08 10.83
N PHE A 594 17.82 7.12 9.51
CA PHE A 594 16.66 6.99 8.63
C PHE A 594 16.14 5.55 8.58
N LEU A 595 17.06 4.59 8.56
CA LEU A 595 16.64 3.19 8.52
C LEU A 595 15.88 2.83 9.78
N ILE A 596 16.38 3.25 10.95
CA ILE A 596 15.65 3.07 12.20
C ILE A 596 14.28 3.73 12.15
N GLU A 597 14.16 4.90 11.50
CA GLU A 597 12.82 5.47 11.36
C GLU A 597 11.89 4.50 10.63
N ALA A 598 12.32 4.01 9.46
CA ALA A 598 11.46 3.12 8.69
C ALA A 598 11.12 1.86 9.48
N ILE A 599 12.12 1.25 10.12
CA ILE A 599 11.91 0.04 10.91
C ILE A 599 10.90 0.30 12.02
N LEU A 600 11.07 1.39 12.77
CA LEU A 600 10.18 1.68 13.89
C LEU A 600 8.75 1.91 13.38
N VAL A 601 8.61 2.59 12.24
CA VAL A 601 7.28 2.80 11.68
C VAL A 601 6.62 1.48 11.32
N CYS A 602 7.37 0.57 10.70
CA CYS A 602 6.76 -0.70 10.30
C CYS A 602 6.45 -1.60 11.50
N LEU A 603 7.35 -1.65 12.49
CA LEU A 603 7.07 -2.41 13.71
C LEU A 603 5.84 -1.87 14.41
N ILE A 604 5.83 -0.58 14.71
CA ILE A 604 4.69 0.07 15.34
C ILE A 604 3.65 0.21 14.23
N GLY A 605 2.78 -0.78 14.10
CA GLY A 605 1.82 -0.84 13.02
C GLY A 605 1.72 -2.27 12.55
N GLY A 606 2.84 -3.00 12.65
CA GLY A 606 2.77 -4.44 12.59
C GLY A 606 2.12 -4.98 13.86
N VAL A 607 2.54 -4.43 15.01
CA VAL A 607 1.90 -4.77 16.27
C VAL A 607 0.42 -4.40 16.23
N LEU A 608 0.11 -3.20 15.72
CA LEU A 608 -1.28 -2.77 15.66
C LEU A 608 -2.07 -3.57 14.63
N GLY A 609 -1.42 -4.00 13.54
CA GLY A 609 -2.08 -4.90 12.61
C GLY A 609 -2.43 -6.23 13.25
N VAL A 610 -1.52 -6.76 14.08
CA VAL A 610 -1.82 -7.98 14.82
C VAL A 610 -3.01 -7.78 15.76
N LEU A 611 -2.99 -6.70 16.54
CA LEU A 611 -4.09 -6.47 17.49
C LEU A 611 -5.41 -6.27 16.77
N LEU A 612 -5.41 -5.51 15.67
CA LEU A 612 -6.61 -5.35 14.86
C LEU A 612 -7.10 -6.71 14.37
N SER A 613 -6.18 -7.54 13.89
CA SER A 613 -6.56 -8.87 13.43
C SER A 613 -7.19 -9.68 14.56
N LEU A 614 -6.66 -9.56 15.79
CA LEU A 614 -7.24 -10.29 16.92
C LEU A 614 -8.67 -9.85 17.19
N GLY A 615 -8.91 -8.54 17.24
CA GLY A 615 -10.27 -8.06 17.43
C GLY A 615 -11.20 -8.54 16.35
N LEU A 616 -10.76 -8.46 15.09
CA LEU A 616 -11.56 -8.97 13.99
C LEU A 616 -11.80 -10.47 14.12
N GLY A 617 -10.82 -11.20 14.67
CA GLY A 617 -10.99 -12.62 14.90
C GLY A 617 -12.09 -12.92 15.89
N GLN A 618 -12.14 -12.18 17.00
CA GLN A 618 -13.25 -12.36 17.92
C GLN A 618 -14.58 -11.98 17.27
N LEU A 619 -14.56 -10.96 16.40
CA LEU A 619 -15.77 -10.61 15.66
C LEU A 619 -16.26 -11.77 14.80
N ILE A 620 -15.36 -12.37 14.01
CA ILE A 620 -15.75 -13.49 13.17
C ILE A 620 -16.21 -14.67 14.04
N ASN A 621 -15.46 -14.97 15.10
CA ASN A 621 -15.83 -16.07 15.98
C ASN A 621 -17.17 -15.84 16.65
N LYS A 622 -17.66 -14.60 16.66
CA LYS A 622 -19.03 -14.40 17.11
C LYS A 622 -20.03 -14.62 15.96
N PHE A 623 -19.85 -13.89 14.85
CA PHE A 623 -20.84 -13.93 13.78
C PHE A 623 -20.62 -15.04 12.74
N ALA A 624 -19.61 -15.89 12.89
CA ALA A 624 -19.40 -16.92 11.88
C ALA A 624 -20.30 -18.13 12.12
N GLY A 625 -20.42 -18.95 11.07
CA GLY A 625 -21.15 -20.19 11.12
C GLY A 625 -20.38 -21.29 11.81
N GLY A 626 -20.79 -22.53 11.53
CA GLY A 626 -20.13 -23.71 12.05
C GLY A 626 -18.99 -24.24 11.22
N ASN A 627 -18.69 -23.65 10.05
CA ASN A 627 -17.51 -24.02 9.28
C ASN A 627 -16.40 -22.98 9.33
N PHE A 628 -16.73 -21.70 9.41
CA PHE A 628 -15.72 -20.64 9.53
C PHE A 628 -15.32 -20.46 10.99
N ALA A 629 -14.01 -20.52 11.25
CA ALA A 629 -13.47 -20.31 12.58
C ALA A 629 -12.09 -19.69 12.45
N VAL A 630 -11.69 -18.91 13.45
CA VAL A 630 -10.44 -18.16 13.42
C VAL A 630 -9.58 -18.59 14.58
N ALA A 631 -8.39 -19.14 14.28
CA ALA A 631 -7.46 -19.63 15.27
C ALA A 631 -6.09 -19.02 15.00
N TYR A 632 -5.53 -18.33 15.99
CA TYR A 632 -4.27 -17.60 15.83
C TYR A 632 -3.12 -18.40 16.42
N SER A 633 -2.27 -18.94 15.55
CA SER A 633 -1.01 -19.52 16.00
C SER A 633 -0.09 -18.39 16.47
N THR A 634 0.61 -18.61 17.59
CA THR A 634 1.52 -17.59 18.09
C THR A 634 2.73 -17.42 17.18
N THR A 635 3.05 -18.41 16.36
CA THR A 635 4.15 -18.27 15.41
C THR A 635 3.74 -17.51 14.17
N SER A 636 2.44 -17.34 13.92
CA SER A 636 2.01 -16.43 12.88
C SER A 636 2.01 -15.00 13.37
N ILE A 637 1.81 -14.81 14.68
CA ILE A 637 2.00 -13.50 15.29
C ILE A 637 3.48 -13.12 15.27
N VAL A 638 4.35 -14.05 15.68
CA VAL A 638 5.79 -13.81 15.61
C VAL A 638 6.22 -13.55 14.17
N ALA A 639 5.74 -14.37 13.24
CA ALA A 639 6.03 -14.17 11.82
C ALA A 639 5.56 -12.79 11.36
N ALA A 640 4.42 -12.33 11.87
CA ALA A 640 3.93 -11.00 11.51
C ALA A 640 4.87 -9.91 12.02
N PHE A 641 5.31 -10.02 13.27
CA PHE A 641 6.23 -9.01 13.82
C PHE A 641 7.52 -8.97 13.01
N VAL A 642 8.08 -10.15 12.72
CA VAL A 642 9.35 -10.22 12.03
C VAL A 642 9.23 -9.70 10.61
N CYS A 643 8.19 -10.11 9.89
CA CYS A 643 8.01 -9.63 8.52
C CYS A 643 7.70 -8.14 8.46
N SER A 644 7.09 -7.58 9.51
CA SER A 644 6.94 -6.12 9.56
C SER A 644 8.30 -5.46 9.67
N THR A 645 9.14 -5.96 10.58
CA THR A 645 10.50 -5.42 10.70
C THR A 645 11.28 -5.58 9.41
N LEU A 646 11.13 -6.71 8.72
CA LEU A 646 11.81 -6.93 7.45
C LEU A 646 11.30 -6.00 6.37
N ILE A 647 10.02 -5.66 6.37
CA ILE A 647 9.56 -4.62 5.44
C ILE A 647 10.23 -3.30 5.74
N GLY A 648 10.41 -3.00 7.03
CA GLY A 648 11.16 -1.80 7.39
C GLY A 648 12.58 -1.82 6.85
N VAL A 649 13.28 -2.93 7.06
CA VAL A 649 14.68 -3.03 6.63
C VAL A 649 14.79 -3.00 5.11
N VAL A 650 13.92 -3.71 4.40
CA VAL A 650 14.04 -3.79 2.95
C VAL A 650 13.57 -2.50 2.28
N PHE A 651 12.33 -2.11 2.55
CA PHE A 651 11.75 -0.99 1.82
C PHE A 651 12.36 0.34 2.28
N GLY A 652 12.69 0.45 3.58
CA GLY A 652 13.29 1.65 4.12
C GLY A 652 14.75 1.85 3.78
N PHE A 653 15.47 0.77 3.51
CA PHE A 653 16.92 0.84 3.29
C PHE A 653 17.30 1.81 2.18
N LEU A 654 16.76 1.60 0.98
CA LEU A 654 17.10 2.45 -0.17
C LEU A 654 17.05 3.94 0.14
N PRO A 655 15.96 4.50 0.69
CA PRO A 655 16.02 5.93 1.09
C PRO A 655 17.08 6.22 2.13
N ALA A 656 17.23 5.38 3.16
CA ALA A 656 18.19 5.68 4.22
C ALA A 656 19.60 5.74 3.68
N LYS A 657 19.92 4.88 2.73
CA LYS A 657 21.22 4.96 2.07
C LYS A 657 21.32 6.22 1.23
N ASN A 658 20.24 6.58 0.52
CA ASN A 658 20.28 7.81 -0.28
C ASN A 658 20.55 9.03 0.60
N ALA A 659 19.96 9.06 1.79
CA ALA A 659 20.26 10.14 2.74
C ALA A 659 21.71 10.08 3.19
N ALA A 660 22.19 8.88 3.54
CA ALA A 660 23.55 8.75 4.04
C ALA A 660 24.59 9.17 3.00
N LYS A 661 24.29 9.01 1.71
CA LYS A 661 25.24 9.30 0.65
C LYS A 661 25.15 10.71 0.07
N LEU A 662 24.45 11.64 0.73
CA LEU A 662 24.35 13.00 0.20
C LEU A 662 25.66 13.77 0.36
N ASP A 663 25.92 14.66 -0.61
CA ASP A 663 27.02 15.62 -0.59
C ASP A 663 26.68 16.76 0.35
N PRO A 664 27.35 16.87 1.50
CA PRO A 664 26.94 17.90 2.48
C PRO A 664 26.96 19.32 1.94
N VAL A 665 27.74 19.59 0.91
CA VAL A 665 27.73 20.93 0.31
C VAL A 665 26.43 21.14 -0.45
N ALA A 666 26.11 20.25 -1.39
CA ALA A 666 24.87 20.36 -2.12
C ALA A 666 23.66 20.24 -1.21
N ALA A 667 23.77 19.43 -0.16
CA ALA A 667 22.69 19.32 0.81
C ALA A 667 22.48 20.63 1.56
N LEU A 668 23.56 21.25 2.03
CA LEU A 668 23.44 22.51 2.75
C LEU A 668 22.84 23.61 1.89
N SER A 669 23.16 23.62 0.60
CA SER A 669 22.62 24.60 -0.33
C SER A 669 21.52 24.00 -1.20
N ARG A 670 20.60 23.23 -0.61
CA ARG A 670 19.55 22.59 -1.41
C ARG A 670 18.30 23.45 -1.32
N GLU A 671 18.18 24.36 -2.28
CA GLU A 671 17.02 25.22 -2.43
C GLU A 671 17.12 25.98 -3.75
N LYS B 10 -10.89 63.82 -4.71
CA LYS B 10 -10.36 62.79 -5.60
C LYS B 10 -9.71 61.67 -4.78
N GLN B 11 -9.68 60.47 -5.36
CA GLN B 11 -9.19 59.29 -4.65
C GLN B 11 -7.70 59.08 -4.90
N ALA B 12 -6.99 58.74 -3.82
CA ALA B 12 -5.62 58.26 -3.94
C ALA B 12 -5.63 56.76 -4.23
N LEU B 13 -4.57 56.32 -4.91
CA LEU B 13 -4.49 54.91 -5.30
C LEU B 13 -4.56 53.99 -4.08
N LEU B 14 -3.72 54.23 -3.09
CA LEU B 14 -3.69 53.43 -1.86
C LEU B 14 -4.07 54.32 -0.69
N GLU B 15 -5.22 54.03 -0.06
CA GLU B 15 -5.77 54.88 0.99
C GLU B 15 -5.93 54.05 2.27
N VAL B 16 -5.00 54.25 3.20
CA VAL B 16 -4.96 53.57 4.50
C VAL B 16 -5.44 54.50 5.61
N SER B 17 -6.29 53.96 6.49
CA SER B 17 -6.84 54.69 7.62
C SER B 17 -6.99 53.78 8.83
N ASN B 18 -6.34 54.15 9.93
CA ASN B 18 -6.48 53.46 11.22
C ASN B 18 -6.28 51.95 11.14
N LEU B 19 -5.18 51.51 10.53
CA LEU B 19 -4.93 50.06 10.51
C LEU B 19 -4.55 49.59 11.91
N VAL B 20 -5.35 48.67 12.44
CA VAL B 20 -5.05 48.00 13.69
C VAL B 20 -5.06 46.52 13.38
N ARG B 21 -3.90 45.87 13.52
CA ARG B 21 -3.76 44.44 13.25
C ARG B 21 -3.39 43.76 14.56
N GLU B 22 -4.29 42.95 15.09
CA GLU B 22 -4.05 42.22 16.32
C GLU B 22 -3.87 40.74 16.04
N PHE B 23 -3.03 40.11 16.85
CA PHE B 23 -2.87 38.67 16.85
C PHE B 23 -3.05 38.18 18.29
N PRO B 24 -3.71 37.04 18.48
CA PRO B 24 -3.85 36.52 19.84
C PRO B 24 -2.54 35.97 20.36
N ALA B 25 -2.25 36.25 21.64
CA ALA B 25 -1.04 35.74 22.28
C ALA B 25 -1.29 35.65 23.79
N GLY B 26 -1.68 34.47 24.25
CA GLY B 26 -1.81 34.23 25.67
C GLY B 26 -3.05 34.79 26.33
N GLU B 27 -4.23 34.25 25.99
CA GLU B 27 -5.52 34.69 26.53
C GLU B 27 -5.69 36.21 26.44
N SER B 28 -5.16 36.80 25.39
CA SER B 28 -5.23 38.23 25.13
C SER B 28 -4.73 38.43 23.71
N THR B 29 -4.67 39.68 23.26
CA THR B 29 -4.18 39.99 21.93
C THR B 29 -3.10 41.04 22.03
N ILE B 30 -2.36 41.16 20.93
CA ILE B 30 -1.31 42.16 20.79
C ILE B 30 -1.51 42.88 19.47
N GLN B 31 -1.38 44.20 19.49
CA GLN B 31 -1.50 45.01 18.30
C GLN B 31 -0.14 45.06 17.62
N ILE B 32 -0.10 44.65 16.35
CA ILE B 32 1.11 44.69 15.55
C ILE B 32 1.18 45.96 14.71
N LEU B 33 0.04 46.39 14.16
CA LEU B 33 -0.13 47.73 13.63
C LEU B 33 -1.06 48.48 14.56
N LYS B 34 -0.60 49.64 15.03
CA LYS B 34 -1.34 50.44 16.01
C LYS B 34 -1.95 51.66 15.32
N GLY B 35 -3.10 51.46 14.66
CA GLY B 35 -3.84 52.54 14.05
C GLY B 35 -3.12 53.36 13.00
N ILE B 36 -2.57 52.73 11.96
CA ILE B 36 -1.75 53.43 10.96
C ILE B 36 -2.63 54.14 9.94
N ASP B 37 -2.36 55.43 9.70
CA ASP B 37 -2.93 56.18 8.59
C ASP B 37 -1.85 56.40 7.53
N LEU B 38 -2.21 56.23 6.26
CA LEU B 38 -1.20 56.36 5.20
C LEU B 38 -1.79 56.49 3.80
N THR B 39 -1.45 57.56 3.10
CA THR B 39 -1.91 57.78 1.73
C THR B 39 -0.75 57.70 0.74
N ILE B 40 -0.87 56.83 -0.26
CA ILE B 40 0.14 56.66 -1.29
C ILE B 40 -0.51 56.83 -2.66
N TYR B 41 0.03 57.74 -3.47
CA TYR B 41 -0.47 58.07 -4.79
C TYR B 41 0.28 57.30 -5.87
N GLU B 42 -0.40 57.17 -7.02
CA GLU B 42 0.19 56.56 -8.21
C GLU B 42 1.53 57.20 -8.55
N GLY B 43 2.54 56.35 -8.75
CA GLY B 43 3.85 56.80 -9.17
C GLY B 43 4.86 57.05 -8.06
N GLU B 44 4.47 56.89 -6.80
CA GLU B 44 5.41 57.12 -5.71
C GLU B 44 6.39 55.96 -5.57
N LEU B 45 7.60 56.28 -5.13
CA LEU B 45 8.63 55.30 -4.79
C LEU B 45 8.80 55.34 -3.27
N VAL B 46 8.11 54.42 -2.59
CA VAL B 46 7.98 54.43 -1.14
C VAL B 46 8.85 53.34 -0.55
N ALA B 47 9.62 53.68 0.48
CA ALA B 47 10.32 52.72 1.32
C ALA B 47 9.65 52.71 2.69
N ILE B 48 9.37 51.53 3.22
CA ILE B 48 8.87 51.40 4.59
C ILE B 48 9.94 50.63 5.36
N VAL B 49 10.56 51.28 6.34
CA VAL B 49 11.77 50.75 6.95
C VAL B 49 11.61 50.65 8.46
N GLY B 50 12.09 49.56 9.02
CA GLY B 50 12.06 49.33 10.45
C GLY B 50 12.75 48.01 10.73
N GLN B 51 12.99 47.77 12.02
CA GLN B 51 13.69 46.56 12.41
C GLN B 51 12.67 45.46 12.71
N SER B 52 13.15 44.28 13.11
CA SER B 52 12.27 43.19 13.47
C SER B 52 11.35 43.61 14.61
N GLY B 53 10.05 43.36 14.44
CA GLY B 53 9.03 43.80 15.37
C GLY B 53 8.30 45.07 14.96
N SER B 54 8.79 45.77 13.94
CA SER B 54 8.20 47.06 13.59
C SER B 54 6.78 46.95 13.05
N GLY B 55 6.47 45.89 12.30
CA GLY B 55 5.18 45.82 11.62
C GLY B 55 5.23 46.10 10.14
N LYS B 56 6.42 46.38 9.60
CA LYS B 56 6.55 46.75 8.19
C LYS B 56 6.05 45.65 7.25
N SER B 57 6.38 44.40 7.54
CA SER B 57 5.85 43.30 6.74
C SER B 57 4.33 43.22 6.86
N THR B 58 3.82 43.10 8.09
CA THR B 58 2.38 43.05 8.31
C THR B 58 1.68 44.14 7.50
N LEU B 59 2.18 45.38 7.62
CA LEU B 59 1.64 46.49 6.84
C LEU B 59 1.69 46.18 5.35
N MET B 60 2.83 45.67 4.86
CA MET B 60 2.96 45.44 3.42
C MET B 60 2.04 44.30 2.96
N ASN B 61 1.87 43.26 3.78
CA ASN B 61 0.93 42.19 3.48
C ASN B 61 -0.48 42.72 3.34
N ILE B 62 -0.89 43.62 4.23
CA ILE B 62 -2.22 44.22 4.12
C ILE B 62 -2.29 45.07 2.86
N LEU B 63 -1.23 45.82 2.57
CA LEU B 63 -1.19 46.65 1.36
C LEU B 63 -1.35 45.80 0.10
N GLY B 64 -0.80 44.59 0.11
CA GLY B 64 -0.88 43.70 -1.03
C GLY B 64 -2.12 42.86 -1.15
N CYS B 65 -3.13 43.11 -0.32
CA CYS B 65 -4.38 42.36 -0.33
C CYS B 65 -4.12 40.88 -0.04
N LEU B 66 -3.15 40.62 0.82
CA LEU B 66 -2.89 39.28 1.35
C LEU B 66 -3.43 39.13 2.76
N ASP B 67 -3.94 40.21 3.33
CA ASP B 67 -4.51 40.22 4.67
C ASP B 67 -5.48 41.39 4.73
N ARG B 68 -6.23 41.42 5.79
CA ARG B 68 -7.23 42.43 6.03
C ARG B 68 -6.83 43.29 7.21
N PRO B 69 -7.19 44.57 7.21
CA PRO B 69 -6.78 45.45 8.31
C PRO B 69 -7.08 44.86 9.69
N THR B 70 -8.25 44.24 9.83
CA THR B 70 -8.90 43.68 11.02
C THR B 70 -9.45 44.77 11.94
N SER B 71 -9.10 46.03 11.72
CA SER B 71 -9.71 47.17 12.40
C SER B 71 -9.24 48.39 11.63
N GLY B 72 -10.14 49.07 10.94
CA GLY B 72 -9.74 50.23 10.17
C GLY B 72 -10.26 50.19 8.75
N SER B 73 -9.55 50.79 7.82
CA SER B 73 -9.97 50.87 6.42
C SER B 73 -8.75 50.89 5.50
N TYR B 74 -8.81 50.10 4.43
CA TYR B 74 -7.79 50.12 3.37
C TYR B 74 -8.50 50.07 2.03
N LYS B 75 -8.41 51.14 1.25
CA LYS B 75 -9.08 51.23 -0.05
C LYS B 75 -8.04 51.25 -1.17
N VAL B 76 -8.15 50.26 -2.07
CA VAL B 76 -7.31 50.16 -3.25
C VAL B 76 -8.12 50.73 -4.42
N ASN B 77 -7.76 51.94 -4.85
CA ASN B 77 -8.49 52.64 -5.90
C ASN B 77 -9.99 52.70 -5.57
N GLY B 78 -10.29 52.97 -4.29
CA GLY B 78 -11.65 53.10 -3.81
C GLY B 78 -12.29 51.84 -3.25
N GLN B 79 -11.69 50.67 -3.46
CA GLN B 79 -12.30 49.41 -3.02
C GLN B 79 -11.81 49.05 -1.62
N GLU B 80 -12.72 49.06 -0.66
CA GLU B 80 -12.43 48.61 0.69
C GLU B 80 -12.15 47.12 0.73
N THR B 81 -11.03 46.74 1.34
CA THR B 81 -10.64 45.34 1.45
C THR B 81 -11.08 44.72 2.77
N GLY B 82 -11.51 45.53 3.74
CA GLY B 82 -11.82 45.02 5.06
C GLY B 82 -12.79 43.84 5.07
N LYS B 83 -13.78 43.86 4.18
CA LYS B 83 -14.80 42.83 4.16
C LYS B 83 -14.71 41.91 2.95
N LEU B 84 -13.62 41.96 2.20
CA LEU B 84 -13.49 41.12 1.01
C LEU B 84 -13.12 39.70 1.38
N GLU B 85 -13.58 38.74 0.54
CA GLU B 85 -13.39 37.31 0.56
C GLU B 85 -12.20 36.92 -0.31
N PRO B 86 -11.53 35.79 0.02
CA PRO B 86 -10.26 35.43 -0.65
C PRO B 86 -10.18 35.66 -2.14
N ASP B 87 -11.17 35.20 -2.92
CA ASP B 87 -11.09 35.35 -4.37
C ASP B 87 -11.26 36.79 -4.82
N GLN B 88 -11.87 37.64 -4.00
CA GLN B 88 -12.00 39.06 -4.33
C GLN B 88 -10.67 39.76 -4.09
N LEU B 89 -10.00 39.42 -2.99
CA LEU B 89 -8.66 39.93 -2.75
C LEU B 89 -7.72 39.46 -3.85
N ALA B 90 -7.87 38.22 -4.31
CA ALA B 90 -7.12 37.75 -5.45
C ALA B 90 -7.44 38.56 -6.70
N GLN B 91 -8.70 38.93 -6.88
CA GLN B 91 -9.05 39.85 -7.97
C GLN B 91 -8.23 41.14 -7.89
N LEU B 92 -8.13 41.72 -6.69
CA LEU B 92 -7.34 42.93 -6.53
C LEU B 92 -5.87 42.67 -6.81
N ARG B 93 -5.35 41.52 -6.42
CA ARG B 93 -3.94 41.20 -6.66
C ARG B 93 -3.65 41.08 -8.15
N ARG B 94 -4.55 40.43 -8.90
CA ARG B 94 -4.39 40.34 -10.34
C ARG B 94 -4.49 41.72 -10.98
N GLU B 95 -5.39 42.56 -10.45
CA GLU B 95 -5.68 43.84 -11.08
C GLU B 95 -4.55 44.86 -10.85
N TYR B 96 -4.10 45.01 -9.61
CA TYR B 96 -3.25 46.13 -9.23
C TYR B 96 -1.87 45.80 -8.65
N PHE B 97 -1.53 44.53 -8.40
CA PHE B 97 -0.32 44.26 -7.65
C PHE B 97 0.63 43.26 -8.32
N GLY B 98 1.91 43.49 -8.06
CA GLY B 98 2.94 42.51 -8.36
C GLY B 98 3.84 42.39 -7.16
N PHE B 99 4.44 41.21 -7.00
CA PHE B 99 5.17 40.90 -5.77
C PHE B 99 6.60 40.46 -6.05
N ILE B 100 7.53 40.92 -5.20
CA ILE B 100 8.92 40.47 -5.21
C ILE B 100 9.30 40.12 -3.78
N PHE B 101 9.96 38.97 -3.61
CA PHE B 101 10.27 38.43 -2.30
C PHE B 101 11.79 38.41 -2.10
N GLN B 102 12.20 38.48 -0.83
CA GLN B 102 13.62 38.53 -0.50
C GLN B 102 14.36 37.35 -1.10
N ARG B 103 13.80 36.15 -0.96
CA ARG B 103 14.41 34.92 -1.44
C ARG B 103 14.03 34.59 -2.88
N TYR B 104 13.40 35.52 -3.60
CA TYR B 104 13.06 35.37 -5.02
C TYR B 104 12.36 34.03 -5.28
N HIS B 105 11.13 33.97 -4.78
CA HIS B 105 10.36 32.73 -4.81
C HIS B 105 9.91 32.38 -6.22
N LEU B 106 10.77 31.68 -6.96
CA LEU B 106 10.43 31.13 -8.26
C LEU B 106 10.00 29.67 -8.13
N LEU B 107 9.29 29.19 -9.14
CA LEU B 107 8.78 27.82 -9.14
C LEU B 107 9.83 26.94 -9.81
N GLY B 108 10.49 26.09 -9.01
CA GLY B 108 11.62 25.32 -9.50
C GLY B 108 11.31 24.44 -10.70
N ASP B 109 10.04 24.04 -10.86
CA ASP B 109 9.68 23.14 -11.95
C ASP B 109 9.56 23.84 -13.29
N LEU B 110 9.30 25.14 -13.30
CA LEU B 110 9.08 25.89 -14.53
C LEU B 110 10.37 26.57 -14.97
N SER B 111 10.37 27.02 -16.22
CA SER B 111 11.45 27.87 -16.68
C SER B 111 11.18 29.31 -16.28
N ALA B 112 12.16 30.18 -16.55
CA ALA B 112 11.94 31.61 -16.33
C ALA B 112 10.68 32.07 -17.04
N GLU B 113 10.55 31.73 -18.33
CA GLU B 113 9.36 32.09 -19.10
C GLU B 113 8.09 31.59 -18.43
N GLY B 114 8.08 30.34 -17.96
CA GLY B 114 6.89 29.82 -17.30
C GLY B 114 6.52 30.59 -16.04
N ASN B 115 7.52 30.83 -15.18
CA ASN B 115 7.27 31.61 -13.97
C ASN B 115 6.70 32.98 -14.32
N VAL B 116 7.21 33.59 -15.38
CA VAL B 116 6.68 34.88 -15.81
C VAL B 116 5.22 34.72 -16.26
N GLU B 117 4.90 33.61 -16.92
CA GLU B 117 3.54 33.42 -17.44
C GLU B 117 2.50 33.21 -16.34
N VAL B 118 2.87 32.55 -15.25
CA VAL B 118 1.93 32.12 -14.20
C VAL B 118 0.83 33.15 -13.91
N PRO B 119 1.17 34.43 -13.61
CA PRO B 119 0.09 35.40 -13.37
C PRO B 119 -0.85 35.59 -14.54
N ALA B 120 -0.35 35.50 -15.77
CA ALA B 120 -1.25 35.60 -16.92
C ALA B 120 -2.15 34.38 -17.02
N VAL B 121 -1.65 33.21 -16.61
CA VAL B 121 -2.49 32.01 -16.53
C VAL B 121 -3.65 32.26 -15.58
N TYR B 122 -3.38 32.82 -14.40
CA TYR B 122 -4.49 33.05 -13.46
C TYR B 122 -5.46 34.11 -13.97
N ALA B 123 -4.97 35.12 -14.69
CA ALA B 123 -5.89 36.06 -15.30
C ALA B 123 -6.42 35.49 -16.61
N GLY B 124 -7.36 36.19 -17.21
CA GLY B 124 -7.92 35.77 -18.47
C GLY B 124 -7.08 36.23 -19.65
N VAL B 125 -5.86 35.73 -19.77
CA VAL B 125 -4.91 36.18 -20.79
C VAL B 125 -4.66 35.08 -21.81
N THR B 126 -4.77 35.43 -23.09
CA THR B 126 -4.47 34.59 -24.24
C THR B 126 -3.10 33.94 -24.11
N PRO B 127 -3.01 32.60 -24.13
CA PRO B 127 -1.70 31.96 -23.96
C PRO B 127 -0.61 32.40 -24.94
N ALA B 128 -0.95 32.62 -26.22
CA ALA B 128 0.06 33.06 -27.17
C ALA B 128 0.55 34.47 -26.83
N ASP B 129 -0.38 35.37 -26.49
CA ASP B 129 0.00 36.74 -26.18
C ASP B 129 0.82 36.80 -24.90
N ARG B 130 0.50 35.95 -23.93
CA ARG B 130 1.26 35.95 -22.69
C ARG B 130 2.63 35.31 -22.87
N LYS B 131 2.77 34.36 -23.80
CA LYS B 131 4.11 33.89 -24.16
C LYS B 131 4.94 35.04 -24.73
N GLN B 132 4.37 35.78 -25.68
CA GLN B 132 5.09 36.94 -26.22
C GLN B 132 5.49 37.89 -25.10
N ARG B 133 4.56 38.24 -24.22
CA ARG B 133 4.88 39.18 -23.14
C ARG B 133 5.98 38.63 -22.24
N ALA B 134 5.95 37.33 -21.94
CA ALA B 134 6.95 36.74 -21.06
C ALA B 134 8.34 36.85 -21.65
N THR B 135 8.51 36.46 -22.92
CA THR B 135 9.83 36.53 -23.51
C THR B 135 10.26 37.98 -23.74
N ALA B 136 9.31 38.87 -24.00
CA ALA B 136 9.64 40.28 -24.16
C ALA B 136 10.14 40.89 -22.86
N LEU B 137 9.43 40.65 -21.76
CA LEU B 137 9.85 41.20 -20.48
C LEU B 137 11.17 40.59 -20.02
N LEU B 138 11.37 39.30 -20.26
CA LEU B 138 12.65 38.69 -19.89
C LEU B 138 13.80 39.25 -20.73
N THR B 139 13.54 39.54 -22.01
CA THR B 139 14.57 40.16 -22.83
C THR B 139 14.87 41.58 -22.36
N GLU B 140 13.83 42.35 -22.01
CA GLU B 140 14.05 43.71 -21.54
C GLU B 140 14.93 43.75 -20.29
N LEU B 141 14.79 42.75 -19.41
CA LEU B 141 15.56 42.68 -18.18
C LEU B 141 16.85 41.89 -18.32
N GLY B 142 17.33 41.67 -19.54
CA GLY B 142 18.62 41.05 -19.73
C GLY B 142 18.66 39.55 -19.60
N LEU B 143 17.52 38.88 -19.67
CA LEU B 143 17.46 37.43 -19.58
C LEU B 143 16.97 36.80 -20.89
N GLY B 144 17.28 37.44 -22.02
CA GLY B 144 16.85 36.91 -23.30
C GLY B 144 17.48 35.58 -23.65
N THR B 145 18.73 35.35 -23.23
CA THR B 145 19.40 34.09 -23.49
C THR B 145 19.18 33.06 -22.40
N LYS B 146 18.67 33.48 -21.24
CA LYS B 146 18.37 32.58 -20.14
C LYS B 146 16.88 32.27 -20.05
N THR B 147 16.12 32.64 -21.09
CA THR B 147 14.67 32.48 -21.10
C THR B 147 14.22 31.11 -20.62
N GLN B 148 14.90 30.05 -21.08
CA GLN B 148 14.45 28.69 -20.80
C GLN B 148 15.08 28.09 -19.55
N ASN B 149 15.92 28.83 -18.84
CA ASN B 149 16.59 28.27 -17.67
C ASN B 149 15.60 28.05 -16.53
N ARG B 150 15.82 26.97 -15.79
CA ARG B 150 15.07 26.71 -14.57
C ARG B 150 15.72 27.48 -13.42
N PRO B 151 14.96 27.78 -12.36
CA PRO B 151 15.53 28.56 -11.25
C PRO B 151 16.86 28.04 -10.74
N SER B 152 17.06 26.72 -10.70
CA SER B 152 18.34 26.17 -10.28
C SER B 152 19.48 26.52 -11.24
N GLN B 153 19.16 27.01 -12.44
CA GLN B 153 20.16 27.38 -13.42
C GLN B 153 20.39 28.88 -13.51
N LEU B 154 19.94 29.63 -12.49
CA LEU B 154 20.04 31.08 -12.48
C LEU B 154 20.65 31.55 -11.17
N SER B 155 21.37 32.66 -11.24
CA SER B 155 21.92 33.26 -10.04
C SER B 155 20.85 34.05 -9.29
N GLY B 156 21.15 34.38 -8.04
CA GLY B 156 20.19 35.11 -7.22
C GLY B 156 19.66 36.35 -7.93
N GLY B 157 20.55 37.14 -8.51
CA GLY B 157 20.12 38.31 -9.25
C GLY B 157 19.29 37.96 -10.46
N GLN B 158 19.67 36.91 -11.17
CA GLN B 158 18.91 36.51 -12.35
C GLN B 158 17.52 36.04 -11.98
N GLN B 159 17.41 35.29 -10.88
CA GLN B 159 16.09 34.88 -10.41
C GLN B 159 15.27 36.11 -10.00
N GLN B 160 15.92 37.08 -9.36
CA GLN B 160 15.20 38.27 -8.92
C GLN B 160 14.69 39.08 -10.11
N ARG B 161 15.48 39.15 -11.20
CA ARG B 161 14.97 39.79 -12.41
C ARG B 161 13.82 38.99 -13.02
N VAL B 162 13.90 37.66 -12.95
CA VAL B 162 12.78 36.84 -13.39
C VAL B 162 11.51 37.23 -12.65
N SER B 163 11.59 37.34 -11.32
CA SER B 163 10.40 37.69 -10.54
C SER B 163 9.98 39.14 -10.75
N ILE B 164 10.90 40.01 -11.19
CA ILE B 164 10.50 41.35 -11.61
C ILE B 164 9.62 41.27 -12.84
N ALA B 165 10.09 40.55 -13.86
CA ALA B 165 9.27 40.36 -15.06
C ALA B 165 7.93 39.71 -14.73
N ARG B 166 7.96 38.75 -13.80
CA ARG B 166 6.71 38.11 -13.35
C ARG B 166 5.75 39.13 -12.76
N ALA B 167 6.25 40.00 -11.87
CA ALA B 167 5.39 41.03 -11.31
C ALA B 167 4.88 41.97 -12.39
N LEU B 168 5.67 42.23 -13.43
CA LEU B 168 5.25 43.11 -14.51
C LEU B 168 4.27 42.45 -15.49
N MET B 169 4.15 41.11 -15.46
CA MET B 169 3.33 40.42 -16.46
C MET B 169 1.90 40.92 -16.47
N ASN B 170 1.26 40.98 -15.31
CA ASN B 170 -0.14 41.36 -15.22
C ASN B 170 -0.34 42.86 -15.05
N GLY B 171 0.66 43.66 -15.41
CA GLY B 171 0.52 45.11 -15.38
C GLY B 171 1.55 45.84 -14.55
N GLY B 172 1.86 45.31 -13.36
CA GLY B 172 2.86 45.97 -12.53
C GLY B 172 2.40 47.25 -11.87
N ASP B 173 1.09 47.45 -11.71
CA ASP B 173 0.56 48.67 -11.12
C ASP B 173 1.26 49.05 -9.82
N VAL B 174 1.17 48.18 -8.81
CA VAL B 174 1.84 48.40 -7.52
C VAL B 174 2.75 47.22 -7.25
N ILE B 175 4.06 47.44 -7.34
CA ILE B 175 5.06 46.43 -7.08
C ILE B 175 5.49 46.53 -5.62
N LEU B 176 5.17 45.50 -4.84
CA LEU B 176 5.61 45.39 -3.45
C LEU B 176 6.86 44.52 -3.39
N ALA B 177 7.97 45.09 -2.93
CA ALA B 177 9.24 44.37 -2.87
C ALA B 177 9.64 44.25 -1.40
N ASP B 178 9.75 43.01 -0.91
CA ASP B 178 10.08 42.75 0.49
C ASP B 178 11.55 42.41 0.57
N GLU B 179 12.35 43.36 1.02
CA GLU B 179 13.79 43.21 1.16
C GLU B 179 14.41 42.56 -0.08
N PRO B 180 14.14 43.11 -1.28
CA PRO B 180 14.60 42.43 -2.51
C PRO B 180 16.09 42.19 -2.56
N THR B 181 16.89 43.09 -1.99
CA THR B 181 18.34 42.96 -2.00
C THR B 181 18.87 42.33 -0.72
N GLY B 182 18.11 41.41 -0.11
CA GLY B 182 18.55 40.80 1.12
C GLY B 182 19.31 39.51 0.92
N ALA B 183 18.90 38.74 -0.07
CA ALA B 183 19.56 37.47 -0.33
C ALA B 183 20.78 37.66 -1.23
N LEU B 184 20.69 38.56 -2.21
CA LEU B 184 21.71 38.71 -3.23
C LEU B 184 22.76 39.78 -2.86
N ASP B 185 23.87 39.72 -3.58
CA ASP B 185 25.11 40.44 -3.28
C ASP B 185 25.00 41.93 -3.63
N SER B 186 26.14 42.63 -3.50
CA SER B 186 26.19 44.08 -3.69
C SER B 186 25.88 44.47 -5.13
N HIS B 187 26.63 43.93 -6.08
CA HIS B 187 26.47 44.32 -7.49
C HIS B 187 25.03 44.05 -7.97
N SER B 188 24.54 42.83 -7.76
CA SER B 188 23.20 42.50 -8.24
C SER B 188 22.12 43.23 -7.45
N GLY B 189 22.41 43.65 -6.22
CA GLY B 189 21.51 44.55 -5.53
C GLY B 189 21.44 45.90 -6.22
N VAL B 190 22.60 46.44 -6.61
CA VAL B 190 22.62 47.67 -7.39
C VAL B 190 21.77 47.51 -8.64
N GLU B 191 21.89 46.37 -9.32
CA GLU B 191 21.12 46.18 -10.54
C GLU B 191 19.62 46.07 -10.28
N VAL B 192 19.22 45.33 -9.23
CA VAL B 192 17.80 45.22 -8.91
C VAL B 192 17.21 46.59 -8.59
N MET B 193 17.93 47.38 -7.78
CA MET B 193 17.42 48.69 -7.41
C MET B 193 17.40 49.64 -8.61
N ARG B 194 18.39 49.54 -9.49
CA ARG B 194 18.36 50.32 -10.73
C ARG B 194 17.09 50.01 -11.52
N ILE B 195 16.80 48.72 -11.72
CA ILE B 195 15.61 48.33 -12.46
C ILE B 195 14.35 48.88 -11.80
N LEU B 196 14.26 48.76 -10.48
CA LEU B 196 13.09 49.27 -9.78
C LEU B 196 12.93 50.77 -9.97
N ARG B 197 14.03 51.53 -9.83
CA ARG B 197 13.93 52.97 -10.03
C ARG B 197 13.48 53.30 -11.45
N GLU B 198 14.01 52.59 -12.44
CA GLU B 198 13.62 52.85 -13.83
C GLU B 198 12.13 52.57 -14.03
N LEU B 199 11.61 51.53 -13.38
CA LEU B 199 10.18 51.27 -13.43
C LEU B 199 9.39 52.40 -12.78
N ASN B 200 9.89 52.94 -11.67
CA ASN B 200 9.23 54.07 -11.03
C ASN B 200 9.20 55.28 -11.96
N ALA B 201 10.33 55.57 -12.62
CA ALA B 201 10.35 56.63 -13.61
C ALA B 201 9.33 56.38 -14.71
N ALA B 202 9.14 55.12 -15.10
CA ALA B 202 8.15 54.79 -16.11
C ALA B 202 6.72 54.89 -15.60
N GLY B 203 6.51 55.14 -14.30
CA GLY B 203 5.17 55.28 -13.76
C GLY B 203 4.74 54.22 -12.80
N HIS B 204 5.56 53.20 -12.54
CA HIS B 204 5.15 52.13 -11.64
C HIS B 204 5.17 52.58 -10.19
N THR B 205 4.10 52.29 -9.47
CA THR B 205 4.07 52.52 -8.02
C THR B 205 4.84 51.40 -7.36
N ILE B 206 5.81 51.76 -6.51
CA ILE B 206 6.70 50.78 -5.90
C ILE B 206 6.76 51.03 -4.40
N ILE B 207 6.45 50.00 -3.62
CA ILE B 207 6.60 50.04 -2.17
C ILE B 207 7.68 49.05 -1.78
N LEU B 208 8.76 49.57 -1.21
CA LEU B 208 9.92 48.80 -0.80
C LEU B 208 9.91 48.68 0.72
N VAL B 209 10.05 47.45 1.23
CA VAL B 209 10.06 47.22 2.67
C VAL B 209 11.43 46.67 3.05
N THR B 210 12.08 47.29 4.03
CA THR B 210 13.43 46.90 4.39
C THR B 210 13.69 47.23 5.85
N HIS B 211 14.89 46.88 6.30
CA HIS B 211 15.42 47.20 7.61
C HIS B 211 16.78 47.87 7.48
N ASP B 212 17.30 47.98 6.27
CA ASP B 212 18.60 48.57 5.98
C ASP B 212 18.32 49.94 5.39
N MET B 213 18.56 50.99 6.18
CA MET B 213 18.28 52.35 5.72
C MET B 213 19.01 52.67 4.44
N GLN B 214 20.19 52.07 4.21
CA GLN B 214 20.92 52.34 2.98
C GLN B 214 20.21 51.76 1.76
N VAL B 215 19.33 50.80 1.97
CA VAL B 215 18.45 50.33 0.90
C VAL B 215 17.27 51.27 0.74
N ALA B 216 16.66 51.66 1.87
CA ALA B 216 15.52 52.58 1.83
C ALA B 216 15.86 53.86 1.08
N LYS B 217 17.10 54.35 1.25
CA LYS B 217 17.57 55.56 0.58
C LYS B 217 17.48 55.49 -0.94
N ASN B 218 17.23 54.30 -1.51
CA ASN B 218 16.97 54.22 -2.95
C ASN B 218 15.60 54.80 -3.31
N ALA B 219 14.72 54.99 -2.34
CA ALA B 219 13.39 55.50 -2.61
C ALA B 219 13.37 57.03 -2.61
N THR B 220 12.26 57.58 -3.09
CA THR B 220 12.05 59.02 -3.03
C THR B 220 11.21 59.44 -1.84
N ARG B 221 10.51 58.51 -1.21
CA ARG B 221 9.76 58.77 0.02
C ARG B 221 10.11 57.68 1.01
N ILE B 222 10.54 58.07 2.20
CA ILE B 222 10.98 57.11 3.22
C ILE B 222 10.06 57.22 4.43
N ILE B 223 9.26 56.20 4.64
CA ILE B 223 8.37 56.06 5.79
C ILE B 223 9.02 55.09 6.76
N GLU B 224 9.29 55.55 7.96
CA GLU B 224 9.92 54.74 8.99
C GLU B 224 8.88 54.30 9.99
N ILE B 225 8.88 53.01 10.31
CA ILE B 225 7.89 52.39 11.18
C ILE B 225 8.61 51.73 12.34
N SER B 226 8.02 51.82 13.53
CA SER B 226 8.61 51.28 14.73
C SER B 226 7.49 50.95 15.71
N ASP B 227 7.57 49.75 16.29
CA ASP B 227 6.60 49.28 17.28
C ASP B 227 5.16 49.52 16.82
N GLY B 228 4.90 49.24 15.54
CA GLY B 228 3.55 49.30 15.02
C GLY B 228 3.06 50.67 14.59
N GLU B 229 3.87 51.72 14.75
CA GLU B 229 3.43 53.07 14.42
C GLU B 229 4.43 53.70 13.47
N ILE B 230 3.95 54.60 12.62
CA ILE B 230 4.82 55.35 11.74
C ILE B 230 5.40 56.53 12.50
N ILE B 231 6.73 56.68 12.44
CA ILE B 231 7.42 57.72 13.19
C ILE B 231 8.14 58.72 12.30
N SER B 232 8.30 58.42 11.00
CA SER B 232 8.95 59.34 10.08
C SER B 232 8.31 59.22 8.71
N ASP B 233 8.20 60.36 8.02
CA ASP B 233 7.67 60.37 6.65
C ASP B 233 8.28 61.59 5.95
N ARG B 234 9.36 61.36 5.20
CA ARG B 234 10.12 62.44 4.60
C ARG B 234 10.50 62.09 3.17
N PRO B 235 10.53 63.08 2.28
CA PRO B 235 11.05 62.85 0.93
C PRO B 235 12.56 62.68 0.95
N ASN B 236 13.08 62.09 -0.14
CA ASN B 236 14.49 61.77 -0.24
C ASN B 236 14.90 61.74 -1.70
N VAL B 237 16.16 62.11 -1.96
CA VAL B 237 16.76 62.00 -3.29
C VAL B 237 17.95 61.05 -3.20
N PRO B 238 17.93 59.94 -3.93
CA PRO B 238 19.05 59.00 -3.89
C PRO B 238 20.37 59.62 -4.33
N ASP B 239 21.47 59.08 -3.78
CA ASP B 239 22.80 59.54 -4.15
C ASP B 239 23.17 59.15 -5.57
N GLN B 240 22.64 58.02 -6.05
CA GLN B 240 23.01 57.48 -7.35
C GLN B 240 22.19 58.06 -8.48
N SER B 241 21.36 59.08 -8.21
CA SER B 241 20.67 59.77 -9.28
C SER B 241 21.64 60.56 -10.15
N LEU B 242 22.84 60.85 -9.62
CA LEU B 242 23.90 61.44 -10.42
C LEU B 242 24.57 60.39 -11.29
N GLU B 243 24.68 59.16 -10.78
CA GLU B 243 25.30 58.07 -11.52
C GLU B 243 24.43 57.63 -12.69
N GLU B 244 23.13 57.45 -12.44
CA GLU B 244 22.18 56.98 -13.44
C GLU B 244 21.64 58.19 -14.23
N VAL B 245 22.24 58.44 -15.39
CA VAL B 245 21.84 59.55 -16.25
C VAL B 245 20.73 59.15 -17.22
N LYS B 246 20.19 57.93 -17.05
CA LYS B 246 19.15 57.37 -17.92
C LYS B 246 19.60 57.32 -19.39
N SER B 247 20.62 56.50 -19.65
CA SER B 247 21.06 56.26 -21.01
C SER B 247 20.32 55.09 -21.68
N ASP B 248 19.43 54.41 -20.96
CA ASP B 248 18.65 53.30 -21.52
C ASP B 248 17.23 53.41 -20.99
N PRO B 249 16.35 54.12 -21.70
CA PRO B 249 15.03 54.45 -21.16
C PRO B 249 14.09 53.26 -21.01
N ASP B 250 14.24 52.48 -19.93
CA ASP B 250 13.30 51.40 -19.63
C ASP B 250 11.97 52.03 -19.25
N ALA B 251 11.03 52.07 -20.20
CA ALA B 251 9.69 52.63 -19.97
C ALA B 251 8.66 51.61 -20.42
N ALA B 252 8.34 50.68 -19.52
CA ALA B 252 7.40 49.59 -19.81
C ALA B 252 6.25 49.55 -18.78
N PRO B 253 5.48 50.63 -18.65
CA PRO B 253 4.33 50.59 -17.76
C PRO B 253 3.18 49.78 -18.35
N ALA B 254 2.35 49.25 -17.47
CA ALA B 254 1.17 48.50 -17.88
C ALA B 254 0.11 48.48 -16.79
N ALA B 267 -19.88 29.85 -14.66
CA ALA B 267 -18.54 29.29 -14.87
C ALA B 267 -18.52 28.33 -16.05
N TRP B 268 -18.41 28.87 -17.27
CA TRP B 268 -18.40 28.04 -18.46
C TRP B 268 -17.41 28.47 -19.54
N ARG B 269 -16.79 29.65 -19.44
CA ARG B 269 -16.02 30.21 -20.57
C ARG B 269 -14.53 29.90 -20.55
N SER B 270 -13.80 30.51 -19.62
CA SER B 270 -12.35 30.37 -19.52
C SER B 270 -11.94 29.38 -18.46
N THR B 271 -12.90 28.86 -17.69
CA THR B 271 -12.61 27.80 -16.73
C THR B 271 -11.93 26.62 -17.41
N LEU B 272 -12.34 26.32 -18.64
CA LEU B 272 -11.75 25.22 -19.40
C LEU B 272 -10.27 25.48 -19.66
N ASP B 273 -9.90 26.73 -19.95
CA ASP B 273 -8.50 27.05 -20.24
C ASP B 273 -7.64 26.86 -18.99
N ARG B 274 -8.15 27.28 -17.84
CA ARG B 274 -7.43 27.08 -16.58
C ARG B 274 -7.41 25.61 -16.18
N LEU B 275 -8.42 24.83 -16.60
CA LEU B 275 -8.35 23.38 -16.41
C LEU B 275 -7.25 22.78 -17.26
N SER B 276 -7.10 23.24 -18.51
CA SER B 276 -5.97 22.83 -19.33
C SER B 276 -4.66 23.14 -18.65
N GLU B 277 -4.52 24.36 -18.13
CA GLU B 277 -3.27 24.71 -17.44
C GLU B 277 -3.08 23.91 -16.16
N ALA B 278 -4.16 23.62 -15.43
CA ALA B 278 -4.05 22.81 -14.21
C ALA B 278 -3.58 21.40 -14.54
N PHE B 279 -4.14 20.82 -15.61
CA PHE B 279 -3.65 19.54 -16.11
C PHE B 279 -2.17 19.61 -16.45
N GLN B 280 -1.77 20.64 -17.20
CA GLN B 280 -0.37 20.77 -17.58
C GLN B 280 0.54 20.90 -16.36
N MET B 281 0.12 21.68 -15.36
CA MET B 281 0.93 21.86 -14.17
C MET B 281 1.06 20.56 -13.39
N ALA B 282 -0.05 19.82 -13.23
CA ALA B 282 0.03 18.51 -12.59
C ALA B 282 0.95 17.58 -13.36
N LEU B 283 0.87 17.62 -14.69
CA LEU B 283 1.71 16.77 -15.53
C LEU B 283 3.18 17.10 -15.32
N LEU B 284 3.53 18.39 -15.32
CA LEU B 284 4.91 18.80 -15.08
C LEU B 284 5.36 18.42 -13.68
N SER B 285 4.47 18.51 -12.69
CA SER B 285 4.84 18.08 -11.34
C SER B 285 5.10 16.58 -11.29
N MET B 286 4.41 15.81 -12.14
CA MET B 286 4.73 14.40 -12.26
C MET B 286 6.10 14.21 -12.89
N ASN B 287 6.41 14.98 -13.93
CA ASN B 287 7.72 14.87 -14.56
C ASN B 287 8.84 15.30 -13.60
N ALA B 288 8.56 16.23 -12.70
CA ALA B 288 9.57 16.71 -11.76
C ALA B 288 9.97 15.60 -10.78
N HIS B 289 8.99 14.86 -10.26
CA HIS B 289 9.25 13.81 -9.28
C HIS B 289 8.84 12.50 -9.93
N ARG B 290 9.75 11.94 -10.75
CA ARG B 290 9.41 10.75 -11.52
C ARG B 290 9.37 9.50 -10.65
N MET B 291 10.32 9.36 -9.72
CA MET B 291 10.30 8.20 -8.83
C MET B 291 9.05 8.22 -7.95
N ARG B 292 8.73 9.36 -7.36
CA ARG B 292 7.52 9.51 -6.57
C ARG B 292 6.28 9.12 -7.37
N THR B 293 6.16 9.70 -8.58
CA THR B 293 5.04 9.37 -9.46
C THR B 293 4.98 7.87 -9.73
N PHE B 294 6.12 7.27 -10.05
CA PHE B 294 6.17 5.85 -10.33
C PHE B 294 5.70 5.02 -9.16
N LEU B 295 6.17 5.31 -7.94
CA LEU B 295 5.79 4.52 -6.78
C LEU B 295 4.31 4.67 -6.46
N THR B 296 3.83 5.91 -6.43
CA THR B 296 2.42 6.17 -6.14
C THR B 296 1.53 5.47 -7.15
N MET B 297 1.88 5.61 -8.44
CA MET B 297 1.14 4.91 -9.48
C MET B 297 1.26 3.40 -9.32
N LEU B 298 2.45 2.92 -8.97
CA LEU B 298 2.71 1.50 -8.79
C LEU B 298 1.73 0.85 -7.82
N GLY B 299 1.50 1.48 -6.67
CA GLY B 299 0.53 0.93 -5.73
C GLY B 299 -0.83 0.69 -6.37
N ILE B 300 -1.29 1.65 -7.17
CA ILE B 300 -2.57 1.51 -7.85
C ILE B 300 -2.49 0.44 -8.94
N ILE B 301 -1.34 0.33 -9.61
CA ILE B 301 -1.18 -0.69 -10.66
C ILE B 301 -1.29 -2.09 -10.05
N ILE B 302 -0.58 -2.33 -8.95
CA ILE B 302 -0.67 -3.61 -8.27
C ILE B 302 -2.10 -3.85 -7.77
N GLY B 303 -2.74 -2.82 -7.23
CA GLY B 303 -4.10 -3.01 -6.75
C GLY B 303 -5.09 -3.38 -7.84
N ILE B 304 -5.17 -2.55 -8.87
CA ILE B 304 -6.09 -2.79 -9.99
C ILE B 304 -5.76 -4.11 -10.69
N ALA B 305 -4.47 -4.41 -10.85
CA ALA B 305 -4.10 -5.65 -11.51
C ALA B 305 -4.51 -6.86 -10.68
N SER B 306 -4.35 -6.78 -9.35
CA SER B 306 -4.75 -7.89 -8.50
C SER B 306 -6.26 -8.07 -8.48
N VAL B 307 -7.02 -6.99 -8.47
CA VAL B 307 -8.48 -7.12 -8.43
C VAL B 307 -9.01 -7.65 -9.76
N VAL B 308 -8.61 -7.02 -10.87
CA VAL B 308 -9.08 -7.49 -12.17
C VAL B 308 -8.62 -8.91 -12.43
N THR B 309 -7.39 -9.23 -12.01
CA THR B 309 -6.87 -10.59 -12.15
C THR B 309 -7.70 -11.60 -11.36
N VAL B 310 -7.92 -11.34 -10.06
CA VAL B 310 -8.70 -12.27 -9.24
C VAL B 310 -10.10 -12.45 -9.82
N VAL B 311 -10.75 -11.35 -10.20
CA VAL B 311 -12.11 -11.44 -10.76
C VAL B 311 -12.11 -12.28 -12.02
N ALA B 312 -11.15 -12.03 -12.93
CA ALA B 312 -11.10 -12.77 -14.18
C ALA B 312 -10.75 -14.24 -13.95
N LEU B 313 -9.93 -14.52 -12.94
CA LEU B 313 -9.58 -15.89 -12.61
C LEU B 313 -10.78 -16.66 -12.08
N GLY B 314 -11.50 -16.08 -11.11
CA GLY B 314 -12.68 -16.74 -10.58
C GLY B 314 -13.75 -16.95 -11.64
N ASN B 315 -13.99 -15.93 -12.47
CA ASN B 315 -15.01 -16.05 -13.51
C ASN B 315 -14.61 -17.12 -14.54
N GLY B 316 -13.40 -17.03 -15.07
CA GLY B 316 -12.96 -17.99 -16.07
C GLY B 316 -12.90 -19.41 -15.54
N SER B 317 -12.40 -19.58 -14.31
CA SER B 317 -12.35 -20.91 -13.72
C SER B 317 -13.76 -21.47 -13.55
N GLN B 318 -14.70 -20.64 -13.08
CA GLN B 318 -16.10 -21.07 -13.01
C GLN B 318 -16.58 -21.53 -14.37
N GLN B 319 -16.29 -20.77 -15.43
CA GLN B 319 -16.73 -21.17 -16.76
C GLN B 319 -16.12 -22.50 -17.17
N GLN B 320 -14.84 -22.72 -16.84
CA GLN B 320 -14.18 -23.97 -17.22
C GLN B 320 -14.78 -25.17 -16.49
N ILE B 321 -14.86 -25.09 -15.16
CA ILE B 321 -15.40 -26.17 -14.35
C ILE B 321 -16.86 -26.45 -14.73
N LEU B 322 -17.61 -25.41 -15.12
CA LEU B 322 -18.98 -25.63 -15.57
C LEU B 322 -19.00 -26.33 -16.93
N SER B 323 -18.09 -25.94 -17.83
CA SER B 323 -18.00 -26.60 -19.13
C SER B 323 -17.76 -28.10 -18.96
N ASN B 324 -16.91 -28.49 -18.01
CA ASN B 324 -16.76 -29.93 -17.75
C ASN B 324 -18.05 -30.59 -17.27
N ILE B 325 -19.04 -29.81 -16.83
CA ILE B 325 -20.31 -30.39 -16.43
C ILE B 325 -21.33 -30.37 -17.57
N SER B 326 -21.24 -29.41 -18.48
CA SER B 326 -22.17 -29.34 -19.59
C SER B 326 -22.27 -30.65 -20.39
N SER B 327 -21.29 -31.54 -20.27
CA SER B 327 -21.36 -32.88 -20.85
C SER B 327 -22.37 -33.78 -20.15
N LEU B 328 -22.90 -33.38 -18.99
CA LEU B 328 -23.93 -34.14 -18.29
C LEU B 328 -25.34 -33.77 -18.74
N GLY B 329 -25.47 -32.83 -19.67
CA GLY B 329 -26.75 -32.38 -20.17
C GLY B 329 -27.50 -31.49 -19.19
N THR B 330 -28.72 -31.12 -19.60
CA THR B 330 -29.63 -30.32 -18.80
C THR B 330 -30.79 -31.17 -18.31
N ASN B 331 -31.10 -31.07 -17.02
CA ASN B 331 -32.18 -31.85 -16.38
C ASN B 331 -31.96 -33.35 -16.55
N THR B 332 -30.70 -33.76 -16.62
CA THR B 332 -30.34 -35.16 -16.83
C THR B 332 -29.94 -35.79 -15.49
N ILE B 333 -30.49 -36.96 -15.21
CA ILE B 333 -30.14 -37.75 -14.04
C ILE B 333 -29.34 -38.94 -14.52
N THR B 334 -28.07 -39.00 -14.16
CA THR B 334 -27.23 -40.11 -14.57
C THR B 334 -27.28 -41.20 -13.52
N VAL B 335 -27.52 -42.42 -13.95
CA VAL B 335 -27.61 -43.58 -13.06
C VAL B 335 -26.26 -44.28 -13.13
N PHE B 336 -25.43 -44.04 -12.13
CA PHE B 336 -24.15 -44.72 -12.01
C PHE B 336 -24.35 -46.00 -11.21
N GLN B 337 -23.34 -46.86 -11.25
CA GLN B 337 -23.38 -48.09 -10.48
C GLN B 337 -22.06 -48.30 -9.75
N GLY B 338 -22.15 -49.06 -8.66
CA GLY B 338 -21.03 -49.35 -7.78
C GLY B 338 -19.92 -50.08 -8.52
N ARG B 339 -18.80 -50.31 -7.85
CA ARG B 339 -17.67 -50.99 -8.49
C ARG B 339 -18.10 -52.28 -9.19
N GLY B 340 -18.60 -53.26 -8.43
CA GLY B 340 -19.03 -54.52 -9.01
C GLY B 340 -17.92 -55.45 -9.41
N PHE B 341 -16.66 -55.04 -9.26
CA PHE B 341 -15.51 -55.81 -9.70
C PHE B 341 -14.94 -56.60 -8.53
N GLY B 342 -13.77 -57.19 -8.73
CA GLY B 342 -13.11 -58.00 -7.72
C GLY B 342 -12.58 -59.25 -8.34
N ASP B 343 -13.16 -59.61 -9.49
CA ASP B 343 -12.88 -60.83 -10.23
C ASP B 343 -13.66 -60.76 -11.53
N ASN B 344 -13.26 -61.59 -12.50
CA ASN B 344 -14.00 -61.68 -13.75
C ASN B 344 -15.37 -62.31 -13.52
N SER B 345 -15.43 -63.30 -12.62
CA SER B 345 -16.68 -63.95 -12.27
C SER B 345 -17.55 -63.08 -11.37
N LYS B 346 -16.93 -62.14 -10.65
CA LYS B 346 -17.68 -61.19 -9.85
C LYS B 346 -18.12 -60.01 -10.68
N THR B 347 -17.46 -59.79 -11.82
CA THR B 347 -17.96 -58.84 -12.80
C THR B 347 -19.20 -59.42 -13.47
N ALA B 348 -19.10 -60.68 -13.93
CA ALA B 348 -20.29 -61.32 -14.51
C ALA B 348 -21.41 -61.42 -13.49
N ASN B 349 -21.08 -61.67 -12.21
CA ASN B 349 -22.12 -61.85 -11.21
C ASN B 349 -22.78 -60.54 -10.78
N PHE B 350 -22.00 -59.47 -10.60
CA PHE B 350 -22.51 -58.28 -9.92
C PHE B 350 -22.77 -57.07 -10.81
N LYS B 351 -22.53 -57.15 -12.11
CA LYS B 351 -22.84 -56.03 -13.00
C LYS B 351 -24.31 -56.14 -13.41
N THR B 352 -25.17 -55.68 -12.51
CA THR B 352 -26.61 -55.79 -12.68
C THR B 352 -27.22 -54.67 -13.52
N LEU B 353 -26.48 -53.59 -13.80
CA LEU B 353 -27.01 -52.50 -14.61
C LEU B 353 -26.81 -52.86 -16.08
N VAL B 354 -27.90 -53.12 -16.78
CA VAL B 354 -27.87 -53.63 -18.15
C VAL B 354 -28.79 -52.77 -19.01
N PRO B 355 -28.60 -52.78 -20.33
CA PRO B 355 -29.41 -51.88 -21.18
C PRO B 355 -30.89 -52.16 -21.12
N ALA B 356 -31.30 -53.36 -20.71
CA ALA B 356 -32.71 -53.63 -20.48
C ALA B 356 -33.27 -52.70 -19.40
N ASP B 357 -32.42 -52.28 -18.46
CA ASP B 357 -32.85 -51.32 -17.46
C ASP B 357 -33.17 -49.98 -18.11
N ALA B 358 -32.38 -49.60 -19.11
CA ALA B 358 -32.69 -48.40 -19.87
C ALA B 358 -34.00 -48.56 -20.64
N ASP B 359 -34.24 -49.75 -21.19
CA ASP B 359 -35.52 -50.02 -21.83
C ASP B 359 -36.68 -49.84 -20.85
N ALA B 360 -36.52 -50.31 -19.62
CA ALA B 360 -37.56 -50.14 -18.61
C ALA B 360 -37.74 -48.67 -18.25
N LEU B 361 -36.64 -47.93 -18.06
CA LEU B 361 -36.73 -46.51 -17.77
C LEU B 361 -37.43 -45.75 -18.88
N MET B 362 -37.25 -46.17 -20.12
CA MET B 362 -37.82 -45.50 -21.29
C MET B 362 -39.33 -45.33 -21.19
N THR B 363 -40.02 -46.28 -20.54
CA THR B 363 -41.48 -46.29 -20.49
C THR B 363 -42.06 -45.48 -19.34
N GLN B 364 -41.22 -44.80 -18.57
CA GLN B 364 -41.75 -44.09 -17.40
C GLN B 364 -42.31 -42.73 -17.81
N PRO B 365 -43.35 -42.26 -17.10
CA PRO B 365 -44.01 -41.02 -17.52
C PRO B 365 -43.17 -39.76 -17.38
N TYR B 366 -42.10 -39.80 -16.59
CA TYR B 366 -41.23 -38.64 -16.37
C TYR B 366 -39.97 -38.68 -17.22
N VAL B 367 -39.78 -39.72 -18.02
CA VAL B 367 -38.60 -39.87 -18.87
C VAL B 367 -38.98 -39.46 -20.29
N SER B 368 -38.32 -38.43 -20.81
CA SER B 368 -38.51 -38.03 -22.19
C SER B 368 -37.48 -38.66 -23.12
N ALA B 369 -36.29 -38.96 -22.60
CA ALA B 369 -35.27 -39.62 -23.39
C ALA B 369 -34.34 -40.38 -22.44
N VAL B 370 -33.69 -41.43 -22.97
CA VAL B 370 -32.86 -42.30 -22.17
C VAL B 370 -31.78 -42.88 -23.06
N SER B 371 -30.59 -43.10 -22.49
CA SER B 371 -29.51 -43.71 -23.22
C SER B 371 -28.62 -44.53 -22.29
N PRO B 372 -28.36 -45.79 -22.62
CA PRO B 372 -27.25 -46.49 -22.00
C PRO B 372 -25.95 -45.83 -22.42
N MET B 373 -24.88 -46.17 -21.71
CA MET B 373 -23.58 -45.65 -22.11
C MET B 373 -22.48 -46.59 -21.67
N VAL B 374 -21.66 -47.01 -22.64
CA VAL B 374 -20.41 -47.69 -22.38
C VAL B 374 -19.35 -46.90 -23.13
N SER B 375 -18.09 -47.19 -22.84
CA SER B 375 -17.05 -46.50 -23.58
C SER B 375 -15.77 -47.31 -23.50
N THR B 376 -14.95 -47.17 -24.53
CA THR B 376 -13.65 -47.82 -24.57
C THR B 376 -12.75 -46.96 -25.44
N SER B 377 -11.44 -47.20 -25.36
CA SER B 377 -10.49 -46.39 -26.10
C SER B 377 -9.81 -47.25 -27.14
N LYS B 378 -9.97 -46.89 -28.41
CA LYS B 378 -9.36 -47.62 -29.50
C LYS B 378 -8.60 -46.64 -30.35
N THR B 379 -7.78 -47.14 -31.27
CA THR B 379 -7.04 -46.28 -32.18
C THR B 379 -7.89 -46.00 -33.41
N MET B 380 -8.23 -44.73 -33.63
CA MET B 380 -9.05 -44.34 -34.76
C MET B 380 -8.12 -44.06 -35.93
N ARG B 381 -8.42 -44.70 -37.06
CA ARG B 381 -7.59 -44.65 -38.24
C ARG B 381 -8.40 -44.13 -39.42
N TYR B 382 -7.71 -43.42 -40.30
CA TYR B 382 -8.28 -42.97 -41.57
C TYR B 382 -7.20 -43.31 -42.60
N GLN B 383 -7.28 -42.70 -43.79
CA GLN B 383 -6.46 -43.08 -44.94
C GLN B 383 -5.04 -43.51 -44.53
N GLN B 384 -4.35 -42.64 -43.81
CA GLN B 384 -3.09 -43.00 -43.13
C GLN B 384 -3.02 -42.47 -41.72
N ASN B 385 -3.83 -41.48 -41.37
CA ASN B 385 -3.79 -40.83 -40.06
C ASN B 385 -4.26 -41.79 -38.97
N GLU B 386 -3.61 -41.72 -37.80
CA GLU B 386 -4.05 -42.42 -36.60
C GLU B 386 -4.08 -41.48 -35.41
N ALA B 387 -5.04 -41.70 -34.52
CA ALA B 387 -5.08 -41.03 -33.23
C ALA B 387 -5.99 -41.81 -32.29
N ASN B 388 -5.62 -41.90 -31.03
CA ASN B 388 -6.44 -42.64 -30.08
C ASN B 388 -7.71 -41.86 -29.76
N ALA B 389 -8.83 -42.58 -29.70
CA ALA B 389 -10.13 -41.96 -29.52
C ALA B 389 -10.99 -42.80 -28.58
N THR B 390 -11.89 -42.10 -27.89
CA THR B 390 -12.82 -42.70 -26.94
C THR B 390 -14.14 -42.96 -27.68
N ILE B 391 -14.49 -44.23 -27.79
CA ILE B 391 -15.66 -44.71 -28.51
C ILE B 391 -16.76 -44.91 -27.48
N ASN B 392 -17.82 -44.11 -27.60
CA ASN B 392 -18.95 -44.16 -26.70
C ASN B 392 -20.05 -44.99 -27.34
N GLY B 393 -20.47 -46.05 -26.65
CA GLY B 393 -21.59 -46.84 -27.08
C GLY B 393 -22.83 -46.27 -26.43
N VAL B 394 -23.71 -45.68 -27.24
CA VAL B 394 -24.85 -44.90 -26.77
C VAL B 394 -26.09 -45.28 -27.55
N SER B 395 -27.25 -44.83 -27.05
CA SER B 395 -28.52 -44.97 -27.74
C SER B 395 -28.69 -43.85 -28.77
N ASN B 396 -29.53 -44.11 -29.78
CA ASN B 396 -29.89 -43.07 -30.74
C ASN B 396 -30.48 -41.83 -30.06
N ASP B 397 -31.01 -41.96 -28.85
CA ASP B 397 -31.55 -40.83 -28.12
C ASP B 397 -30.49 -40.03 -27.38
N TYR B 398 -29.27 -40.56 -27.27
CA TYR B 398 -28.23 -39.94 -26.45
C TYR B 398 -28.06 -38.46 -26.72
N PHE B 399 -28.12 -38.08 -28.00
CA PHE B 399 -27.89 -36.69 -28.38
C PHE B 399 -29.00 -35.79 -27.86
N ASP B 400 -30.24 -36.31 -27.77
CA ASP B 400 -31.32 -35.54 -27.16
C ASP B 400 -31.11 -35.37 -25.66
N VAL B 401 -30.62 -36.42 -24.99
CA VAL B 401 -30.43 -36.34 -23.54
C VAL B 401 -29.33 -35.34 -23.22
N LYS B 402 -28.15 -35.52 -23.82
CA LYS B 402 -27.01 -34.65 -23.55
C LYS B 402 -27.18 -33.28 -24.20
N GLY B 403 -28.13 -33.13 -25.11
CA GLY B 403 -28.36 -31.86 -25.77
C GLY B 403 -27.39 -31.54 -26.88
N LEU B 404 -26.75 -32.55 -27.45
CA LEU B 404 -25.80 -32.34 -28.54
C LEU B 404 -26.53 -31.95 -29.82
N VAL B 405 -25.89 -31.10 -30.61
CA VAL B 405 -26.45 -30.58 -31.85
C VAL B 405 -25.63 -31.13 -33.02
N PHE B 406 -26.31 -31.65 -34.04
CA PHE B 406 -25.64 -32.15 -35.22
C PHE B 406 -25.23 -31.02 -36.16
N LYS B 407 -23.95 -31.00 -36.50
CA LYS B 407 -23.42 -30.02 -37.45
C LYS B 407 -23.90 -30.34 -38.87
N ASP B 408 -23.65 -31.56 -39.35
CA ASP B 408 -23.97 -31.94 -40.71
C ASP B 408 -24.95 -33.10 -40.83
N GLY B 409 -24.77 -34.17 -40.06
CA GLY B 409 -25.46 -35.42 -40.35
C GLY B 409 -26.66 -35.68 -39.47
N GLN B 410 -26.77 -36.92 -38.99
CA GLN B 410 -27.94 -37.39 -38.26
C GLN B 410 -27.51 -38.48 -37.28
N THR B 411 -28.47 -38.89 -36.43
CA THR B 411 -28.23 -39.92 -35.43
C THR B 411 -28.47 -41.31 -36.00
N PHE B 412 -28.53 -42.31 -35.12
CA PHE B 412 -28.77 -43.68 -35.55
C PHE B 412 -30.26 -43.89 -35.76
N ASP B 413 -30.60 -44.99 -36.44
CA ASP B 413 -31.96 -45.48 -36.41
C ASP B 413 -32.13 -46.39 -35.20
N GLN B 414 -33.36 -46.46 -34.69
CA GLN B 414 -33.65 -47.45 -33.66
C GLN B 414 -33.42 -48.85 -34.22
N ARG B 415 -33.79 -49.04 -35.48
CA ARG B 415 -33.47 -50.27 -36.20
C ARG B 415 -31.97 -50.53 -36.20
N SER B 416 -31.17 -49.50 -36.48
CA SER B 416 -29.73 -49.67 -36.55
C SER B 416 -29.13 -49.98 -35.18
N VAL B 417 -29.77 -49.51 -34.11
CA VAL B 417 -29.36 -49.95 -32.77
C VAL B 417 -29.70 -51.42 -32.59
N ARG B 418 -30.92 -51.81 -32.95
CA ARG B 418 -31.31 -53.22 -32.87
C ARG B 418 -30.34 -54.11 -33.66
N ASP B 419 -30.02 -53.69 -34.89
CA ASP B 419 -29.25 -54.49 -35.83
C ASP B 419 -27.74 -54.47 -35.56
N ARG B 420 -27.27 -53.88 -34.46
CA ARG B 420 -25.84 -53.81 -34.17
C ARG B 420 -25.09 -53.09 -35.30
N SER B 421 -25.63 -51.94 -35.69
CA SER B 421 -25.08 -51.15 -36.78
C SER B 421 -23.64 -50.70 -36.49
N GLN B 422 -22.87 -50.57 -37.57
CA GLN B 422 -21.54 -49.99 -37.52
C GLN B 422 -21.52 -48.54 -38.01
N ASP B 423 -22.65 -47.85 -37.92
CA ASP B 423 -22.68 -46.41 -38.14
C ASP B 423 -21.91 -45.71 -37.03
N VAL B 424 -21.40 -44.52 -37.33
CA VAL B 424 -20.64 -43.76 -36.35
C VAL B 424 -20.93 -42.27 -36.49
N VAL B 425 -21.08 -41.61 -35.35
CA VAL B 425 -21.17 -40.15 -35.27
C VAL B 425 -19.89 -39.65 -34.62
N ILE B 426 -19.37 -38.53 -35.13
CA ILE B 426 -18.12 -37.97 -34.62
C ILE B 426 -18.35 -36.56 -34.11
N ASP B 427 -17.44 -36.11 -33.25
CA ASP B 427 -17.41 -34.74 -32.76
C ASP B 427 -16.53 -33.89 -33.67
N THR B 428 -16.47 -32.59 -33.36
CA THR B 428 -15.65 -31.69 -34.16
C THR B 428 -14.16 -31.95 -33.98
N ASN B 429 -13.74 -32.40 -32.80
CA ASN B 429 -12.31 -32.63 -32.58
C ASN B 429 -11.77 -33.71 -33.49
N THR B 430 -12.52 -34.81 -33.67
CA THR B 430 -12.10 -35.84 -34.60
C THR B 430 -12.16 -35.35 -36.05
N GLN B 431 -13.10 -34.45 -36.35
CA GLN B 431 -13.13 -33.84 -37.68
C GLN B 431 -11.85 -33.06 -37.94
N LYS B 432 -11.41 -32.28 -36.95
CA LYS B 432 -10.14 -31.57 -37.08
C LYS B 432 -8.97 -32.55 -37.22
N GLN B 433 -9.01 -33.67 -36.47
CA GLN B 433 -7.91 -34.62 -36.51
C GLN B 433 -7.80 -35.33 -37.85
N PHE B 434 -8.92 -35.76 -38.43
CA PHE B 434 -8.91 -36.64 -39.59
C PHE B 434 -9.42 -36.02 -40.88
N PHE B 435 -10.21 -34.94 -40.79
CA PHE B 435 -10.78 -34.32 -41.98
C PHE B 435 -10.40 -32.84 -42.06
N SER B 436 -9.14 -32.56 -41.72
CA SER B 436 -8.61 -31.19 -41.80
C SER B 436 -8.59 -30.66 -43.22
N ASP B 437 -8.63 -31.54 -44.23
CA ASP B 437 -8.55 -31.13 -45.63
C ASP B 437 -9.73 -30.29 -46.06
N GLY B 438 -10.84 -30.37 -45.36
CA GLY B 438 -12.12 -29.93 -45.86
C GLY B 438 -12.94 -31.07 -46.43
N THR B 439 -12.35 -32.26 -46.51
CA THR B 439 -13.07 -33.46 -46.90
C THR B 439 -14.27 -33.69 -45.99
N ASN B 440 -15.44 -33.89 -46.60
CA ASN B 440 -16.66 -34.04 -45.81
C ASN B 440 -16.63 -35.42 -45.15
N PRO B 441 -16.63 -35.50 -43.82
CA PRO B 441 -16.56 -36.82 -43.16
C PRO B 441 -17.74 -37.74 -43.45
N ILE B 442 -18.91 -37.19 -43.78
CA ILE B 442 -20.10 -38.02 -43.93
C ILE B 442 -19.93 -38.98 -45.09
N GLY B 443 -20.21 -40.26 -44.83
CA GLY B 443 -20.03 -41.31 -45.80
C GLY B 443 -18.65 -41.94 -45.79
N GLN B 444 -17.70 -41.33 -45.10
CA GLN B 444 -16.35 -41.85 -45.06
C GLN B 444 -16.26 -42.97 -44.04
N VAL B 445 -15.51 -44.00 -44.37
CA VAL B 445 -15.33 -45.15 -43.49
C VAL B 445 -14.00 -45.00 -42.77
N VAL B 446 -14.06 -45.02 -41.44
CA VAL B 446 -12.89 -44.96 -40.59
C VAL B 446 -12.80 -46.31 -39.89
N LEU B 447 -11.66 -46.56 -39.25
CA LEU B 447 -11.48 -47.83 -38.57
C LEU B 447 -11.13 -47.58 -37.12
N LEU B 448 -11.92 -48.19 -36.24
CA LEU B 448 -11.86 -48.02 -34.79
C LEU B 448 -11.31 -49.33 -34.24
N GLY B 449 -10.01 -49.38 -33.99
CA GLY B 449 -9.45 -50.61 -33.46
C GLY B 449 -9.36 -51.66 -34.54
N SER B 450 -10.39 -52.52 -34.58
CA SER B 450 -10.53 -53.51 -35.64
C SER B 450 -11.91 -53.47 -36.29
N VAL B 451 -12.74 -52.48 -35.95
CA VAL B 451 -14.10 -52.39 -36.43
C VAL B 451 -14.21 -51.19 -37.38
N PRO B 452 -14.55 -51.41 -38.65
CA PRO B 452 -14.83 -50.26 -39.53
C PRO B 452 -16.19 -49.64 -39.21
N ALA B 453 -16.29 -48.34 -39.48
CA ALA B 453 -17.52 -47.61 -39.21
C ALA B 453 -17.67 -46.47 -40.22
N ARG B 454 -18.92 -46.20 -40.60
CA ARG B 454 -19.24 -45.17 -41.58
C ARG B 454 -19.84 -43.96 -40.89
N ILE B 455 -19.30 -42.78 -41.17
CA ILE B 455 -19.70 -41.54 -40.50
C ILE B 455 -21.03 -41.08 -41.07
N ILE B 456 -22.01 -40.88 -40.18
CA ILE B 456 -23.34 -40.42 -40.55
C ILE B 456 -23.65 -39.03 -40.00
N GLY B 457 -22.70 -38.40 -39.32
CA GLY B 457 -22.97 -37.10 -38.75
C GLY B 457 -21.78 -36.60 -37.94
N ILE B 458 -21.76 -35.28 -37.77
CA ILE B 458 -20.77 -34.59 -36.97
C ILE B 458 -21.51 -33.74 -35.94
N VAL B 459 -21.08 -33.83 -34.67
CA VAL B 459 -21.74 -33.19 -33.54
C VAL B 459 -20.87 -32.07 -32.99
N GLU B 460 -21.53 -30.92 -32.64
CA GLU B 460 -20.91 -29.76 -31.99
C GLU B 460 -21.02 -29.89 -30.47
N PRO B 461 -19.90 -29.79 -29.75
CA PRO B 461 -19.89 -30.14 -28.33
C PRO B 461 -20.62 -29.12 -27.44
N GLN B 462 -20.71 -29.49 -26.16
CA GLN B 462 -21.33 -28.67 -25.13
C GLN B 462 -20.37 -27.64 -24.53
N THR B 463 -19.07 -27.89 -24.61
CA THR B 463 -18.04 -27.12 -23.92
C THR B 463 -17.76 -25.79 -24.60
N SER B 464 -17.25 -24.83 -23.80
CA SER B 464 -16.77 -23.56 -24.32
C SER B 464 -15.25 -23.49 -24.30
N GLY B 465 -14.63 -23.68 -23.13
CA GLY B 465 -13.19 -23.73 -23.06
C GLY B 465 -12.67 -25.15 -23.23
N MET B 466 -11.41 -25.27 -23.65
CA MET B 466 -10.85 -26.59 -23.94
C MET B 466 -10.55 -27.35 -22.64
N GLY B 467 -9.73 -26.77 -21.78
CA GLY B 467 -9.37 -27.44 -20.54
C GLY B 467 -8.78 -28.83 -20.81
N SER B 468 -9.51 -29.86 -20.35
CA SER B 468 -9.12 -31.25 -20.53
C SER B 468 -9.70 -31.90 -21.78
N ASP B 469 -10.58 -31.22 -22.51
CA ASP B 469 -11.25 -31.79 -23.68
C ASP B 469 -11.36 -30.72 -24.77
N ASP B 470 -10.55 -30.78 -25.83
CA ASP B 470 -9.36 -31.63 -26.13
C ASP B 470 -9.43 -33.17 -26.12
N THR B 471 -10.61 -33.77 -26.29
CA THR B 471 -10.72 -35.21 -26.43
C THR B 471 -11.38 -35.58 -27.76
N LEU B 472 -11.07 -36.78 -28.26
CA LEU B 472 -11.61 -37.30 -29.52
C LEU B 472 -12.79 -38.22 -29.19
N ASN B 473 -14.01 -37.71 -29.36
CA ASN B 473 -15.22 -38.46 -29.03
C ASN B 473 -15.85 -39.08 -30.27
N VAL B 474 -16.21 -40.36 -30.15
CA VAL B 474 -16.83 -41.16 -31.20
C VAL B 474 -18.09 -41.80 -30.62
N TYR B 475 -19.16 -41.82 -31.42
CA TYR B 475 -20.45 -42.36 -30.96
C TYR B 475 -20.94 -43.43 -31.93
N MET B 476 -21.07 -44.65 -31.42
CA MET B 476 -21.62 -45.80 -32.12
C MET B 476 -22.75 -46.39 -31.28
N PRO B 477 -23.63 -47.18 -31.89
CA PRO B 477 -24.69 -47.84 -31.11
C PRO B 477 -24.13 -48.69 -29.98
N TYR B 478 -24.71 -48.52 -28.78
CA TYR B 478 -24.21 -49.24 -27.61
C TYR B 478 -24.25 -50.74 -27.79
N THR B 479 -25.22 -51.25 -28.55
CA THR B 479 -25.26 -52.69 -28.79
C THR B 479 -24.02 -53.12 -29.58
N THR B 480 -23.54 -52.26 -30.46
CA THR B 480 -22.38 -52.60 -31.28
C THR B 480 -21.10 -52.55 -30.47
N VAL B 481 -20.95 -51.54 -29.61
CA VAL B 481 -19.73 -51.44 -28.81
C VAL B 481 -19.69 -52.58 -27.78
N MET B 482 -20.81 -52.84 -27.11
CA MET B 482 -20.87 -53.97 -26.18
C MET B 482 -20.56 -55.29 -26.88
N SER B 483 -21.13 -55.50 -28.07
CA SER B 483 -20.99 -56.78 -28.76
C SER B 483 -19.60 -56.94 -29.38
N ARG B 484 -19.14 -55.94 -30.12
CA ARG B 484 -18.01 -56.04 -31.03
C ARG B 484 -16.68 -55.65 -30.39
N MET B 485 -16.68 -54.75 -29.40
CA MET B 485 -15.44 -54.18 -28.87
C MET B 485 -15.15 -54.57 -27.43
N LEU B 486 -16.17 -54.77 -26.61
CA LEU B 486 -15.99 -55.04 -25.19
C LEU B 486 -16.23 -56.50 -24.82
N GLY B 487 -17.27 -57.11 -25.36
CA GLY B 487 -17.60 -58.46 -24.99
C GLY B 487 -18.16 -58.48 -23.58
N GLN B 488 -19.23 -57.71 -23.36
CA GLN B 488 -19.84 -57.58 -22.05
C GLN B 488 -21.33 -57.35 -22.20
N ALA B 489 -22.09 -57.75 -21.17
CA ALA B 489 -23.53 -57.66 -21.19
C ALA B 489 -24.10 -56.46 -20.44
N HIS B 490 -23.25 -55.59 -19.89
CA HIS B 490 -23.69 -54.57 -18.95
C HIS B 490 -23.29 -53.18 -19.41
N VAL B 491 -23.93 -52.19 -18.78
CA VAL B 491 -23.79 -50.78 -19.13
C VAL B 491 -23.07 -50.05 -18.01
N ARG B 492 -22.16 -49.14 -18.39
CA ARG B 492 -21.42 -48.36 -17.39
C ARG B 492 -22.35 -47.46 -16.59
N ASN B 493 -23.24 -46.73 -17.27
CA ASN B 493 -24.26 -45.91 -16.61
C ASN B 493 -25.34 -45.56 -17.62
N ILE B 494 -26.44 -45.01 -17.12
CA ILE B 494 -27.61 -44.67 -17.93
C ILE B 494 -28.06 -43.25 -17.63
N VAL B 495 -28.22 -42.44 -18.67
CA VAL B 495 -28.66 -41.05 -18.53
C VAL B 495 -30.12 -40.94 -18.93
N VAL B 496 -30.87 -40.12 -18.21
CA VAL B 496 -32.29 -39.91 -18.45
C VAL B 496 -32.56 -38.40 -18.46
N ARG B 497 -33.33 -37.93 -19.43
CA ARG B 497 -33.76 -36.55 -19.51
C ARG B 497 -35.18 -36.46 -18.98
N ILE B 498 -35.39 -35.63 -17.97
CA ILE B 498 -36.67 -35.55 -17.29
C ILE B 498 -37.54 -34.50 -17.97
N ASN B 499 -38.76 -34.88 -18.36
CA ASN B 499 -39.62 -33.97 -19.10
C ASN B 499 -40.18 -32.88 -18.18
N ASP B 500 -40.46 -31.72 -18.79
CA ASP B 500 -41.17 -30.60 -18.17
C ASP B 500 -40.45 -30.02 -16.96
N LYS B 501 -39.26 -30.54 -16.64
CA LYS B 501 -38.66 -30.33 -15.33
C LYS B 501 -39.62 -30.77 -14.23
N TYR B 502 -40.47 -31.75 -14.56
CA TYR B 502 -41.46 -32.24 -13.60
C TYR B 502 -40.81 -33.02 -12.46
N SER B 503 -40.48 -32.31 -11.39
CA SER B 503 -39.93 -32.90 -10.17
C SER B 503 -38.76 -33.84 -10.48
N THR B 504 -37.67 -33.23 -11.00
CA THR B 504 -36.50 -34.03 -11.33
C THR B 504 -35.93 -34.71 -10.10
N SER B 505 -36.06 -34.06 -8.94
CA SER B 505 -35.61 -34.68 -7.70
C SER B 505 -36.47 -35.88 -7.34
N ALA B 506 -37.78 -35.78 -7.54
CA ALA B 506 -38.65 -36.93 -7.32
C ALA B 506 -38.37 -38.04 -8.34
N ALA B 507 -38.03 -37.65 -9.57
CA ALA B 507 -37.67 -38.63 -10.59
C ALA B 507 -36.44 -39.41 -10.19
N GLU B 508 -35.45 -38.73 -9.59
CA GLU B 508 -34.25 -39.43 -9.12
C GLU B 508 -34.61 -40.57 -8.18
N ASN B 509 -35.47 -40.29 -7.19
CA ASN B 509 -35.89 -41.31 -6.25
C ASN B 509 -36.70 -42.40 -6.94
N ALA B 510 -37.54 -42.02 -7.89
CA ALA B 510 -38.32 -43.02 -8.61
C ALA B 510 -37.43 -43.95 -9.42
N ILE B 511 -36.39 -43.41 -10.06
CA ILE B 511 -35.44 -44.22 -10.82
C ILE B 511 -34.73 -45.19 -9.89
N VAL B 512 -34.31 -44.72 -8.71
CA VAL B 512 -33.64 -45.61 -7.77
C VAL B 512 -34.58 -46.72 -7.31
N ASN B 513 -35.84 -46.37 -7.05
CA ASN B 513 -36.79 -47.38 -6.59
C ASN B 513 -37.05 -48.42 -7.67
N LEU B 514 -37.22 -47.97 -8.91
CA LEU B 514 -37.51 -48.89 -10.01
C LEU B 514 -36.32 -49.81 -10.27
N LEU B 515 -35.13 -49.23 -10.45
CA LEU B 515 -33.95 -50.03 -10.76
C LEU B 515 -33.58 -50.94 -9.60
N THR B 516 -33.80 -50.50 -8.36
CA THR B 516 -33.58 -51.34 -7.20
C THR B 516 -34.57 -52.51 -7.19
N GLN B 517 -35.82 -52.24 -7.59
CA GLN B 517 -36.81 -53.31 -7.66
C GLN B 517 -36.45 -54.32 -8.74
N ARG B 518 -35.88 -53.87 -9.86
CA ARG B 518 -35.51 -54.80 -10.91
C ARG B 518 -34.32 -55.67 -10.50
N HIS B 519 -33.34 -55.08 -9.81
CA HIS B 519 -32.21 -55.83 -9.33
C HIS B 519 -32.55 -56.51 -8.01
N GLY B 520 -31.59 -57.23 -7.45
CA GLY B 520 -31.81 -57.87 -6.17
C GLY B 520 -31.48 -57.01 -4.97
N ALA B 521 -31.15 -55.74 -5.17
CA ALA B 521 -30.76 -54.86 -4.08
C ALA B 521 -30.65 -53.43 -4.60
N GLN B 522 -30.25 -52.55 -3.69
CA GLN B 522 -29.92 -51.14 -3.98
C GLN B 522 -28.45 -51.11 -4.42
N ASP B 523 -28.22 -51.51 -5.66
CA ASP B 523 -26.86 -51.61 -6.17
C ASP B 523 -26.54 -50.52 -7.20
N ILE B 524 -27.26 -49.41 -7.15
CA ILE B 524 -27.12 -48.31 -8.11
C ILE B 524 -27.24 -47.00 -7.34
N PHE B 525 -26.65 -45.94 -7.88
CA PHE B 525 -26.83 -44.62 -7.31
C PHE B 525 -26.98 -43.62 -8.45
N THR B 526 -27.45 -42.42 -8.13
CA THR B 526 -27.72 -41.42 -9.15
C THR B 526 -26.90 -40.17 -8.92
N MET B 527 -26.90 -39.31 -9.95
CA MET B 527 -26.25 -38.01 -9.92
C MET B 527 -27.13 -37.03 -10.69
N ASN B 528 -27.64 -36.03 -9.99
CA ASN B 528 -28.50 -35.00 -10.57
C ASN B 528 -27.64 -33.91 -11.18
N SER B 529 -27.61 -33.83 -12.51
CA SER B 529 -26.76 -32.87 -13.21
C SER B 529 -27.05 -31.43 -12.78
N ASP B 530 -28.33 -31.07 -12.67
CA ASP B 530 -28.67 -29.68 -12.34
C ASP B 530 -28.24 -29.32 -10.93
N SER B 531 -28.40 -30.24 -9.98
CA SER B 531 -27.95 -29.98 -8.62
C SER B 531 -26.44 -29.71 -8.59
N ILE B 532 -25.68 -30.53 -9.31
CA ILE B 532 -24.21 -30.36 -9.34
C ILE B 532 -23.86 -29.03 -9.96
N ARG B 533 -24.45 -28.70 -11.11
CA ARG B 533 -24.20 -27.41 -11.74
C ARG B 533 -24.50 -26.26 -10.80
N GLN B 534 -25.68 -26.28 -10.17
CA GLN B 534 -26.05 -25.20 -9.25
C GLN B 534 -25.05 -25.07 -8.11
N THR B 535 -24.64 -26.20 -7.51
CA THR B 535 -23.66 -26.15 -6.44
C THR B 535 -22.35 -25.54 -6.88
N ILE B 536 -21.87 -25.91 -8.07
CA ILE B 536 -20.61 -25.37 -8.57
C ILE B 536 -20.75 -23.86 -8.81
N GLU B 537 -21.84 -23.45 -9.47
CA GLU B 537 -22.05 -22.03 -9.76
C GLU B 537 -22.02 -21.20 -8.48
N LYS B 538 -22.84 -21.59 -7.49
CA LYS B 538 -22.89 -20.81 -6.26
C LYS B 538 -21.55 -20.83 -5.53
N THR B 539 -20.98 -22.01 -5.34
CA THR B 539 -19.78 -22.10 -4.50
C THR B 539 -18.61 -21.33 -5.10
N THR B 540 -18.37 -21.51 -6.40
CA THR B 540 -17.27 -20.80 -7.04
C THR B 540 -17.54 -19.29 -7.07
N SER B 541 -18.80 -18.89 -7.28
CA SER B 541 -19.12 -17.46 -7.23
C SER B 541 -18.80 -16.87 -5.86
N THR B 542 -19.18 -17.58 -4.78
CA THR B 542 -18.88 -17.11 -3.43
C THR B 542 -17.38 -16.99 -3.21
N MET B 543 -16.61 -17.98 -3.65
CA MET B 543 -15.16 -17.88 -3.48
C MET B 543 -14.60 -16.69 -4.24
N THR B 544 -15.15 -16.43 -5.44
CA THR B 544 -14.74 -15.25 -6.22
C THR B 544 -14.97 -13.97 -5.42
N LEU B 545 -16.14 -13.85 -4.78
CA LEU B 545 -16.43 -12.62 -4.04
C LEU B 545 -15.48 -12.46 -2.84
N LEU B 546 -15.29 -13.51 -2.05
CA LEU B 546 -14.41 -13.39 -0.88
C LEU B 546 -12.99 -13.01 -1.29
N VAL B 547 -12.44 -13.73 -2.28
CA VAL B 547 -11.04 -13.52 -2.65
C VAL B 547 -10.85 -12.16 -3.32
N SER B 548 -11.74 -11.80 -4.24
CA SER B 548 -11.62 -10.50 -4.89
C SER B 548 -11.85 -9.35 -3.93
N ALA B 549 -12.63 -9.57 -2.86
CA ALA B 549 -12.70 -8.57 -1.80
C ALA B 549 -11.34 -8.40 -1.12
N ILE B 550 -10.66 -9.52 -0.86
CA ILE B 550 -9.32 -9.43 -0.28
C ILE B 550 -8.36 -8.67 -1.21
N ALA B 551 -8.48 -8.86 -2.53
CA ALA B 551 -7.68 -8.05 -3.46
C ALA B 551 -8.03 -6.56 -3.36
N VAL B 552 -9.33 -6.27 -3.20
CA VAL B 552 -9.73 -4.88 -3.07
C VAL B 552 -9.12 -4.25 -1.83
N ILE B 553 -8.86 -5.06 -0.79
CA ILE B 553 -8.09 -4.54 0.36
C ILE B 553 -6.78 -3.91 -0.12
N SER B 554 -6.04 -4.65 -0.95
CA SER B 554 -4.82 -4.10 -1.56
C SER B 554 -5.11 -2.78 -2.26
N LEU B 555 -6.15 -2.74 -3.10
CA LEU B 555 -6.46 -1.50 -3.80
C LEU B 555 -6.71 -0.34 -2.81
N VAL B 556 -7.37 -0.63 -1.69
CA VAL B 556 -7.59 0.38 -0.67
C VAL B 556 -6.27 0.91 -0.11
N VAL B 557 -5.34 0.01 0.19
CA VAL B 557 -4.04 0.47 0.70
C VAL B 557 -3.35 1.37 -0.31
N GLY B 558 -3.44 1.01 -1.59
CA GLY B 558 -2.90 1.89 -2.63
C GLY B 558 -3.50 3.28 -2.58
N GLY B 559 -4.82 3.36 -2.47
CA GLY B 559 -5.46 4.66 -2.35
C GLY B 559 -4.97 5.46 -1.15
N ILE B 560 -4.89 4.81 0.01
CA ILE B 560 -4.36 5.46 1.22
C ILE B 560 -2.98 6.04 0.94
N GLY B 561 -2.12 5.26 0.28
CA GLY B 561 -0.81 5.79 -0.10
C GLY B 561 -0.91 7.03 -0.95
N VAL B 562 -1.83 7.03 -1.93
CA VAL B 562 -2.04 8.21 -2.77
C VAL B 562 -2.38 9.42 -1.91
N MET B 563 -3.29 9.26 -0.95
CA MET B 563 -3.64 10.37 -0.07
C MET B 563 -2.42 10.89 0.68
N ASN B 564 -1.66 9.99 1.31
CA ASN B 564 -0.50 10.43 2.08
C ASN B 564 0.45 11.22 1.20
N ILE B 565 0.74 10.71 0.00
CA ILE B 565 1.63 11.42 -0.92
C ILE B 565 1.08 12.79 -1.28
N MET B 566 -0.23 12.89 -1.57
CA MET B 566 -0.77 14.20 -1.94
C MET B 566 -0.68 15.19 -0.79
N LEU B 567 -0.96 14.76 0.44
CA LEU B 567 -0.76 15.65 1.60
C LEU B 567 0.68 16.11 1.68
N VAL B 568 1.63 15.19 1.45
CA VAL B 568 3.04 15.54 1.55
C VAL B 568 3.44 16.51 0.45
N SER B 569 2.90 16.35 -0.76
CA SER B 569 3.22 17.30 -1.83
C SER B 569 2.57 18.65 -1.60
N VAL B 570 1.44 18.69 -0.89
CA VAL B 570 0.88 19.97 -0.48
C VAL B 570 1.81 20.66 0.50
N THR B 571 2.28 19.93 1.51
CA THR B 571 3.25 20.51 2.44
C THR B 571 4.51 20.97 1.71
N GLU B 572 5.06 20.10 0.86
CA GLU B 572 6.26 20.42 0.09
C GLU B 572 6.10 21.72 -0.70
N ARG B 573 4.96 21.89 -1.36
CA ARG B 573 4.72 23.03 -2.22
C ARG B 573 3.99 24.17 -1.51
N THR B 574 4.00 24.18 -0.17
CA THR B 574 3.30 25.23 0.56
C THR B 574 3.71 26.61 0.07
N GLN B 575 5.01 26.87 -0.07
CA GLN B 575 5.44 28.17 -0.57
C GLN B 575 5.02 28.37 -2.02
N GLU B 576 5.10 27.32 -2.84
CA GLU B 576 4.59 27.42 -4.20
C GLU B 576 3.11 27.81 -4.21
N ILE B 577 2.33 27.21 -3.31
CA ILE B 577 0.91 27.55 -3.20
C ILE B 577 0.75 29.03 -2.83
N GLY B 578 1.50 29.48 -1.82
CA GLY B 578 1.45 30.88 -1.43
C GLY B 578 1.81 31.83 -2.55
N VAL B 579 2.88 31.53 -3.28
CA VAL B 579 3.28 32.37 -4.41
C VAL B 579 2.18 32.41 -5.45
N ARG B 580 1.59 31.25 -5.76
CA ARG B 580 0.49 31.22 -6.72
C ARG B 580 -0.68 32.07 -6.27
N MET B 581 -1.05 31.98 -4.98
CA MET B 581 -2.14 32.81 -4.46
C MET B 581 -1.82 34.29 -4.58
N ALA B 582 -0.64 34.71 -4.11
CA ALA B 582 -0.26 36.12 -4.18
C ALA B 582 -0.25 36.60 -5.63
N VAL B 583 0.29 35.77 -6.53
CA VAL B 583 0.34 36.10 -7.95
C VAL B 583 -1.05 36.24 -8.54
N GLY B 584 -2.07 35.64 -7.92
CA GLY B 584 -3.43 35.85 -8.37
C GLY B 584 -4.32 34.63 -8.42
N ALA B 585 -3.84 33.50 -7.91
CA ALA B 585 -4.62 32.27 -7.95
C ALA B 585 -5.81 32.35 -7.00
N ARG B 586 -6.94 31.81 -7.45
CA ARG B 586 -8.10 31.62 -6.60
C ARG B 586 -7.97 30.27 -5.89
N GLN B 587 -8.71 30.12 -4.78
CA GLN B 587 -8.69 28.83 -4.09
C GLN B 587 -9.16 27.71 -5.00
N SER B 588 -10.15 28.01 -5.84
CA SER B 588 -10.56 27.11 -6.90
C SER B 588 -9.38 26.61 -7.71
N ASP B 589 -8.54 27.54 -8.18
CA ASP B 589 -7.44 27.17 -9.07
C ASP B 589 -6.48 26.19 -8.41
N ILE B 590 -6.16 26.42 -7.14
CA ILE B 590 -5.24 25.56 -6.41
C ILE B 590 -5.84 24.17 -6.23
N LEU B 591 -7.09 24.13 -5.75
CA LEU B 591 -7.75 22.84 -5.55
C LEU B 591 -7.81 22.03 -6.84
N GLN B 592 -8.20 22.68 -7.94
CA GLN B 592 -8.21 22.00 -9.23
C GLN B 592 -6.82 21.44 -9.56
N GLN B 593 -5.78 22.25 -9.37
CA GLN B 593 -4.42 21.79 -9.66
C GLN B 593 -4.12 20.47 -8.94
N PHE B 594 -4.29 20.44 -7.61
CA PHE B 594 -3.87 19.26 -6.87
C PHE B 594 -4.81 18.08 -7.11
N LEU B 595 -6.11 18.36 -7.22
CA LEU B 595 -7.09 17.30 -7.47
C LEU B 595 -6.82 16.62 -8.80
N ILE B 596 -6.57 17.42 -9.85
CA ILE B 596 -6.19 16.88 -11.15
C ILE B 596 -4.91 16.06 -11.06
N GLU B 597 -3.94 16.50 -10.24
CA GLU B 597 -2.74 15.67 -10.11
C GLU B 597 -3.09 14.26 -9.61
N ALA B 598 -3.82 14.18 -8.49
CA ALA B 598 -4.17 12.87 -7.95
C ALA B 598 -4.98 12.05 -8.95
N ILE B 599 -5.97 12.68 -9.58
CA ILE B 599 -6.83 11.99 -10.54
C ILE B 599 -5.99 11.41 -11.68
N LEU B 600 -5.10 12.22 -12.25
CA LEU B 600 -4.29 11.75 -13.38
C LEU B 600 -3.40 10.58 -12.99
N VAL B 601 -2.77 10.66 -11.81
CA VAL B 601 -1.91 9.56 -11.39
C VAL B 601 -2.71 8.27 -11.23
N CYS B 602 -3.86 8.36 -10.58
CA CYS B 602 -4.66 7.15 -10.34
C CYS B 602 -5.24 6.60 -11.65
N LEU B 603 -5.68 7.48 -12.54
CA LEU B 603 -6.17 7.05 -13.85
C LEU B 603 -5.12 6.25 -14.60
N ILE B 604 -3.90 6.79 -14.70
CA ILE B 604 -2.87 6.06 -15.45
C ILE B 604 -2.53 4.77 -14.73
N GLY B 605 -2.52 4.78 -13.40
CA GLY B 605 -2.23 3.57 -12.66
C GLY B 605 -3.30 2.50 -12.83
N GLY B 606 -4.54 2.93 -13.06
CA GLY B 606 -5.58 1.98 -13.43
C GLY B 606 -5.40 1.39 -14.81
N VAL B 607 -5.07 2.22 -15.79
CA VAL B 607 -4.81 1.69 -17.14
C VAL B 607 -3.67 0.68 -17.12
N LEU B 608 -2.58 1.03 -16.43
CA LEU B 608 -1.44 0.11 -16.38
C LEU B 608 -1.76 -1.13 -15.54
N GLY B 609 -2.60 -0.98 -14.51
CA GLY B 609 -3.08 -2.15 -13.79
C GLY B 609 -3.89 -3.09 -14.67
N VAL B 610 -4.72 -2.53 -15.55
CA VAL B 610 -5.46 -3.33 -16.52
C VAL B 610 -4.50 -4.08 -17.45
N LEU B 611 -3.53 -3.36 -18.04
CA LEU B 611 -2.62 -4.01 -18.97
C LEU B 611 -1.80 -5.10 -18.28
N LEU B 612 -1.32 -4.81 -17.07
CA LEU B 612 -0.61 -5.83 -16.28
C LEU B 612 -1.51 -7.03 -16.04
N SER B 613 -2.77 -6.78 -15.67
CA SER B 613 -3.70 -7.89 -15.43
C SER B 613 -3.90 -8.73 -16.69
N LEU B 614 -4.03 -8.10 -17.85
CA LEU B 614 -4.20 -8.86 -19.09
C LEU B 614 -2.98 -9.74 -19.36
N GLY B 615 -1.78 -9.16 -19.24
CA GLY B 615 -0.58 -9.95 -19.41
C GLY B 615 -0.49 -11.09 -18.42
N LEU B 616 -0.86 -10.83 -17.17
CA LEU B 616 -0.87 -11.88 -16.15
C LEU B 616 -1.87 -12.98 -16.48
N GLY B 617 -3.01 -12.63 -17.08
CA GLY B 617 -3.95 -13.65 -17.51
C GLY B 617 -3.36 -14.54 -18.59
N GLN B 618 -2.71 -13.93 -19.58
CA GLN B 618 -2.05 -14.73 -20.61
C GLN B 618 -0.93 -15.59 -20.00
N LEU B 619 -0.24 -15.07 -18.97
CA LEU B 619 0.73 -15.88 -18.24
C LEU B 619 0.07 -17.07 -17.56
N ILE B 620 -1.06 -16.84 -16.88
CA ILE B 620 -1.77 -17.91 -16.18
C ILE B 620 -2.19 -19.00 -17.16
N ASN B 621 -2.67 -18.60 -18.34
CA ASN B 621 -3.10 -19.57 -19.33
C ASN B 621 -1.97 -20.51 -19.77
N LYS B 622 -0.72 -20.20 -19.44
CA LYS B 622 0.39 -21.13 -19.62
C LYS B 622 0.53 -22.14 -18.50
N PHE B 623 -0.33 -22.10 -17.47
CA PHE B 623 -0.15 -22.98 -16.33
C PHE B 623 -0.77 -24.35 -16.63
N ALA B 624 -0.31 -25.36 -15.89
CA ALA B 624 -0.72 -26.73 -16.16
C ALA B 624 -2.12 -27.05 -15.66
N GLY B 625 -2.72 -26.19 -14.84
CA GLY B 625 -4.06 -26.43 -14.35
C GLY B 625 -5.08 -26.20 -15.44
N GLY B 626 -5.80 -27.26 -15.83
CA GLY B 626 -6.87 -27.20 -16.81
C GLY B 626 -8.20 -26.82 -16.21
N ASN B 627 -8.23 -26.58 -14.90
CA ASN B 627 -9.39 -26.08 -14.18
C ASN B 627 -9.32 -24.57 -13.96
N PHE B 628 -8.11 -24.02 -13.86
CA PHE B 628 -7.92 -22.58 -13.75
C PHE B 628 -8.00 -21.95 -15.13
N ALA B 629 -8.83 -20.92 -15.26
CA ALA B 629 -8.96 -20.19 -16.51
C ALA B 629 -9.25 -18.74 -16.19
N VAL B 630 -8.82 -17.84 -17.07
CA VAL B 630 -8.91 -16.40 -16.85
C VAL B 630 -9.72 -15.80 -17.99
N ALA B 631 -10.85 -15.17 -17.65
CA ALA B 631 -11.75 -14.55 -18.61
C ALA B 631 -12.02 -13.11 -18.18
N TYR B 632 -11.74 -12.16 -19.08
CA TYR B 632 -11.84 -10.74 -18.78
C TYR B 632 -13.15 -10.16 -19.33
N SER B 633 -14.07 -9.83 -18.43
CA SER B 633 -15.22 -9.03 -18.80
C SER B 633 -14.81 -7.60 -19.10
N THR B 634 -15.37 -7.02 -20.16
CA THR B 634 -15.05 -5.64 -20.48
C THR B 634 -15.59 -4.67 -19.44
N THR B 635 -16.60 -5.09 -18.67
CA THR B 635 -17.13 -4.25 -17.61
C THR B 635 -16.28 -4.28 -16.35
N SER B 636 -15.38 -5.26 -16.23
CA SER B 636 -14.39 -5.22 -15.15
C SER B 636 -13.22 -4.33 -15.54
N ILE B 637 -12.93 -4.24 -16.84
CA ILE B 637 -11.95 -3.28 -17.32
C ILE B 637 -12.46 -1.85 -17.12
N VAL B 638 -13.69 -1.59 -17.58
CA VAL B 638 -14.31 -0.29 -17.35
C VAL B 638 -14.44 -0.01 -15.86
N ALA B 639 -14.88 -1.01 -15.09
CA ALA B 639 -14.96 -0.85 -13.64
C ALA B 639 -13.60 -0.49 -13.05
N ALA B 640 -12.52 -1.05 -13.60
CA ALA B 640 -11.17 -0.70 -13.14
C ALA B 640 -10.87 0.76 -13.43
N PHE B 641 -11.20 1.22 -14.65
CA PHE B 641 -10.94 2.62 -15.00
C PHE B 641 -11.70 3.56 -14.07
N VAL B 642 -12.98 3.27 -13.84
CA VAL B 642 -13.82 4.16 -13.03
C VAL B 642 -13.38 4.14 -11.57
N CYS B 643 -13.15 2.96 -11.00
CA CYS B 643 -12.75 2.90 -9.59
C CYS B 643 -11.37 3.48 -9.36
N SER B 644 -10.46 3.38 -10.34
CA SER B 644 -9.17 4.06 -10.20
C SER B 644 -9.34 5.56 -10.20
N THR B 645 -10.13 6.09 -11.15
CA THR B 645 -10.39 7.52 -11.15
C THR B 645 -11.08 7.97 -9.87
N LEU B 646 -12.00 7.16 -9.34
CA LEU B 646 -12.67 7.52 -8.09
C LEU B 646 -11.69 7.51 -6.91
N ILE B 647 -10.71 6.62 -6.92
CA ILE B 647 -9.65 6.70 -5.91
C ILE B 647 -8.90 8.03 -6.06
N GLY B 648 -8.65 8.43 -7.31
CA GLY B 648 -8.03 9.73 -7.55
C GLY B 648 -8.82 10.88 -6.98
N VAL B 649 -10.14 10.89 -7.23
CA VAL B 649 -10.99 11.98 -6.76
C VAL B 649 -11.12 11.99 -5.23
N VAL B 650 -11.26 10.80 -4.62
CA VAL B 650 -11.61 10.73 -3.21
C VAL B 650 -10.41 11.04 -2.30
N PHE B 651 -9.29 10.35 -2.50
CA PHE B 651 -8.29 10.27 -1.43
C PHE B 651 -7.51 11.55 -1.15
N GLY B 652 -7.15 12.38 -2.15
CA GLY B 652 -7.60 12.46 -3.51
C GLY B 652 -8.28 13.82 -3.58
N PHE B 653 -8.99 14.16 -2.50
CA PHE B 653 -9.72 15.41 -2.35
C PHE B 653 -9.24 16.21 -1.15
N LEU B 654 -9.23 15.60 0.03
CA LEU B 654 -8.78 16.25 1.26
C LEU B 654 -7.47 17.03 1.10
N PRO B 655 -6.39 16.47 0.53
CA PRO B 655 -5.21 17.29 0.30
C PRO B 655 -5.47 18.51 -0.56
N ALA B 656 -6.22 18.37 -1.66
CA ALA B 656 -6.45 19.50 -2.57
C ALA B 656 -7.20 20.63 -1.87
N LYS B 657 -8.16 20.28 -1.02
CA LYS B 657 -8.85 21.29 -0.23
C LYS B 657 -7.90 21.92 0.79
N ASN B 658 -7.04 21.11 1.42
CA ASN B 658 -6.05 21.66 2.36
C ASN B 658 -5.12 22.65 1.67
N ALA B 659 -4.73 22.37 0.42
CA ALA B 659 -3.93 23.32 -0.34
C ALA B 659 -4.73 24.59 -0.63
N ALA B 660 -5.98 24.44 -1.09
CA ALA B 660 -6.76 25.62 -1.43
C ALA B 660 -7.03 26.52 -0.23
N LYS B 661 -7.10 25.94 0.98
CA LYS B 661 -7.43 26.70 2.18
C LYS B 661 -6.21 27.24 2.94
N LEU B 662 -5.02 27.23 2.33
CA LEU B 662 -3.86 27.77 3.01
C LEU B 662 -3.91 29.29 3.08
N ASP B 663 -3.37 29.82 4.19
CA ASP B 663 -3.19 31.25 4.40
C ASP B 663 -1.99 31.70 3.58
N PRO B 664 -2.20 32.47 2.50
CA PRO B 664 -1.06 32.82 1.62
C PRO B 664 0.07 33.51 2.34
N VAL B 665 -0.20 34.20 3.46
CA VAL B 665 0.87 34.82 4.23
C VAL B 665 1.71 33.75 4.91
N ALA B 666 1.06 32.87 5.68
CA ALA B 666 1.78 31.79 6.34
C ALA B 666 2.40 30.83 5.33
N ALA B 667 1.74 30.65 4.18
CA ALA B 667 2.31 29.81 3.14
C ALA B 667 3.59 30.43 2.58
N LEU B 668 3.56 31.72 2.28
CA LEU B 668 4.74 32.40 1.75
C LEU B 668 5.88 32.40 2.77
N SER B 669 5.55 32.57 4.06
CA SER B 669 6.54 32.56 5.13
C SER B 669 6.59 31.21 5.84
N ARG B 670 6.69 30.12 5.10
CA ARG B 670 6.73 28.76 5.65
C ARG B 670 8.14 28.20 5.56
N GLU B 671 8.90 28.31 6.66
CA GLU B 671 10.22 27.70 6.73
C GLU B 671 10.76 27.73 8.16
#